data_7KEW
#
_entry.id   7KEW
#
loop_
_entity.id
_entity.type
_entity.pdbx_description
1 polymer 'Spike glycoprotein 1'
2 polymer 'BDBV-43 Fab heavy chain'
3 polymer 'BDBV-43 Fab light chain'
4 polymer 'Envelope glycoprotein 2'
5 branched 2-acetamido-2-deoxy-beta-D-glucopyranose-(1-4)-2-acetamido-2-deoxy-beta-D-glucopyranose
6 branched alpha-D-mannopyranose-(1-3)-[alpha-D-mannopyranose-(1-6)]beta-D-mannopyranose-(1-4)-2-acetamido-2-deoxy-beta-D-glucopyranose-(1-4)-2-acetamido-2-deoxy-beta-D-glucopyranose
7 non-polymer 2-acetamido-2-deoxy-beta-D-glucopyranose
#
loop_
_entity_poly.entity_id
_entity_poly.type
_entity_poly.pdbx_seq_one_letter_code
_entity_poly.pdbx_strand_id
1 'polypeptide(L)'
;MVTSGILQLPRERFRKTSFFVWVIILFHKVFPIPLGVVHNNTLQVSDIDKLVCRDKLSSTSQLKSVGLNLEGNGVATDVP
TATKRWGFRAGVPPKVVNYEAGEWAENCYNLDIKKADGSECLPEAPEGVRGFPRCRYVHKVSGTGPCPEGYAFHKEGAFF
LYDRLASTIIYRSTTFSEGVVAFLILPETKKDFFQSPPLHEPANMTTDPSSYYHTVTLNYVADNFGTNMTNFLFQVDHLT
YVQLEPRFTPQFLVQLNETIYTNGRRSNTTGTLIWKVNPTVDTGVGEWAFWENKKNFTKTLSSEELSVIFVPIDISESTE
PGPLTNTTRGAANLLTGSRRTRR
;
A,B,C
2 'polypeptide(L)'
;MELGLRWVFLVAILEGVQCQVQLVQSGAEVKKPGSSVKVSCRASGDSFSRKYGISWVRQAPGQGFEWMGTIMPIVGLTTS
AQKFQGRVTITADKSTSTAHMELNSLTSEDTAIYYCARDEIIGARPHWFDSWGQGTLVTVSSASTKGPSVFPLAPSSKST
SGGTAALGCLVKDYFPEPVTVSWNSGALTSGVHTFPAVLQSSGLYSLSSVVTVPSSSLGTQTYICNVNHKPSNTKVDKRV
EPKSCD
;
G,H,I
3 'polypeptide(L)'
;MGWSCIILFLVATATGVHEIVMTQSPAIMSVSPGKRATLSCRASQSVSSNLAWYQRKPGQAPRLLIYGSSTRATGIPARF
SGSGSGTEFTLTISSLQSEDFAVYYCLQYYNWPRTFGQGTKVEIKRTVAAPSVFIFPPSDEQLKSGTASVVCLLNNFYPR
EAKVQWKVDNALQSGNSQESVTEQDSKDSTYSLSSTLTLSKADYEKHKVYACEVTHQGLSSPVTKSFNRGEC
;
J,K,L
4 'polypeptide(L)'
;EITLRTQAKCNPNLHYWTTQDEGAAIGLAWIPYFGPAAEGIYTEGIMHNQNGLICGLRQLANETTQALQLFLRATTELRT
FSILNRKAIDFLLQRWGGTCHILGPDCCIEPHDWTKNITDKIDQIIHDFIDKPLPDQTDVEVDDDDKAGWSHPQFEKGGG
SGGGSGGGSWSHPQFEK
;
D,E,F
#
loop_
_chem_comp.id
_chem_comp.type
_chem_comp.name
_chem_comp.formula
BMA D-saccharide, beta linking beta-D-mannopyranose 'C6 H12 O6'
MAN D-saccharide, alpha linking alpha-D-mannopyranose 'C6 H12 O6'
NAG D-saccharide, beta linking 2-acetamido-2-deoxy-beta-D-glucopyranose 'C8 H15 N O6'
#
# COMPACT_ATOMS: atom_id res chain seq x y z
N ILE A 33 19.27 -23.33 19.59
CA ILE A 33 18.46 -24.22 18.78
C ILE A 33 19.28 -25.53 18.58
N PRO A 34 19.06 -26.63 19.40
CA PRO A 34 19.74 -27.92 19.32
C PRO A 34 19.24 -28.69 18.14
N LEU A 35 20.05 -29.59 17.63
CA LEU A 35 19.56 -30.43 16.55
C LEU A 35 19.45 -31.85 17.02
N GLY A 36 18.25 -32.38 16.90
CA GLY A 36 18.04 -33.74 17.29
C GLY A 36 18.50 -34.56 16.14
N VAL A 37 18.91 -35.77 16.40
CA VAL A 37 19.32 -36.65 15.35
C VAL A 37 18.60 -37.97 15.51
N VAL A 38 18.13 -38.53 14.43
CA VAL A 38 17.50 -39.81 14.59
C VAL A 38 18.47 -40.87 14.15
N HIS A 39 18.80 -41.76 15.07
CA HIS A 39 19.78 -42.80 14.82
C HIS A 39 19.19 -44.14 15.19
N ASN A 40 19.11 -45.07 14.25
CA ASN A 40 18.51 -46.38 14.54
C ASN A 40 17.11 -46.21 15.14
N ASN A 41 16.34 -45.31 14.52
CA ASN A 41 14.97 -45.00 14.90
C ASN A 41 14.86 -44.57 16.34
N THR A 42 15.89 -43.97 16.86
CA THR A 42 15.92 -43.51 18.22
C THR A 42 16.26 -42.03 18.24
N LEU A 43 15.53 -41.23 18.99
CA LEU A 43 15.86 -39.82 18.98
C LEU A 43 16.82 -39.50 20.08
N GLN A 44 17.96 -38.96 19.67
CA GLN A 44 19.03 -38.57 20.54
C GLN A 44 19.28 -37.11 20.24
N VAL A 45 19.80 -36.36 21.19
CA VAL A 45 20.04 -34.97 20.85
C VAL A 45 21.51 -34.66 20.96
N SER A 46 22.06 -34.07 19.90
CA SER A 46 23.48 -33.77 19.87
C SER A 46 23.77 -32.37 20.39
N ASP A 47 24.89 -32.23 21.10
CA ASP A 47 25.34 -30.92 21.52
C ASP A 47 25.69 -30.12 20.29
N ILE A 48 25.33 -28.85 20.29
CA ILE A 48 25.52 -27.97 19.14
C ILE A 48 26.98 -27.79 18.76
N ASP A 49 27.83 -27.62 19.75
CA ASP A 49 29.24 -27.39 19.57
C ASP A 49 30.12 -28.63 19.79
N LYS A 50 29.54 -29.82 19.77
CA LYS A 50 30.33 -31.00 19.97
C LYS A 50 30.80 -31.59 18.66
N LEU A 51 31.95 -32.22 18.69
CA LEU A 51 32.48 -32.89 17.52
C LEU A 51 31.85 -34.27 17.43
N VAL A 52 30.62 -34.27 17.02
CA VAL A 52 29.90 -35.52 16.99
C VAL A 52 30.18 -36.25 15.69
N CYS A 53 31.24 -37.10 15.69
CA CYS A 53 31.78 -37.79 14.50
C CYS A 53 30.86 -38.93 14.06
N ARG A 54 29.84 -39.23 14.86
CA ARG A 54 28.86 -40.26 14.49
C ARG A 54 27.84 -39.65 13.51
N ASP A 55 27.77 -38.31 13.45
CA ASP A 55 26.79 -37.63 12.62
C ASP A 55 27.37 -37.31 11.26
N LYS A 56 26.75 -37.90 10.24
CA LYS A 56 27.20 -37.71 8.87
C LYS A 56 26.13 -37.01 8.08
N LEU A 57 26.51 -35.87 7.57
CA LEU A 57 25.65 -34.97 6.83
C LEU A 57 26.15 -34.74 5.42
N SER A 58 25.67 -35.50 4.46
CA SER A 58 26.17 -35.36 3.10
C SER A 58 25.37 -34.33 2.32
N SER A 59 24.16 -34.04 2.78
CA SER A 59 23.33 -33.08 2.07
C SER A 59 22.44 -32.27 2.96
N THR A 60 22.18 -31.04 2.55
CA THR A 60 21.31 -30.12 3.26
C THR A 60 19.89 -30.67 3.32
N SER A 61 19.56 -31.60 2.44
CA SER A 61 18.25 -32.24 2.40
C SER A 61 18.00 -33.09 3.65
N GLN A 62 19.03 -33.38 4.43
CA GLN A 62 18.91 -34.16 5.65
C GLN A 62 18.52 -33.27 6.81
N LEU A 63 18.49 -31.96 6.60
CA LEU A 63 18.16 -31.06 7.67
C LEU A 63 16.74 -30.56 7.50
N LYS A 64 15.90 -30.84 8.49
CA LYS A 64 14.49 -30.46 8.39
C LYS A 64 13.97 -29.79 9.64
N SER A 65 13.04 -28.88 9.44
CA SER A 65 12.34 -28.25 10.53
C SER A 65 10.89 -28.67 10.51
N VAL A 66 10.40 -29.08 11.68
CA VAL A 66 9.06 -29.59 11.77
C VAL A 66 8.16 -28.84 12.73
N GLY A 67 6.98 -28.48 12.24
CA GLY A 67 5.98 -27.78 13.05
C GLY A 67 5.06 -28.82 13.71
N LEU A 68 4.97 -28.78 15.02
CA LEU A 68 4.17 -29.75 15.75
C LEU A 68 3.01 -29.04 16.40
N ASN A 69 1.87 -29.72 16.51
CA ASN A 69 0.67 -29.12 17.07
C ASN A 69 0.52 -29.29 18.57
N LEU A 70 -0.08 -28.29 19.19
CA LEU A 70 -0.35 -28.37 20.60
C LEU A 70 -1.65 -29.09 20.81
N GLU A 71 -1.61 -30.37 20.53
CA GLU A 71 -2.69 -31.31 20.67
C GLU A 71 -2.05 -32.53 21.24
N GLY A 72 -0.77 -32.67 20.93
CA GLY A 72 -0.03 -33.87 21.28
C GLY A 72 0.00 -34.12 22.78
N ASN A 73 -0.01 -33.05 23.56
CA ASN A 73 0.04 -33.13 25.00
C ASN A 73 -1.32 -33.17 25.68
N GLY A 74 -2.39 -33.25 24.92
CA GLY A 74 -3.72 -33.31 25.52
C GLY A 74 -4.33 -31.97 25.90
N VAL A 75 -3.69 -30.87 25.53
CA VAL A 75 -4.23 -29.56 25.88
C VAL A 75 -5.58 -29.35 25.23
N ALA A 76 -6.50 -28.76 25.98
CA ALA A 76 -7.82 -28.49 25.46
C ALA A 76 -7.72 -27.55 24.28
N THR A 77 -8.60 -27.78 23.31
CA THR A 77 -8.63 -27.01 22.08
C THR A 77 -9.90 -26.20 21.87
N ASP A 78 -10.70 -25.97 22.89
CA ASP A 78 -11.93 -25.27 22.62
C ASP A 78 -11.72 -23.76 22.50
N VAL A 79 -12.81 -23.06 22.22
CA VAL A 79 -12.67 -21.64 21.96
C VAL A 79 -12.27 -20.79 23.16
N PRO A 80 -12.96 -20.84 24.31
CA PRO A 80 -12.56 -20.12 25.49
C PRO A 80 -11.12 -20.42 25.88
N THR A 81 -10.67 -21.67 25.70
CA THR A 81 -9.31 -22.03 26.05
C THR A 81 -8.33 -21.32 25.15
N ALA A 82 -8.62 -21.29 23.86
CA ALA A 82 -7.74 -20.61 22.96
C ALA A 82 -7.67 -19.11 23.27
N THR A 83 -8.81 -18.52 23.60
CA THR A 83 -8.84 -17.09 23.85
C THR A 83 -7.98 -16.73 25.04
N LYS A 84 -8.05 -17.56 26.06
CA LYS A 84 -7.32 -17.37 27.30
C LYS A 84 -5.81 -17.52 27.20
N ARG A 85 -5.32 -18.03 26.08
CA ARG A 85 -3.90 -18.22 25.91
C ARG A 85 -3.28 -17.20 24.97
N TRP A 86 -4.07 -16.20 24.60
CA TRP A 86 -3.64 -15.14 23.70
C TRP A 86 -3.64 -13.79 24.41
N GLY A 87 -2.81 -12.86 23.95
CA GLY A 87 -2.88 -11.52 24.53
C GLY A 87 -2.13 -10.50 23.72
N PHE A 88 -2.03 -9.28 24.22
CA PHE A 88 -1.42 -8.25 23.42
C PHE A 88 -0.32 -7.42 24.02
N ARG A 89 0.57 -7.02 23.14
CA ARG A 89 1.59 -6.02 23.47
C ARG A 89 2.03 -5.22 22.29
N ALA A 90 2.12 -3.92 22.49
CA ALA A 90 2.62 -2.99 21.50
C ALA A 90 4.08 -2.71 21.77
N GLY A 91 4.84 -2.34 20.74
CA GLY A 91 6.24 -1.99 20.95
C GLY A 91 7.16 -3.18 20.72
N VAL A 92 6.58 -4.27 20.25
CA VAL A 92 7.31 -5.48 19.97
C VAL A 92 6.99 -5.86 18.53
N PRO A 93 7.96 -6.00 17.64
CA PRO A 93 7.73 -6.36 16.27
C PRO A 93 7.37 -7.82 16.20
N PRO A 94 6.63 -8.26 15.19
CA PRO A 94 6.37 -9.63 14.89
C PRO A 94 7.58 -10.26 14.25
N LYS A 95 7.68 -11.58 14.35
CA LYS A 95 8.72 -12.35 13.68
C LYS A 95 8.13 -13.55 12.94
N VAL A 96 8.74 -13.91 11.80
CA VAL A 96 8.31 -15.06 11.01
C VAL A 96 9.43 -16.07 10.74
N VAL A 97 9.10 -17.35 10.79
CA VAL A 97 10.03 -18.44 10.48
C VAL A 97 9.41 -19.41 9.48
N ASN A 98 10.25 -20.16 8.76
CA ASN A 98 9.75 -21.18 7.82
C ASN A 98 9.84 -22.62 8.32
N TYR A 99 9.01 -23.51 7.76
CA TYR A 99 9.17 -24.93 8.13
C TYR A 99 8.88 -25.88 6.95
N GLU A 100 9.36 -27.12 7.06
CA GLU A 100 9.28 -28.09 5.98
C GLU A 100 8.10 -29.04 6.03
N ALA A 101 7.79 -29.48 7.23
CA ALA A 101 6.77 -30.50 7.47
C ALA A 101 6.12 -30.24 8.78
N GLY A 102 4.98 -30.87 9.01
CA GLY A 102 4.33 -30.71 10.28
C GLY A 102 3.27 -31.74 10.56
N GLU A 103 2.67 -31.61 11.72
CA GLU A 103 1.62 -32.51 12.16
C GLU A 103 0.27 -32.10 11.62
N TRP A 104 -0.60 -33.08 11.40
CA TRP A 104 -1.98 -32.85 11.02
C TRP A 104 -2.71 -32.28 12.20
N ALA A 105 -3.59 -31.30 12.01
CA ALA A 105 -4.33 -30.77 13.15
C ALA A 105 -5.76 -31.25 13.19
N GLU A 106 -6.20 -31.68 14.36
CA GLU A 106 -7.60 -31.97 14.50
C GLU A 106 -8.33 -30.64 14.55
N ASN A 107 -7.73 -29.67 15.25
CA ASN A 107 -8.32 -28.36 15.45
C ASN A 107 -7.40 -27.20 15.04
N CYS A 108 -8.01 -26.15 14.49
CA CYS A 108 -7.37 -24.90 14.09
C CYS A 108 -8.35 -23.76 14.24
N TYR A 109 -7.87 -22.55 14.12
CA TYR A 109 -8.68 -21.39 14.34
C TYR A 109 -8.54 -20.41 13.21
N ASN A 110 -9.57 -19.61 13.01
CA ASN A 110 -9.48 -18.54 12.04
C ASN A 110 -10.14 -17.33 12.68
N LEU A 111 -9.33 -16.38 13.13
CA LEU A 111 -9.89 -15.27 13.87
C LEU A 111 -9.99 -13.99 13.04
N ASP A 112 -11.16 -13.38 13.08
CA ASP A 112 -11.43 -12.11 12.42
C ASP A 112 -12.39 -11.34 13.29
N ILE A 113 -11.87 -10.83 14.37
CA ILE A 113 -12.69 -10.16 15.35
C ILE A 113 -12.45 -8.69 15.26
N LYS A 114 -13.54 -7.94 15.34
CA LYS A 114 -13.43 -6.52 15.26
C LYS A 114 -13.38 -5.92 16.63
N LYS A 115 -12.82 -4.76 16.67
CA LYS A 115 -12.71 -3.99 17.86
C LYS A 115 -14.06 -3.37 18.08
N ALA A 116 -14.34 -3.05 19.32
CA ALA A 116 -15.58 -2.41 19.68
C ALA A 116 -15.81 -1.12 18.89
N ASP A 117 -14.74 -0.40 18.51
CA ASP A 117 -14.90 0.85 17.77
C ASP A 117 -15.02 0.67 16.25
N GLY A 118 -15.05 -0.57 15.78
CA GLY A 118 -15.19 -0.90 14.36
C GLY A 118 -13.89 -1.21 13.63
N SER A 119 -12.74 -0.91 14.21
CA SER A 119 -11.47 -1.20 13.55
C SER A 119 -11.10 -2.66 13.76
N GLU A 120 -10.18 -3.20 12.99
CA GLU A 120 -9.77 -4.58 13.17
C GLU A 120 -8.86 -4.77 14.40
N CYS A 121 -9.00 -5.92 15.14
CA CYS A 121 -8.13 -6.25 16.27
C CYS A 121 -6.82 -6.88 15.79
N LEU A 122 -6.77 -7.27 14.52
CA LEU A 122 -5.66 -7.99 13.97
C LEU A 122 -5.15 -7.36 12.67
N PRO A 123 -3.85 -7.46 12.37
CA PRO A 123 -3.19 -7.02 11.13
C PRO A 123 -3.46 -7.91 9.92
N GLU A 124 -3.28 -7.35 8.74
CA GLU A 124 -3.37 -8.10 7.50
C GLU A 124 -2.24 -9.09 7.37
N ALA A 125 -2.52 -10.27 6.83
CA ALA A 125 -1.45 -11.19 6.58
C ALA A 125 -0.59 -10.60 5.46
N PRO A 126 0.73 -10.73 5.51
CA PRO A 126 1.69 -10.38 4.49
C PRO A 126 1.50 -11.21 3.24
N GLU A 127 1.91 -10.68 2.12
CA GLU A 127 1.83 -11.44 0.89
C GLU A 127 2.66 -12.70 1.02
N GLY A 128 2.11 -13.80 0.53
CA GLY A 128 2.78 -15.09 0.57
C GLY A 128 2.35 -15.89 1.78
N VAL A 129 1.58 -15.27 2.69
CA VAL A 129 1.12 -15.95 3.88
C VAL A 129 -0.29 -16.46 3.68
N ARG A 130 -0.45 -17.75 3.91
CA ARG A 130 -1.70 -18.43 3.76
C ARG A 130 -1.94 -19.25 5.00
N GLY A 131 -3.19 -19.54 5.31
CA GLY A 131 -3.48 -20.28 6.51
C GLY A 131 -3.13 -21.74 6.44
N PHE A 132 -3.17 -22.37 7.59
CA PHE A 132 -2.81 -23.74 7.77
C PHE A 132 -3.76 -24.65 6.97
N PRO A 133 -3.26 -25.42 5.98
CA PRO A 133 -3.98 -26.26 5.02
C PRO A 133 -4.32 -27.69 5.40
N ARG A 134 -4.03 -28.12 6.60
CA ARG A 134 -4.15 -29.52 6.98
C ARG A 134 -4.88 -29.73 8.33
N CYS A 135 -6.19 -29.38 8.37
CA CYS A 135 -7.01 -29.30 9.59
C CYS A 135 -8.43 -29.86 9.39
N ARG A 136 -8.86 -30.69 10.34
CA ARG A 136 -10.22 -31.22 10.24
C ARG A 136 -11.34 -30.25 10.70
N TYR A 137 -11.17 -29.59 11.85
CA TYR A 137 -12.16 -28.67 12.37
C TYR A 137 -11.61 -27.28 12.59
N VAL A 138 -12.21 -26.29 11.95
CA VAL A 138 -11.72 -24.96 12.17
C VAL A 138 -12.75 -24.18 12.93
N HIS A 139 -12.28 -23.48 13.94
CA HIS A 139 -13.12 -22.67 14.74
C HIS A 139 -12.92 -21.27 14.25
N LYS A 140 -13.89 -20.80 13.52
CA LYS A 140 -13.86 -19.49 12.91
C LYS A 140 -14.54 -18.55 13.87
N VAL A 141 -13.82 -17.54 14.30
CA VAL A 141 -14.34 -16.68 15.32
C VAL A 141 -14.37 -15.23 14.91
N SER A 142 -15.51 -14.61 15.13
CA SER A 142 -15.68 -13.20 14.86
C SER A 142 -16.38 -12.57 16.03
N GLY A 143 -17.18 -11.54 15.80
CA GLY A 143 -17.83 -10.81 16.87
C GLY A 143 -16.98 -9.61 17.26
N THR A 144 -17.22 -9.05 18.44
CA THR A 144 -16.50 -7.84 18.84
C THR A 144 -16.06 -7.76 20.29
N GLY A 145 -15.08 -6.90 20.54
CA GLY A 145 -14.67 -6.56 21.90
C GLY A 145 -13.67 -5.41 21.98
N PRO A 146 -13.36 -4.90 23.18
CA PRO A 146 -12.47 -3.80 23.47
C PRO A 146 -11.01 -4.20 23.41
N CYS A 147 -10.54 -4.56 22.21
CA CYS A 147 -9.18 -5.02 21.93
C CYS A 147 -8.17 -3.87 22.17
N PRO A 148 -7.07 -4.13 22.89
CA PRO A 148 -5.99 -3.21 23.19
C PRO A 148 -5.15 -3.04 21.97
N GLU A 149 -4.26 -2.07 22.01
CA GLU A 149 -3.31 -1.90 20.92
C GLU A 149 -2.17 -2.88 21.06
N GLY A 150 -1.53 -3.21 19.95
CA GLY A 150 -0.40 -4.11 19.98
C GLY A 150 -0.72 -5.34 19.18
N TYR A 151 0.15 -6.31 19.22
CA TYR A 151 -0.09 -7.49 18.42
C TYR A 151 -0.58 -8.62 19.25
N ALA A 152 -1.36 -9.48 18.61
CA ALA A 152 -1.93 -10.65 19.25
C ALA A 152 -0.92 -11.76 19.36
N PHE A 153 -0.15 -11.70 20.43
CA PHE A 153 0.94 -12.62 20.68
C PHE A 153 0.49 -13.82 21.51
N HIS A 154 1.14 -14.97 21.32
CA HIS A 154 0.81 -16.14 22.14
C HIS A 154 1.36 -15.99 23.56
N LYS A 155 0.56 -16.37 24.56
CA LYS A 155 0.94 -16.24 25.97
C LYS A 155 2.16 -17.01 26.40
N GLU A 156 2.39 -18.19 25.86
CA GLU A 156 3.54 -18.99 26.27
C GLU A 156 4.65 -18.85 25.27
N GLY A 157 4.45 -17.97 24.30
CA GLY A 157 5.40 -17.78 23.25
C GLY A 157 5.33 -18.85 22.19
N ALA A 158 4.20 -19.58 22.08
CA ALA A 158 4.13 -20.61 21.07
C ALA A 158 3.93 -19.92 19.74
N PHE A 159 4.25 -20.59 18.65
CA PHE A 159 4.09 -20.01 17.34
C PHE A 159 2.77 -20.36 16.73
N PHE A 160 2.26 -19.47 15.92
CA PHE A 160 1.05 -19.77 15.18
C PHE A 160 1.52 -20.42 13.89
N LEU A 161 0.99 -21.59 13.58
CA LEU A 161 1.40 -22.33 12.40
C LEU A 161 0.46 -22.04 11.26
N TYR A 162 1.08 -21.61 10.17
CA TYR A 162 0.48 -21.23 8.91
C TYR A 162 1.03 -22.14 7.80
N ASP A 163 0.69 -21.87 6.55
CA ASP A 163 1.09 -22.76 5.46
C ASP A 163 2.58 -22.75 5.16
N ARG A 164 3.26 -23.72 5.77
CA ARG A 164 4.72 -23.93 5.71
C ARG A 164 5.49 -22.78 6.35
N LEU A 165 4.85 -22.10 7.28
CA LEU A 165 5.54 -21.03 7.97
C LEU A 165 4.87 -20.82 9.30
N ALA A 166 5.52 -20.07 10.15
CA ALA A 166 4.94 -19.81 11.43
C ALA A 166 5.32 -18.44 11.90
N SER A 167 4.53 -17.89 12.79
CA SER A 167 4.87 -16.56 13.26
C SER A 167 4.44 -16.32 14.68
N THR A 168 4.90 -15.23 15.22
CA THR A 168 4.60 -14.92 16.59
C THR A 168 3.24 -14.27 16.80
N ILE A 169 2.55 -13.87 15.71
CA ILE A 169 1.26 -13.22 15.87
C ILE A 169 0.14 -13.84 15.04
N ILE A 170 -1.07 -13.51 15.45
CA ILE A 170 -2.28 -13.89 14.73
C ILE A 170 -2.62 -12.87 13.64
N TYR A 171 -2.88 -13.35 12.42
CA TYR A 171 -3.30 -12.45 11.33
C TYR A 171 -4.79 -12.56 11.05
N ARG A 172 -5.39 -11.44 10.68
CA ARG A 172 -6.83 -11.46 10.44
C ARG A 172 -7.22 -12.40 9.33
N SER A 173 -8.26 -13.16 9.61
CA SER A 173 -8.91 -14.09 8.70
C SER A 173 -8.03 -15.19 8.17
N THR A 174 -6.92 -15.46 8.84
CA THR A 174 -6.04 -16.50 8.38
C THR A 174 -6.13 -17.70 9.30
N THR A 175 -6.30 -18.88 8.73
CA THR A 175 -6.37 -20.11 9.51
C THR A 175 -5.03 -20.47 10.10
N PHE A 176 -4.99 -20.86 11.37
CA PHE A 176 -3.75 -21.27 12.00
C PHE A 176 -3.96 -22.26 13.11
N SER A 177 -2.90 -22.95 13.46
CA SER A 177 -2.96 -23.84 14.61
C SER A 177 -1.86 -23.38 15.55
N GLU A 178 -1.85 -23.85 16.79
CA GLU A 178 -0.75 -23.42 17.64
C GLU A 178 0.31 -24.51 17.66
N GLY A 179 1.59 -24.13 17.78
CA GLY A 179 2.63 -25.13 17.82
C GLY A 179 4.06 -24.67 18.13
N VAL A 180 4.93 -25.65 18.00
CA VAL A 180 6.34 -25.56 18.29
C VAL A 180 7.18 -26.11 17.16
N VAL A 181 8.45 -25.73 17.09
CA VAL A 181 9.28 -26.25 16.01
C VAL A 181 10.53 -26.98 16.46
N ALA A 182 10.68 -28.20 15.97
CA ALA A 182 11.88 -28.99 16.27
C ALA A 182 12.76 -29.04 15.06
N PHE A 183 14.04 -29.15 15.30
CA PHE A 183 14.99 -29.26 14.22
C PHE A 183 15.70 -30.60 14.29
N LEU A 184 15.64 -31.35 13.17
CA LEU A 184 16.23 -32.67 13.05
C LEU A 184 17.23 -32.88 11.93
N ILE A 185 18.17 -33.77 12.22
CA ILE A 185 19.13 -34.28 11.27
C ILE A 185 18.72 -35.71 10.97
N LEU A 186 18.41 -35.99 9.74
CA LEU A 186 17.99 -37.32 9.43
C LEU A 186 19.14 -38.05 8.75
N PRO A 187 19.24 -39.36 8.91
CA PRO A 187 20.15 -40.25 8.21
C PRO A 187 19.50 -40.37 6.88
N GLU A 188 20.15 -40.96 5.88
CA GLU A 188 19.36 -41.15 4.70
C GLU A 188 18.32 -42.21 4.99
N THR A 189 17.07 -41.82 4.88
CA THR A 189 15.94 -42.68 5.17
C THR A 189 14.70 -42.12 4.52
N LYS A 190 13.76 -42.97 4.19
CA LYS A 190 12.51 -42.48 3.63
C LYS A 190 11.42 -42.38 4.69
N LYS A 191 11.36 -41.26 5.40
CA LYS A 191 10.35 -41.12 6.45
C LYS A 191 9.30 -40.08 6.14
N ASP A 192 9.72 -38.99 5.51
CA ASP A 192 8.89 -37.85 5.10
C ASP A 192 8.22 -36.99 6.19
N PHE A 193 8.51 -37.21 7.48
CA PHE A 193 8.04 -36.46 8.68
C PHE A 193 6.94 -35.41 8.45
N THR A 215 -13.80 -31.46 5.53
CA THR A 215 -13.48 -30.72 6.75
C THR A 215 -14.68 -29.77 7.01
N VAL A 216 -14.80 -29.25 8.27
CA VAL A 216 -15.93 -28.37 8.66
C VAL A 216 -15.53 -27.08 9.34
N THR A 217 -16.46 -26.12 9.31
CA THR A 217 -16.28 -24.86 10.01
C THR A 217 -17.33 -24.64 11.06
N LEU A 218 -16.85 -24.36 12.24
CA LEU A 218 -17.64 -24.04 13.39
C LEU A 218 -17.56 -22.55 13.58
N ASN A 219 -18.69 -21.87 13.48
CA ASN A 219 -18.73 -20.43 13.56
C ASN A 219 -19.11 -19.93 14.94
N TYR A 220 -18.28 -19.06 15.50
CA TYR A 220 -18.52 -18.53 16.82
C TYR A 220 -18.53 -17.01 16.82
N VAL A 221 -19.32 -16.45 17.70
CA VAL A 221 -19.37 -15.00 17.84
C VAL A 221 -18.92 -14.57 19.21
N ALA A 222 -17.88 -13.76 19.26
CA ALA A 222 -17.30 -13.24 20.48
C ALA A 222 -18.06 -12.03 20.98
N ASP A 223 -18.00 -11.85 22.28
CA ASP A 223 -18.60 -10.73 22.95
C ASP A 223 -17.76 -10.28 24.15
N ASN A 224 -17.11 -9.13 23.99
CA ASN A 224 -16.18 -8.47 24.93
C ASN A 224 -14.80 -9.12 25.01
N PHE A 225 -14.58 -10.03 24.09
CA PHE A 225 -13.32 -10.70 23.81
C PHE A 225 -12.22 -10.58 24.87
N GLY A 226 -12.30 -11.37 25.93
CA GLY A 226 -11.24 -11.44 26.94
C GLY A 226 -11.44 -10.59 28.20
N THR A 227 -12.43 -9.72 28.22
CA THR A 227 -12.62 -8.92 29.43
C THR A 227 -13.35 -9.76 30.48
N ASN A 228 -12.55 -10.51 31.27
CA ASN A 228 -12.93 -11.51 32.29
C ASN A 228 -13.43 -12.78 31.60
N MET A 229 -14.48 -12.65 30.76
CA MET A 229 -15.09 -13.72 29.98
C MET A 229 -15.54 -13.19 28.65
N THR A 230 -15.68 -14.08 27.71
CA THR A 230 -16.21 -13.72 26.42
C THR A 230 -17.52 -14.46 26.29
N ASN A 231 -18.59 -13.76 26.00
CA ASN A 231 -19.87 -14.46 25.93
C ASN A 231 -20.08 -15.03 24.56
N PHE A 232 -19.36 -16.09 24.29
CA PHE A 232 -19.40 -16.69 22.99
C PHE A 232 -20.70 -17.37 22.68
N LEU A 233 -21.13 -17.19 21.45
CA LEU A 233 -22.28 -17.93 20.96
C LEU A 233 -21.86 -18.84 19.84
N PHE A 234 -22.47 -20.00 19.78
CA PHE A 234 -22.25 -20.90 18.68
C PHE A 234 -23.30 -20.63 17.65
N GLN A 235 -22.88 -20.36 16.43
CA GLN A 235 -23.82 -20.02 15.40
C GLN A 235 -24.33 -21.26 14.69
N VAL A 236 -25.63 -21.38 14.61
CA VAL A 236 -26.25 -22.50 13.92
C VAL A 236 -26.63 -22.00 12.52
N ASP A 237 -27.18 -20.79 12.52
CA ASP A 237 -27.56 -20.00 11.35
C ASP A 237 -27.42 -18.55 11.84
N HIS A 238 -27.75 -17.54 11.04
CA HIS A 238 -27.55 -16.16 11.47
C HIS A 238 -28.54 -15.67 12.53
N LEU A 239 -29.60 -16.42 12.73
CA LEU A 239 -30.64 -16.09 13.69
C LEU A 239 -30.61 -16.99 14.91
N THR A 240 -30.19 -18.23 14.69
CA THR A 240 -30.19 -19.28 15.70
C THR A 240 -28.83 -19.43 16.32
N TYR A 241 -28.81 -19.25 17.64
CA TYR A 241 -27.60 -19.35 18.41
C TYR A 241 -27.76 -20.24 19.58
N VAL A 242 -26.68 -20.84 20.00
CA VAL A 242 -26.65 -21.61 21.21
C VAL A 242 -25.55 -21.02 22.07
N GLN A 243 -25.84 -20.69 23.30
CA GLN A 243 -24.79 -20.10 24.10
C GLN A 243 -23.69 -21.13 24.29
N LEU A 244 -22.44 -20.75 24.07
CA LEU A 244 -21.36 -21.70 24.16
C LEU A 244 -20.99 -22.04 25.59
N GLU A 245 -20.76 -23.32 25.83
CA GLU A 245 -20.31 -23.81 27.11
C GLU A 245 -19.10 -24.72 26.84
N PRO A 246 -17.99 -24.59 27.58
CA PRO A 246 -16.73 -25.32 27.39
C PRO A 246 -16.80 -26.75 27.89
N ARG A 247 -17.70 -27.50 27.28
CA ARG A 247 -17.91 -28.90 27.51
C ARG A 247 -18.13 -29.47 26.15
N PHE A 248 -18.45 -28.58 25.22
CA PHE A 248 -18.79 -29.05 23.89
C PHE A 248 -17.59 -29.12 23.00
N THR A 249 -17.32 -30.33 22.56
CA THR A 249 -16.21 -30.64 21.71
C THR A 249 -16.63 -30.32 20.29
N PRO A 250 -15.72 -30.21 19.32
CA PRO A 250 -16.01 -29.98 17.92
C PRO A 250 -16.99 -30.99 17.38
N GLN A 251 -16.92 -32.21 17.91
CA GLN A 251 -17.79 -33.27 17.46
C GLN A 251 -19.16 -33.09 18.04
N PHE A 252 -19.25 -32.61 19.28
CA PHE A 252 -20.56 -32.46 19.86
C PHE A 252 -21.24 -31.32 19.17
N LEU A 253 -20.49 -30.29 18.81
CA LEU A 253 -21.10 -29.15 18.16
C LEU A 253 -21.65 -29.54 16.81
N VAL A 254 -20.92 -30.39 16.07
CA VAL A 254 -21.45 -30.81 14.80
C VAL A 254 -22.68 -31.67 15.01
N GLN A 255 -22.64 -32.59 15.96
CA GLN A 255 -23.76 -33.46 16.20
C GLN A 255 -24.99 -32.67 16.62
N LEU A 256 -24.78 -31.63 17.43
CA LEU A 256 -25.89 -30.79 17.84
C LEU A 256 -26.49 -30.07 16.62
N ASN A 257 -25.63 -29.57 15.68
CA ASN A 257 -26.02 -28.89 14.45
C ASN A 257 -26.79 -29.84 13.52
N GLU A 258 -26.35 -31.14 13.43
CA GLU A 258 -26.98 -32.18 12.61
C GLU A 258 -28.36 -32.47 13.15
N THR A 259 -28.48 -32.51 14.46
CA THR A 259 -29.75 -32.77 15.10
C THR A 259 -30.71 -31.62 14.81
N ILE A 260 -30.22 -30.38 14.91
CA ILE A 260 -31.08 -29.22 14.67
C ILE A 260 -31.65 -29.24 13.28
N TYR A 261 -30.85 -29.60 12.30
CA TYR A 261 -31.38 -29.61 10.96
C TYR A 261 -31.95 -30.98 10.54
N THR A 262 -32.05 -31.93 11.48
CA THR A 262 -32.61 -33.26 11.18
C THR A 262 -34.03 -33.07 10.70
N ASN A 263 -34.73 -32.14 11.33
CA ASN A 263 -36.09 -31.84 10.98
C ASN A 263 -36.20 -30.35 10.66
N GLY A 264 -35.24 -29.82 9.89
CA GLY A 264 -35.31 -28.39 9.63
C GLY A 264 -34.37 -27.89 8.55
N ARG A 265 -34.36 -26.58 8.40
CA ARG A 265 -33.59 -25.88 7.39
C ARG A 265 -33.47 -24.42 7.75
N ARG A 266 -32.66 -23.70 7.00
CA ARG A 266 -32.59 -22.26 7.17
C ARG A 266 -33.77 -21.66 6.41
N SER A 267 -34.29 -20.55 6.92
CA SER A 267 -35.41 -19.85 6.29
C SER A 267 -35.11 -18.41 5.90
N ASN A 268 -35.35 -17.45 6.81
CA ASN A 268 -35.21 -16.06 6.42
C ASN A 268 -34.83 -15.00 7.48
N THR A 269 -35.75 -14.61 8.36
CA THR A 269 -35.57 -13.37 9.09
C THR A 269 -35.61 -13.35 10.61
N THR A 270 -34.87 -12.35 11.11
CA THR A 270 -34.76 -11.78 12.45
C THR A 270 -35.27 -12.49 13.73
N GLY A 271 -35.37 -13.81 13.79
CA GLY A 271 -35.80 -14.43 15.03
C GLY A 271 -34.88 -14.12 16.22
N THR A 272 -33.56 -14.07 15.96
CA THR A 272 -32.49 -13.78 16.94
C THR A 272 -32.77 -14.37 18.31
N LEU A 273 -32.70 -15.69 18.39
CA LEU A 273 -32.99 -16.42 19.61
C LEU A 273 -31.79 -17.24 20.05
N ILE A 274 -31.42 -17.11 21.33
CA ILE A 274 -30.29 -17.84 21.88
C ILE A 274 -30.75 -18.95 22.78
N TRP A 275 -30.34 -20.14 22.47
CA TRP A 275 -30.71 -21.35 23.18
C TRP A 275 -29.65 -21.82 24.16
N LYS A 276 -30.09 -22.43 25.22
CA LYS A 276 -29.19 -23.03 26.19
C LYS A 276 -29.35 -24.53 26.14
N VAL A 277 -28.33 -25.25 26.54
CA VAL A 277 -28.48 -26.69 26.58
C VAL A 277 -28.98 -27.09 27.93
N ASN A 278 -29.82 -28.10 28.00
CA ASN A 278 -30.17 -28.58 29.31
C ASN A 278 -28.86 -29.12 29.87
N PRO A 279 -28.40 -28.70 31.05
CA PRO A 279 -27.15 -29.13 31.66
C PRO A 279 -26.93 -30.66 31.82
N THR A 280 -28.03 -31.48 31.84
CA THR A 280 -28.03 -32.93 32.01
C THR A 280 -27.26 -33.57 30.83
N GLN B 20 -51.27 -32.88 15.99
CA GLN B 20 -51.19 -32.34 17.34
C GLN B 20 -51.36 -33.54 18.30
N VAL B 21 -51.32 -33.27 19.62
CA VAL B 21 -51.37 -34.27 20.69
C VAL B 21 -52.41 -33.93 21.69
N GLN B 22 -52.78 -34.88 22.52
CA GLN B 22 -53.65 -34.48 23.57
C GLN B 22 -52.79 -33.87 24.63
N LEU B 23 -53.07 -32.63 24.94
CA LEU B 23 -52.34 -31.92 25.97
C LEU B 23 -53.06 -32.21 27.28
N VAL B 24 -52.32 -32.73 28.24
CA VAL B 24 -52.88 -33.13 29.53
C VAL B 24 -52.22 -32.36 30.63
N GLN B 25 -52.96 -31.66 31.48
CA GLN B 25 -52.31 -30.85 32.52
C GLN B 25 -52.65 -31.31 33.93
N SER B 26 -51.73 -31.04 34.86
CA SER B 26 -51.88 -31.37 36.28
C SER B 26 -52.89 -30.47 37.01
N GLY B 27 -53.31 -30.91 38.20
CA GLY B 27 -54.28 -30.16 39.00
C GLY B 27 -53.74 -28.86 39.58
N ALA B 28 -54.67 -27.94 39.83
CA ALA B 28 -54.42 -26.63 40.40
C ALA B 28 -54.07 -26.71 41.87
N GLU B 29 -53.28 -25.75 42.34
CA GLU B 29 -52.93 -25.71 43.76
C GLU B 29 -52.55 -24.32 44.28
N VAL B 30 -52.61 -24.17 45.60
CA VAL B 30 -52.25 -22.95 46.29
C VAL B 30 -51.11 -23.22 47.27
N LYS B 31 -50.03 -22.47 47.16
CA LYS B 31 -48.89 -22.63 48.08
C LYS B 31 -48.69 -21.43 48.96
N LYS B 32 -47.92 -21.56 50.01
CA LYS B 32 -47.64 -20.34 50.75
C LYS B 32 -46.64 -19.58 49.89
N PRO B 33 -46.63 -18.25 49.87
CA PRO B 33 -45.68 -17.47 49.10
C PRO B 33 -44.27 -17.89 49.50
N GLY B 34 -43.41 -18.00 48.49
CA GLY B 34 -42.02 -18.40 48.67
C GLY B 34 -41.81 -19.88 48.38
N SER B 35 -42.90 -20.63 48.29
CA SER B 35 -42.87 -22.05 48.02
C SER B 35 -42.70 -22.32 46.54
N SER B 36 -42.35 -23.54 46.19
CA SER B 36 -42.23 -23.86 44.78
C SER B 36 -43.35 -24.77 44.31
N VAL B 37 -43.68 -24.62 43.03
CA VAL B 37 -44.66 -25.49 42.37
C VAL B 37 -44.11 -26.18 41.15
N LYS B 38 -44.28 -27.49 41.11
CA LYS B 38 -43.84 -28.20 39.94
C LYS B 38 -45.05 -28.39 39.04
N VAL B 39 -45.02 -27.72 37.92
CA VAL B 39 -46.12 -27.70 36.97
C VAL B 39 -45.82 -28.71 35.92
N SER B 40 -46.79 -29.52 35.55
CA SER B 40 -46.47 -30.49 34.53
C SER B 40 -47.63 -30.71 33.57
N CYS B 41 -47.29 -31.22 32.36
CA CYS B 41 -48.20 -31.56 31.28
C CYS B 41 -47.78 -32.85 30.56
N ARG B 42 -48.42 -33.97 30.92
CA ARG B 42 -48.07 -35.24 30.30
C ARG B 42 -48.89 -35.46 29.07
N ALA B 43 -48.55 -34.68 28.07
CA ALA B 43 -49.22 -34.72 26.80
C ALA B 43 -48.77 -35.95 26.04
N SER B 44 -49.61 -36.41 25.13
CA SER B 44 -49.25 -37.54 24.29
C SER B 44 -48.33 -37.09 23.17
N GLY B 45 -47.79 -38.04 22.40
CA GLY B 45 -46.97 -37.76 21.21
C GLY B 45 -45.47 -37.92 21.39
N ASP B 46 -44.95 -39.03 20.88
CA ASP B 46 -43.53 -39.34 20.97
C ASP B 46 -42.74 -38.58 19.89
N SER B 47 -43.36 -38.50 18.72
CA SER B 47 -42.83 -37.90 17.49
C SER B 47 -42.67 -36.42 17.61
N PHE B 48 -43.35 -35.88 18.58
CA PHE B 48 -43.36 -34.48 18.89
C PHE B 48 -42.01 -34.08 19.42
N SER B 49 -41.22 -35.06 19.87
CA SER B 49 -39.88 -34.77 20.38
C SER B 49 -39.00 -34.14 19.29
N ARG B 50 -39.29 -34.44 18.00
CA ARG B 50 -38.51 -33.90 16.90
C ARG B 50 -39.31 -32.89 16.08
N LYS B 51 -40.64 -32.99 16.11
CA LYS B 51 -41.46 -32.11 15.29
C LYS B 51 -41.92 -30.81 15.92
N TYR B 52 -42.10 -30.79 17.25
CA TYR B 52 -42.62 -29.60 17.93
C TYR B 52 -41.88 -29.25 19.19
N GLY B 53 -41.84 -27.97 19.50
CA GLY B 53 -41.30 -27.55 20.74
C GLY B 53 -42.41 -27.63 21.75
N ILE B 54 -42.03 -27.83 22.97
CA ILE B 54 -42.97 -27.83 24.04
C ILE B 54 -42.95 -26.44 24.55
N SER B 55 -44.06 -25.75 24.53
CA SER B 55 -44.01 -24.37 24.97
C SER B 55 -44.90 -24.13 26.16
N TRP B 56 -44.49 -23.14 26.94
CA TRP B 56 -45.28 -22.71 28.08
C TRP B 56 -45.49 -21.22 28.16
N VAL B 57 -46.68 -20.87 28.67
CA VAL B 57 -47.04 -19.49 28.98
C VAL B 57 -47.61 -19.35 30.39
N ARG B 58 -47.63 -18.10 30.86
CA ARG B 58 -48.21 -17.71 32.14
C ARG B 58 -49.39 -16.76 31.97
N GLN B 59 -50.62 -17.26 31.99
CA GLN B 59 -51.70 -16.34 31.73
C GLN B 59 -52.20 -15.71 33.02
N ALA B 60 -51.55 -14.65 33.42
CA ALA B 60 -51.91 -13.99 34.65
C ALA B 60 -53.31 -13.41 34.45
N PRO B 61 -54.15 -13.28 35.48
CA PRO B 61 -55.47 -12.71 35.33
C PRO B 61 -55.40 -11.34 34.69
N GLY B 62 -56.26 -11.12 33.70
CA GLY B 62 -56.35 -9.87 32.97
C GLY B 62 -55.36 -9.78 31.81
N GLN B 63 -54.50 -10.78 31.70
CA GLN B 63 -53.46 -10.84 30.67
C GLN B 63 -53.68 -11.93 29.65
N GLY B 64 -53.01 -11.80 28.51
CA GLY B 64 -53.01 -12.85 27.51
C GLY B 64 -51.90 -13.86 27.82
N PHE B 65 -51.53 -14.64 26.84
CA PHE B 65 -50.63 -15.76 27.06
C PHE B 65 -49.13 -15.46 27.07
N GLU B 66 -48.69 -14.82 28.14
CA GLU B 66 -47.29 -14.38 28.27
C GLU B 66 -46.29 -15.53 28.11
N TRP B 67 -45.33 -15.38 27.20
CA TRP B 67 -44.37 -16.44 26.93
C TRP B 67 -43.38 -16.68 28.04
N MET B 68 -43.18 -17.95 28.39
CA MET B 68 -42.21 -18.28 29.41
C MET B 68 -40.99 -18.96 28.83
N GLY B 69 -41.23 -19.89 27.92
CA GLY B 69 -40.12 -20.67 27.38
C GLY B 69 -40.54 -21.86 26.53
N THR B 70 -39.54 -22.54 25.96
CA THR B 70 -39.79 -23.71 25.13
C THR B 70 -38.64 -24.73 25.11
N ILE B 71 -39.01 -26.00 24.87
CA ILE B 71 -38.10 -27.16 24.86
C ILE B 71 -38.10 -27.93 23.55
N MET B 72 -36.92 -28.32 23.08
CA MET B 72 -36.74 -29.14 21.89
C MET B 72 -36.07 -30.47 22.28
N PRO B 73 -36.81 -31.49 22.81
CA PRO B 73 -36.34 -32.74 23.39
C PRO B 73 -35.36 -33.53 22.52
N ILE B 74 -35.52 -33.47 21.19
CA ILE B 74 -34.59 -34.21 20.35
C ILE B 74 -33.16 -33.73 20.54
N VAL B 75 -32.96 -32.46 20.87
CA VAL B 75 -31.64 -31.93 21.13
C VAL B 75 -31.48 -31.91 22.63
N GLY B 76 -32.57 -31.60 23.35
CA GLY B 76 -32.53 -31.40 24.79
C GLY B 76 -32.12 -29.97 25.03
N LEU B 77 -32.53 -29.12 24.09
CA LEU B 77 -32.23 -27.70 24.07
C LEU B 77 -33.41 -26.89 24.61
N THR B 78 -33.13 -25.84 25.40
CA THR B 78 -34.22 -25.01 25.93
C THR B 78 -33.98 -23.51 25.82
N THR B 79 -35.05 -22.75 25.91
CA THR B 79 -34.92 -21.31 25.94
C THR B 79 -36.04 -20.70 26.77
N SER B 80 -35.80 -19.52 27.31
CA SER B 80 -36.81 -18.86 28.13
C SER B 80 -36.71 -17.35 28.15
N ALA B 81 -37.81 -16.74 28.59
CA ALA B 81 -37.94 -15.29 28.73
C ALA B 81 -37.10 -14.77 29.89
N GLN B 82 -36.61 -13.55 29.76
CA GLN B 82 -35.76 -12.95 30.78
C GLN B 82 -36.48 -12.78 32.11
N LYS B 83 -37.80 -12.75 32.05
CA LYS B 83 -38.67 -12.55 33.18
C LYS B 83 -38.62 -13.68 34.18
N PHE B 84 -38.18 -14.85 33.72
CA PHE B 84 -38.14 -16.01 34.56
C PHE B 84 -36.72 -16.50 34.76
N GLN B 85 -35.71 -15.67 34.48
CA GLN B 85 -34.38 -16.20 34.67
C GLN B 85 -34.17 -16.31 36.14
N GLY B 86 -33.72 -17.47 36.58
CA GLY B 86 -33.45 -17.69 37.99
C GLY B 86 -34.73 -18.05 38.75
N ARG B 87 -35.86 -18.11 38.06
CA ARG B 87 -37.12 -18.41 38.71
C ARG B 87 -37.76 -19.66 38.17
N VAL B 88 -37.78 -19.84 36.84
CA VAL B 88 -38.47 -21.03 36.37
C VAL B 88 -37.60 -21.98 35.58
N THR B 89 -37.51 -23.20 36.07
CA THR B 89 -36.77 -24.24 35.39
C THR B 89 -37.63 -24.77 34.28
N ILE B 90 -37.10 -24.90 33.08
CA ILE B 90 -37.86 -25.47 31.98
C ILE B 90 -37.25 -26.80 31.55
N THR B 91 -38.01 -27.89 31.66
CA THR B 91 -37.50 -29.20 31.28
C THR B 91 -38.61 -30.15 30.88
N ALA B 92 -38.24 -31.37 30.51
CA ALA B 92 -39.22 -32.38 30.13
C ALA B 92 -38.65 -33.78 30.28
N ASP B 93 -39.54 -34.76 30.43
CA ASP B 93 -39.16 -36.15 30.42
C ASP B 93 -39.32 -36.66 29.02
N LYS B 94 -38.20 -36.78 28.33
CA LYS B 94 -38.17 -37.13 26.94
C LYS B 94 -38.84 -38.45 26.65
N SER B 95 -38.76 -39.41 27.58
CA SER B 95 -39.31 -40.74 27.34
C SER B 95 -40.83 -40.81 27.47
N THR B 96 -41.45 -39.82 28.13
CA THR B 96 -42.89 -39.83 28.31
C THR B 96 -43.52 -38.61 27.66
N SER B 97 -42.66 -37.70 27.17
CA SER B 97 -43.01 -36.41 26.59
C SER B 97 -43.79 -35.58 27.59
N THR B 98 -43.32 -35.62 28.84
CA THR B 98 -43.99 -34.85 29.88
C THR B 98 -43.25 -33.57 30.11
N ALA B 99 -43.95 -32.49 29.97
CA ALA B 99 -43.35 -31.22 30.17
C ALA B 99 -43.35 -30.87 31.63
N HIS B 100 -42.30 -30.23 32.11
CA HIS B 100 -42.24 -29.81 33.51
C HIS B 100 -41.70 -28.41 33.70
N MET B 101 -42.20 -27.71 34.71
CA MET B 101 -41.62 -26.43 35.08
C MET B 101 -41.46 -26.33 36.58
N GLU B 102 -40.40 -25.68 37.01
CA GLU B 102 -40.26 -25.45 38.45
C GLU B 102 -40.43 -24.00 38.81
N LEU B 103 -41.59 -23.65 39.32
CA LEU B 103 -41.90 -22.26 39.60
C LEU B 103 -41.39 -21.96 40.98
N ASN B 104 -40.12 -21.56 41.06
CA ASN B 104 -39.49 -21.36 42.36
C ASN B 104 -39.81 -20.01 42.95
N SER B 105 -39.81 -19.94 44.28
CA SER B 105 -40.06 -18.70 45.01
C SER B 105 -41.33 -18.03 44.50
N LEU B 106 -42.40 -18.81 44.41
CA LEU B 106 -43.67 -18.39 43.87
C LEU B 106 -44.27 -17.24 44.63
N THR B 107 -44.76 -16.24 43.90
CA THR B 107 -45.39 -15.10 44.56
C THR B 107 -46.80 -14.79 44.07
N SER B 108 -47.41 -13.75 44.62
CA SER B 108 -48.78 -13.38 44.25
C SER B 108 -48.88 -12.90 42.83
N GLU B 109 -47.79 -12.38 42.31
CA GLU B 109 -47.73 -11.86 40.96
C GLU B 109 -47.65 -12.99 39.94
N ASP B 110 -47.46 -14.22 40.42
CA ASP B 110 -47.35 -15.36 39.55
C ASP B 110 -48.67 -16.08 39.47
N THR B 111 -49.74 -15.47 40.03
CA THR B 111 -51.01 -16.13 39.89
C THR B 111 -51.30 -16.17 38.42
N ALA B 112 -51.53 -17.36 37.91
CA ALA B 112 -51.79 -17.50 36.50
C ALA B 112 -52.31 -18.86 36.15
N ILE B 113 -52.89 -18.95 34.97
CA ILE B 113 -53.20 -20.26 34.46
C ILE B 113 -52.02 -20.62 33.61
N TYR B 114 -51.37 -21.72 33.95
CA TYR B 114 -50.20 -22.12 33.20
C TYR B 114 -50.63 -23.10 32.15
N TYR B 115 -50.11 -22.89 30.95
CA TYR B 115 -50.48 -23.74 29.81
C TYR B 115 -49.32 -24.29 29.03
N CYS B 116 -49.49 -25.52 28.51
CA CYS B 116 -48.61 -26.23 27.60
C CYS B 116 -49.23 -26.20 26.18
N ALA B 117 -48.37 -26.22 25.17
CA ALA B 117 -48.77 -26.27 23.76
C ALA B 117 -47.67 -26.81 22.86
N ARG B 118 -48.02 -27.17 21.63
CA ARG B 118 -47.01 -27.66 20.68
C ARG B 118 -46.79 -26.78 19.45
N ASP B 119 -45.65 -26.10 19.45
CA ASP B 119 -45.24 -25.14 18.41
C ASP B 119 -44.26 -25.77 17.45
N GLU B 120 -44.46 -25.64 16.17
CA GLU B 120 -43.51 -26.31 15.25
C GLU B 120 -42.09 -25.87 15.58
N ILE B 121 -41.13 -26.83 15.54
CA ILE B 121 -39.74 -26.55 15.93
C ILE B 121 -39.34 -25.16 15.52
N ILE B 122 -38.79 -24.44 16.48
CA ILE B 122 -38.51 -23.04 16.32
C ILE B 122 -37.16 -22.67 15.69
N GLY B 123 -36.03 -23.23 16.14
CA GLY B 123 -34.79 -22.69 15.57
C GLY B 123 -34.84 -21.24 15.99
N ALA B 124 -34.83 -20.34 15.04
CA ALA B 124 -34.95 -18.93 15.33
C ALA B 124 -35.68 -18.34 14.15
N ARG B 125 -36.80 -18.96 13.80
CA ARG B 125 -37.58 -18.53 12.66
C ARG B 125 -39.04 -18.42 13.14
N PRO B 126 -39.95 -17.79 12.36
CA PRO B 126 -41.37 -17.66 12.68
C PRO B 126 -42.11 -19.01 12.86
N HIS B 127 -42.81 -19.15 14.00
CA HIS B 127 -43.57 -20.39 14.35
C HIS B 127 -44.75 -20.22 15.29
N TRP B 128 -45.71 -21.15 15.19
CA TRP B 128 -46.93 -21.16 16.01
C TRP B 128 -47.39 -22.59 16.32
N PHE B 129 -48.37 -22.70 17.22
CA PHE B 129 -49.00 -23.95 17.63
C PHE B 129 -50.40 -24.03 17.06
N ASP B 130 -50.92 -25.25 16.85
CA ASP B 130 -52.30 -25.28 16.37
C ASP B 130 -53.22 -25.58 17.56
N SER B 131 -52.68 -26.40 18.49
CA SER B 131 -53.38 -26.86 19.69
C SER B 131 -52.80 -26.24 20.94
N TRP B 132 -53.60 -26.25 21.98
CA TRP B 132 -53.25 -25.66 23.25
C TRP B 132 -54.04 -26.36 24.33
N GLY B 133 -53.47 -26.52 25.52
CA GLY B 133 -54.17 -27.20 26.61
C GLY B 133 -55.15 -26.33 27.40
N GLN B 134 -55.80 -26.92 28.39
CA GLN B 134 -56.75 -26.19 29.22
C GLN B 134 -56.04 -25.38 30.29
N GLY B 135 -54.91 -25.90 30.70
CA GLY B 135 -54.05 -25.24 31.65
C GLY B 135 -54.49 -25.50 33.05
N THR B 136 -53.76 -24.93 34.00
CA THR B 136 -54.11 -25.13 35.38
C THR B 136 -53.72 -23.92 36.23
N LEU B 137 -54.48 -23.66 37.28
CA LEU B 137 -54.17 -22.53 38.14
C LEU B 137 -53.15 -22.78 39.20
N VAL B 138 -52.19 -21.90 39.24
CA VAL B 138 -51.20 -21.92 40.29
C VAL B 138 -51.22 -20.57 41.00
N THR B 139 -51.40 -20.60 42.31
CA THR B 139 -51.39 -19.35 43.08
C THR B 139 -50.82 -19.52 44.47
N VAL B 140 -50.91 -18.47 45.28
CA VAL B 140 -50.38 -18.49 46.64
C VAL B 140 -51.42 -18.00 47.67
N SER B 141 -51.22 -18.40 48.95
CA SER B 141 -51.99 -18.02 50.15
C SER B 141 -53.51 -18.16 49.92
N GLU C 19 -37.47 -9.70 18.68
CA GLU C 19 -38.57 -9.12 19.46
C GLU C 19 -39.62 -8.46 18.54
N ILE C 20 -40.90 -8.78 18.82
CA ILE C 20 -42.12 -8.24 18.16
C ILE C 20 -43.19 -7.61 19.05
N VAL C 21 -43.95 -6.66 18.46
CA VAL C 21 -45.05 -5.95 19.13
C VAL C 21 -46.38 -5.97 18.34
N MET C 22 -47.46 -6.33 19.05
CA MET C 22 -48.85 -6.41 18.55
C MET C 22 -49.82 -5.73 19.52
N THR C 23 -50.89 -5.15 18.98
CA THR C 23 -51.93 -4.48 19.77
C THR C 23 -53.27 -5.25 19.82
N GLN C 24 -54.26 -4.66 20.47
CA GLN C 24 -55.61 -5.20 20.64
C GLN C 24 -56.64 -4.27 19.99
N SER C 25 -57.47 -4.78 19.08
CA SER C 25 -58.45 -3.88 18.51
C SER C 25 -59.63 -4.55 17.80
N PRO C 26 -60.87 -4.24 18.20
CA PRO C 26 -61.36 -3.44 19.32
C PRO C 26 -61.21 -4.27 20.57
N ALA C 27 -61.28 -3.70 21.76
CA ALA C 27 -61.27 -4.63 22.89
C ALA C 27 -62.49 -5.56 22.86
N ILE C 28 -63.65 -5.01 22.47
CA ILE C 28 -64.91 -5.73 22.36
C ILE C 28 -65.60 -5.37 21.05
N MET C 29 -66.15 -6.35 20.36
CA MET C 29 -66.91 -6.11 19.15
C MET C 29 -68.34 -6.62 19.33
N SER C 30 -69.30 -5.88 18.80
CA SER C 30 -70.70 -6.30 18.88
C SER C 30 -71.13 -6.91 17.59
N VAL C 31 -71.46 -8.19 17.65
CA VAL C 31 -71.83 -8.95 16.49
C VAL C 31 -73.11 -9.71 16.74
N SER C 32 -74.19 -9.28 16.13
CA SER C 32 -75.40 -10.05 16.27
C SER C 32 -75.09 -11.32 15.49
N PRO C 33 -75.57 -12.49 15.87
CA PRO C 33 -75.29 -13.70 15.15
C PRO C 33 -75.84 -13.51 13.75
N GLY C 34 -75.08 -13.99 12.78
CA GLY C 34 -75.43 -13.89 11.38
C GLY C 34 -74.70 -12.73 10.70
N LYS C 35 -74.10 -11.84 11.49
CA LYS C 35 -73.35 -10.72 10.97
C LYS C 35 -71.89 -11.08 10.85
N ARG C 36 -71.15 -10.33 10.05
CA ARG C 36 -69.73 -10.57 9.93
C ARG C 36 -68.93 -9.83 10.99
N ALA C 37 -68.13 -10.58 11.73
CA ALA C 37 -67.28 -10.04 12.79
C ALA C 37 -65.96 -9.58 12.22
N THR C 38 -65.41 -8.48 12.76
CA THR C 38 -64.07 -8.06 12.32
C THR C 38 -63.09 -7.79 13.48
N LEU C 39 -61.90 -8.38 13.36
CA LEU C 39 -60.75 -8.20 14.25
C LEU C 39 -59.64 -7.47 13.49
N SER C 40 -59.12 -6.40 14.09
CA SER C 40 -58.08 -5.62 13.41
C SER C 40 -56.72 -5.78 14.10
N CYS C 41 -55.73 -6.40 13.40
CA CYS C 41 -54.41 -6.70 13.93
C CYS C 41 -53.40 -5.70 13.39
N ARG C 42 -52.80 -4.91 14.27
CA ARG C 42 -51.83 -3.89 13.85
C ARG C 42 -50.49 -4.07 14.51
N ALA C 43 -49.55 -4.62 13.77
CA ALA C 43 -48.21 -4.92 14.25
C ALA C 43 -47.33 -3.69 14.10
N SER C 44 -46.23 -3.66 14.84
CA SER C 44 -45.25 -2.59 14.68
C SER C 44 -44.20 -2.97 13.63
N GLN C 45 -44.31 -4.19 13.11
CA GLN C 45 -43.40 -4.77 12.14
C GLN C 45 -44.13 -5.22 10.88
N SER C 46 -43.41 -5.29 9.76
CA SER C 46 -44.01 -5.71 8.48
C SER C 46 -44.14 -7.23 8.39
N VAL C 47 -45.08 -7.75 9.16
CA VAL C 47 -45.24 -9.18 9.36
C VAL C 47 -46.57 -9.81 9.00
N SER C 48 -47.35 -9.28 8.07
CA SER C 48 -48.68 -9.88 7.82
C SER C 48 -48.65 -11.33 7.38
N SER C 49 -47.49 -11.81 6.92
CA SER C 49 -47.25 -13.17 6.49
C SER C 49 -46.81 -14.12 7.60
N ASN C 50 -46.58 -13.58 8.81
CA ASN C 50 -46.11 -14.34 9.98
C ASN C 50 -46.99 -14.18 11.21
N LEU C 51 -48.29 -14.13 10.98
CA LEU C 51 -49.31 -13.98 12.02
C LEU C 51 -50.17 -15.22 12.21
N ALA C 52 -50.83 -15.30 13.35
CA ALA C 52 -51.75 -16.40 13.59
C ALA C 52 -52.96 -15.92 14.36
N TRP C 53 -54.11 -16.51 14.07
CA TRP C 53 -55.31 -16.09 14.75
C TRP C 53 -55.96 -17.23 15.44
N TYR C 54 -56.38 -16.98 16.66
CA TYR C 54 -56.99 -18.02 17.48
C TYR C 54 -58.35 -17.69 18.05
N GLN C 55 -59.18 -18.73 18.12
CA GLN C 55 -60.52 -18.64 18.70
C GLN C 55 -60.57 -19.21 20.10
N ARG C 56 -60.81 -18.37 21.09
CA ARG C 56 -60.84 -18.87 22.45
C ARG C 56 -62.17 -18.72 23.15
N LYS C 57 -62.86 -19.82 23.29
CA LYS C 57 -64.17 -19.78 23.90
C LYS C 57 -63.92 -19.62 25.39
N PRO C 58 -64.81 -18.99 26.16
CA PRO C 58 -64.59 -18.82 27.58
C PRO C 58 -64.32 -20.15 28.25
N GLY C 59 -63.26 -20.19 29.04
CA GLY C 59 -62.87 -21.39 29.78
C GLY C 59 -62.15 -22.43 28.93
N GLN C 60 -61.97 -22.15 27.64
CA GLN C 60 -61.37 -23.08 26.70
C GLN C 60 -60.00 -22.70 26.20
N ALA C 61 -59.28 -23.70 25.73
CA ALA C 61 -58.04 -23.46 25.03
C ALA C 61 -58.35 -22.74 23.71
N PRO C 62 -57.48 -21.83 23.22
CA PRO C 62 -57.57 -21.19 21.93
C PRO C 62 -57.35 -22.23 20.86
N ARG C 63 -58.05 -22.11 19.74
CA ARG C 63 -57.84 -22.99 18.59
C ARG C 63 -57.36 -22.22 17.38
N LEU C 64 -56.33 -22.72 16.71
CA LEU C 64 -55.89 -21.97 15.54
C LEU C 64 -56.93 -21.96 14.46
N LEU C 65 -57.21 -20.79 13.94
CA LEU C 65 -58.14 -20.64 12.86
C LEU C 65 -57.42 -20.49 11.56
N ILE C 66 -56.49 -19.54 11.56
CA ILE C 66 -55.72 -19.14 10.39
C ILE C 66 -54.27 -18.89 10.75
N TYR C 67 -53.36 -19.17 9.83
CA TYR C 67 -51.95 -18.89 10.06
C TYR C 67 -51.23 -18.31 8.84
N GLY C 68 -50.14 -17.62 9.11
CA GLY C 68 -49.32 -17.02 8.09
C GLY C 68 -49.99 -15.72 7.73
N SER C 69 -50.91 -15.84 6.80
CA SER C 69 -51.75 -14.75 6.37
C SER C 69 -53.18 -15.26 6.36
N SER C 70 -53.60 -15.80 5.22
CA SER C 70 -54.94 -16.28 5.03
C SER C 70 -55.14 -17.80 5.07
N THR C 71 -54.07 -18.59 5.25
CA THR C 71 -54.24 -20.03 5.18
C THR C 71 -54.99 -20.59 6.38
N ARG C 72 -56.02 -21.37 6.10
CA ARG C 72 -56.82 -21.92 7.17
C ARG C 72 -56.19 -23.13 7.82
N ALA C 73 -56.45 -23.26 9.10
CA ALA C 73 -56.06 -24.38 9.92
C ALA C 73 -56.98 -25.56 9.71
N THR C 74 -56.52 -26.73 10.08
CA THR C 74 -57.30 -27.92 9.90
C THR C 74 -58.62 -27.89 10.64
N GLY C 75 -59.69 -28.20 9.91
CA GLY C 75 -61.04 -28.28 10.46
C GLY C 75 -61.76 -26.94 10.58
N ILE C 76 -61.18 -25.87 10.06
CA ILE C 76 -61.79 -24.56 10.18
C ILE C 76 -62.75 -24.22 9.04
N PRO C 77 -64.00 -23.82 9.35
CA PRO C 77 -65.02 -23.45 8.39
C PRO C 77 -64.56 -22.31 7.50
N ALA C 78 -65.08 -22.30 6.28
CA ALA C 78 -64.75 -21.31 5.25
C ALA C 78 -65.13 -19.89 5.64
N ARG C 79 -66.00 -19.78 6.62
CA ARG C 79 -66.50 -18.52 7.14
C ARG C 79 -65.37 -17.71 7.76
N PHE C 80 -64.31 -18.40 8.17
CA PHE C 80 -63.18 -17.75 8.77
C PHE C 80 -62.19 -17.40 7.67
N SER C 81 -61.91 -16.12 7.53
CA SER C 81 -61.03 -15.66 6.45
C SER C 81 -60.35 -14.37 6.81
N GLY C 82 -59.40 -13.95 5.99
CA GLY C 82 -58.74 -12.68 6.24
C GLY C 82 -57.61 -12.45 5.28
N SER C 83 -57.07 -11.26 5.32
CA SER C 83 -55.96 -10.86 4.47
C SER C 83 -55.23 -9.66 5.07
N GLY C 84 -54.03 -9.38 4.55
CA GLY C 84 -53.28 -8.24 5.05
C GLY C 84 -51.97 -8.04 4.32
N SER C 85 -51.27 -6.99 4.69
CA SER C 85 -49.99 -6.60 4.09
C SER C 85 -49.16 -5.79 5.07
N GLY C 86 -47.85 -6.05 5.10
CA GLY C 86 -47.00 -5.27 5.96
C GLY C 86 -47.41 -5.44 7.41
N THR C 87 -47.71 -4.33 8.06
CA THR C 87 -48.09 -4.29 9.46
C THR C 87 -49.54 -4.64 9.76
N GLU C 88 -50.43 -4.62 8.77
CA GLU C 88 -51.82 -4.84 9.17
C GLU C 88 -52.51 -6.02 8.51
N PHE C 89 -53.35 -6.66 9.31
CA PHE C 89 -54.15 -7.77 8.86
C PHE C 89 -55.55 -7.67 9.41
N THR C 90 -56.52 -7.93 8.56
CA THR C 90 -57.89 -7.92 9.01
C THR C 90 -58.46 -9.32 8.98
N LEU C 91 -58.96 -9.76 10.12
CA LEU C 91 -59.54 -11.08 10.22
C LEU C 91 -61.04 -10.94 10.30
N THR C 92 -61.76 -11.70 9.52
CA THR C 92 -63.20 -11.63 9.61
C THR C 92 -63.87 -12.99 9.72
N ILE C 93 -65.05 -12.99 10.34
CA ILE C 93 -65.85 -14.20 10.43
C ILE C 93 -67.21 -13.99 9.83
N SER C 94 -67.46 -14.59 8.69
CA SER C 94 -68.74 -14.42 8.04
C SER C 94 -69.78 -15.14 8.85
N SER C 95 -70.99 -14.59 8.90
CA SER C 95 -72.09 -15.25 9.56
C SER C 95 -71.71 -15.82 10.93
N LEU C 96 -71.19 -15.00 11.85
CA LEU C 96 -70.70 -15.53 13.12
C LEU C 96 -71.88 -16.16 13.86
N GLN C 97 -71.71 -17.37 14.42
CA GLN C 97 -72.82 -18.03 15.11
C GLN C 97 -72.70 -18.05 16.62
N SER C 98 -73.70 -18.61 17.32
CA SER C 98 -73.68 -18.66 18.78
C SER C 98 -72.44 -19.40 19.28
N GLU C 99 -72.08 -20.42 18.54
CA GLU C 99 -70.95 -21.29 18.81
C GLU C 99 -69.61 -20.59 18.65
N ASP C 100 -69.60 -19.44 18.02
CA ASP C 100 -68.41 -18.66 17.74
C ASP C 100 -68.25 -17.44 18.65
N PHE C 101 -69.04 -17.32 19.72
CA PHE C 101 -68.79 -16.13 20.55
C PHE C 101 -67.61 -16.34 21.50
N ALA C 102 -66.44 -16.23 20.91
CA ALA C 102 -65.11 -16.47 21.46
C ALA C 102 -64.27 -15.22 21.44
N VAL C 103 -63.25 -15.16 22.28
CA VAL C 103 -62.34 -14.04 22.21
C VAL C 103 -61.37 -14.36 21.11
N TYR C 104 -61.18 -13.44 20.18
CA TYR C 104 -60.26 -13.73 19.11
C TYR C 104 -58.95 -13.02 19.29
N TYR C 105 -57.88 -13.78 19.24
CA TYR C 105 -56.57 -13.23 19.49
C TYR C 105 -55.72 -13.09 18.24
N CYS C 106 -54.95 -11.96 18.19
CA CYS C 106 -53.94 -11.66 17.17
C CYS C 106 -52.59 -12.09 17.72
N LEU C 107 -52.00 -13.13 17.16
CA LEU C 107 -50.69 -13.56 17.60
C LEU C 107 -49.70 -13.26 16.52
N GLN C 108 -48.55 -12.78 16.93
CA GLN C 108 -47.52 -12.47 15.97
C GLN C 108 -46.38 -13.37 16.33
N TYR C 109 -45.92 -14.15 15.36
CA TYR C 109 -44.89 -15.12 15.68
C TYR C 109 -43.57 -14.89 15.00
N TYR C 110 -43.45 -13.75 14.35
CA TYR C 110 -42.29 -13.41 13.56
C TYR C 110 -40.91 -13.42 14.25
N ASN C 111 -40.76 -12.80 15.42
CA ASN C 111 -39.46 -12.81 16.09
C ASN C 111 -39.57 -13.34 17.51
N TRP C 112 -38.43 -13.42 18.20
CA TRP C 112 -38.46 -13.82 19.57
C TRP C 112 -37.97 -12.70 20.44
N PRO C 113 -38.65 -12.44 21.56
CA PRO C 113 -39.89 -13.00 22.08
C PRO C 113 -41.09 -12.75 21.17
N ARG C 114 -42.01 -13.69 21.22
CA ARG C 114 -43.22 -13.60 20.44
C ARG C 114 -44.22 -12.74 21.15
N THR C 115 -45.19 -12.24 20.44
CA THR C 115 -46.16 -11.39 21.10
C THR C 115 -47.59 -11.66 20.75
N PHE C 116 -48.48 -10.92 21.38
CA PHE C 116 -49.89 -11.04 21.15
C PHE C 116 -50.70 -9.82 21.53
N GLY C 117 -51.87 -9.70 20.93
CA GLY C 117 -52.82 -8.70 21.34
C GLY C 117 -53.51 -9.34 22.53
N GLN C 118 -54.35 -8.62 23.24
CA GLN C 118 -54.98 -9.21 24.40
C GLN C 118 -56.32 -9.86 24.07
N GLY C 119 -56.71 -9.80 22.80
CA GLY C 119 -57.91 -10.44 22.28
C GLY C 119 -59.15 -9.58 22.19
N THR C 120 -60.00 -9.89 21.23
CA THR C 120 -61.25 -9.16 21.07
C THR C 120 -62.42 -10.00 21.47
N LYS C 121 -63.15 -9.54 22.48
CA LYS C 121 -64.31 -10.26 22.95
C LYS C 121 -65.45 -9.99 22.01
N VAL C 122 -66.29 -10.98 21.79
CA VAL C 122 -67.46 -10.70 20.99
C VAL C 122 -68.72 -10.91 21.80
N GLU C 123 -69.60 -9.93 21.71
CA GLU C 123 -70.88 -9.91 22.40
C GLU C 123 -71.97 -9.72 21.35
N ILE C 124 -73.21 -10.17 21.64
CA ILE C 124 -74.38 -10.05 20.75
C ILE C 124 -74.78 -8.56 20.59
N CYS D 10 1.62 -37.49 25.56
CA CYS D 10 2.21 -37.74 24.25
C CYS D 10 1.35 -38.69 23.42
N ASN D 11 0.40 -38.14 22.67
CA ASN D 11 -0.39 -38.98 21.79
C ASN D 11 0.57 -39.70 20.84
N PRO D 12 0.68 -41.03 20.88
CA PRO D 12 1.65 -41.82 20.16
C PRO D 12 1.31 -42.11 18.70
N ASN D 13 0.23 -41.52 18.19
CA ASN D 13 -0.15 -41.78 16.81
C ASN D 13 0.06 -40.54 15.97
N LEU D 14 1.03 -40.56 15.09
CA LEU D 14 1.33 -39.38 14.29
C LEU D 14 0.78 -39.39 12.90
N HIS D 15 -0.01 -38.38 12.63
CA HIS D 15 -0.54 -38.15 11.32
C HIS D 15 0.21 -36.93 10.91
N TYR D 16 1.03 -37.09 9.90
CA TYR D 16 1.90 -36.03 9.47
C TYR D 16 1.71 -35.72 8.03
N TRP D 17 2.11 -34.52 7.68
CA TRP D 17 2.10 -34.12 6.31
C TRP D 17 3.36 -33.36 6.03
N THR D 18 3.77 -33.41 4.80
CA THR D 18 4.92 -32.69 4.37
C THR D 18 4.79 -32.11 3.00
N THR D 19 5.83 -31.43 2.59
CA THR D 19 5.90 -30.84 1.30
C THR D 19 6.05 -31.94 0.26
N GLN D 20 5.24 -31.89 -0.78
CA GLN D 20 5.34 -32.94 -1.79
C GLN D 20 6.37 -32.59 -2.84
N ASP D 21 7.64 -32.70 -2.46
CA ASP D 21 8.75 -32.33 -3.30
C ASP D 21 9.58 -33.50 -3.82
N GLU D 22 9.08 -34.71 -3.65
CA GLU D 22 9.80 -35.87 -4.12
C GLU D 22 9.89 -35.87 -5.65
N GLY D 23 11.10 -36.16 -6.21
CA GLY D 23 11.35 -36.23 -7.64
C GLY D 23 11.41 -34.83 -8.24
N TRP D 30 3.93 -30.03 -14.11
CA TRP D 30 4.77 -29.11 -13.32
C TRP D 30 4.68 -27.63 -13.74
N ILE D 31 4.11 -27.33 -14.93
CA ILE D 31 3.95 -25.99 -15.50
C ILE D 31 2.93 -25.18 -14.70
N PRO D 32 3.23 -23.93 -14.32
CA PRO D 32 2.39 -23.08 -13.52
C PRO D 32 0.92 -23.00 -13.91
N TYR D 33 0.51 -23.09 -15.19
CA TYR D 33 -0.93 -23.01 -15.36
C TYR D 33 -1.49 -24.35 -15.84
N PHE D 34 -0.64 -25.37 -15.80
CA PHE D 34 -0.98 -26.73 -16.17
C PHE D 34 -0.45 -27.68 -15.11
N GLY D 35 -1.08 -27.67 -13.96
CA GLY D 35 -0.62 -28.42 -12.81
C GLY D 35 -1.69 -28.29 -11.75
N PRO D 36 -1.53 -28.90 -10.58
CA PRO D 36 -2.51 -28.96 -9.50
C PRO D 36 -2.58 -27.69 -8.68
N ALA D 37 -2.89 -26.60 -9.35
CA ALA D 37 -2.93 -25.29 -8.72
C ALA D 37 -1.71 -25.21 -7.83
N ALA D 38 -1.94 -24.87 -6.57
CA ALA D 38 -0.95 -24.88 -5.54
C ALA D 38 -1.56 -25.61 -4.36
N GLU D 39 -2.35 -26.62 -4.69
CA GLU D 39 -3.02 -27.44 -3.70
C GLU D 39 -2.47 -28.85 -3.67
N GLY D 40 -2.11 -29.40 -4.83
CA GLY D 40 -1.59 -30.76 -4.90
C GLY D 40 -0.08 -30.75 -4.67
N ILE D 41 0.28 -30.12 -3.58
CA ILE D 41 1.66 -29.89 -3.23
C ILE D 41 1.96 -30.42 -1.83
N TYR D 42 1.09 -31.31 -1.35
CA TYR D 42 1.24 -31.89 -0.04
C TYR D 42 1.12 -33.39 -0.11
N THR D 43 1.84 -34.04 0.77
CA THR D 43 1.79 -35.48 0.90
C THR D 43 1.68 -35.84 2.36
N GLU D 44 1.15 -37.01 2.66
CA GLU D 44 0.91 -37.36 4.05
C GLU D 44 1.01 -38.84 4.35
N GLY D 45 1.12 -39.15 5.64
CA GLY D 45 1.20 -40.54 6.08
C GLY D 45 1.16 -40.72 7.59
N ILE D 46 1.31 -41.97 8.03
CA ILE D 46 1.21 -42.30 9.44
C ILE D 46 2.46 -42.95 10.02
N MET D 47 2.85 -42.49 11.21
CA MET D 47 3.95 -43.07 11.98
C MET D 47 3.44 -43.36 13.38
N HIS D 48 3.99 -44.35 14.05
CA HIS D 48 3.62 -44.53 15.45
C HIS D 48 4.81 -44.18 16.32
N ASN D 49 4.62 -44.21 17.64
CA ASN D 49 5.67 -43.81 18.59
C ASN D 49 6.67 -44.91 18.83
N GLN D 50 7.37 -45.29 17.79
CA GLN D 50 8.30 -46.37 17.88
C GLN D 50 9.50 -45.90 18.63
N ASN D 51 9.83 -46.60 19.70
CA ASN D 51 10.96 -46.28 20.55
C ASN D 51 10.82 -44.88 21.16
N GLY D 52 9.60 -44.36 21.24
CA GLY D 52 9.42 -43.05 21.83
C GLY D 52 9.71 -41.88 20.88
N LEU D 53 9.84 -42.10 19.57
CA LEU D 53 10.16 -40.97 18.71
C LEU D 53 9.14 -39.86 18.68
N ILE D 54 7.86 -40.16 18.76
CA ILE D 54 6.91 -39.06 18.70
C ILE D 54 6.97 -38.19 19.96
N CYS D 55 7.01 -38.83 21.15
CA CYS D 55 7.03 -38.14 22.44
C CYS D 55 8.33 -37.35 22.58
N GLY D 56 9.45 -37.99 22.22
CA GLY D 56 10.73 -37.33 22.33
C GLY D 56 10.80 -36.12 21.43
N LEU D 57 10.24 -36.21 20.23
CA LEU D 57 10.30 -35.08 19.34
C LEU D 57 9.50 -33.94 19.90
N ARG D 58 8.34 -34.23 20.48
CA ARG D 58 7.57 -33.14 21.04
C ARG D 58 8.30 -32.46 22.18
N GLN D 59 9.02 -33.21 23.00
CA GLN D 59 9.74 -32.55 24.08
C GLN D 59 10.86 -31.67 23.52
N LEU D 60 11.50 -32.12 22.44
CA LEU D 60 12.56 -31.34 21.83
C LEU D 60 11.98 -30.05 21.27
N ALA D 61 10.85 -30.17 20.59
CA ALA D 61 10.20 -29.00 20.01
C ALA D 61 9.80 -27.96 21.07
N ASN D 62 9.35 -28.42 22.26
CA ASN D 62 8.93 -27.59 23.40
C ASN D 62 10.11 -26.75 23.94
N GLU D 63 11.31 -27.38 24.12
CA GLU D 63 12.53 -26.72 24.63
C GLU D 63 13.05 -25.64 23.67
N THR D 64 12.89 -25.95 22.41
CA THR D 64 13.37 -25.11 21.35
C THR D 64 12.56 -23.82 21.29
N THR D 65 11.38 -23.75 21.91
CA THR D 65 10.61 -22.52 21.82
C THR D 65 11.45 -21.38 22.35
N GLN D 66 12.15 -21.60 23.47
CA GLN D 66 12.93 -20.51 24.01
C GLN D 66 14.09 -20.20 23.13
N ALA D 67 14.74 -21.23 22.63
CA ALA D 67 15.92 -20.97 21.83
C ALA D 67 15.58 -20.15 20.62
N LEU D 68 14.43 -20.44 20.03
CA LEU D 68 13.99 -19.77 18.86
C LEU D 68 13.54 -18.36 19.15
N GLN D 69 12.84 -18.12 20.26
CA GLN D 69 12.43 -16.76 20.46
C GLN D 69 13.64 -15.85 20.67
N LEU D 70 14.70 -16.31 21.33
CA LEU D 70 15.85 -15.42 21.48
C LEU D 70 16.50 -15.17 20.15
N PHE D 71 16.62 -16.23 19.36
CA PHE D 71 17.24 -16.15 18.06
C PHE D 71 16.59 -15.06 17.25
N LEU D 72 15.26 -15.05 17.24
CA LEU D 72 14.56 -14.06 16.49
C LEU D 72 14.69 -12.66 17.09
N ARG D 73 14.68 -12.53 18.41
CA ARG D 73 14.81 -11.20 19.00
C ARG D 73 16.11 -10.53 18.61
N ALA D 74 17.14 -11.34 18.47
CA ALA D 74 18.48 -10.88 18.17
C ALA D 74 18.71 -10.51 16.70
N THR D 75 17.74 -10.69 15.82
CA THR D 75 18.00 -10.36 14.42
C THR D 75 17.02 -9.38 13.79
N THR D 76 17.33 -9.04 12.54
CA THR D 76 16.54 -8.16 11.70
C THR D 76 15.91 -8.90 10.53
N GLU D 77 16.24 -10.18 10.41
CA GLU D 77 15.68 -11.01 9.34
C GLU D 77 14.18 -11.03 9.65
N LEU D 78 13.32 -10.75 8.67
CA LEU D 78 11.90 -10.72 9.00
C LEU D 78 11.22 -12.06 8.82
N ARG D 79 11.67 -12.81 7.83
CA ARG D 79 11.15 -14.14 7.53
C ARG D 79 12.37 -14.99 7.54
N THR D 80 12.46 -15.92 8.48
CA THR D 80 13.68 -16.66 8.59
C THR D 80 13.80 -17.89 7.76
N PHE D 81 14.82 -17.86 6.93
CA PHE D 81 15.19 -18.95 6.06
C PHE D 81 16.59 -19.45 6.36
N SER D 82 17.40 -18.63 7.03
CA SER D 82 18.80 -18.94 7.25
C SER D 82 19.15 -20.02 8.25
N ILE D 83 18.22 -20.46 9.08
CA ILE D 83 18.67 -21.36 10.14
C ILE D 83 19.28 -22.66 9.68
N LEU D 84 18.68 -23.35 8.73
CA LEU D 84 19.25 -24.63 8.39
C LEU D 84 20.58 -24.47 7.68
N ASN D 85 20.70 -23.44 6.86
CA ASN D 85 21.94 -23.28 6.15
C ASN D 85 23.03 -22.83 7.10
N ARG D 86 22.66 -22.00 8.07
CA ARG D 86 23.64 -21.52 9.02
C ARG D 86 24.17 -22.69 9.81
N LYS D 87 23.28 -23.62 10.14
CA LYS D 87 23.71 -24.77 10.89
C LYS D 87 24.67 -25.61 10.06
N ALA D 88 24.39 -25.76 8.77
CA ALA D 88 25.30 -26.51 7.92
C ALA D 88 26.68 -25.86 7.88
N ILE D 89 26.70 -24.53 7.88
CA ILE D 89 27.98 -23.84 7.82
C ILE D 89 28.77 -24.10 9.07
N ASP D 90 28.14 -24.00 10.23
CA ASP D 90 28.87 -24.26 11.46
C ASP D 90 29.25 -25.71 11.57
N PHE D 91 28.43 -26.59 11.04
CA PHE D 91 28.77 -27.99 11.08
C PHE D 91 30.12 -28.20 10.37
N LEU D 92 30.23 -27.62 9.18
CA LEU D 92 31.47 -27.71 8.44
C LEU D 92 32.62 -27.03 9.14
N LEU D 93 32.38 -25.88 9.79
CA LEU D 93 33.43 -25.20 10.51
C LEU D 93 33.87 -26.02 11.71
N GLN D 94 32.96 -26.76 12.33
CA GLN D 94 33.38 -27.56 13.47
C GLN D 94 34.35 -28.64 13.02
N ARG D 95 34.09 -29.23 11.84
CA ARG D 95 34.99 -30.24 11.28
C ARG D 95 36.31 -29.60 10.83
N TRP D 96 36.19 -28.40 10.27
CA TRP D 96 37.27 -27.56 9.76
C TRP D 96 37.13 -26.10 10.09
N GLY D 97 37.59 -25.73 11.27
CA GLY D 97 37.47 -24.35 11.72
C GLY D 97 38.64 -23.51 11.24
N GLY D 98 38.94 -23.64 9.97
CA GLY D 98 40.10 -23.00 9.37
C GLY D 98 41.34 -23.85 9.50
N THR D 99 41.22 -24.99 10.16
CA THR D 99 42.37 -25.87 10.36
C THR D 99 41.92 -27.29 10.68
N CYS D 100 42.80 -28.28 10.40
CA CYS D 100 42.63 -29.70 10.69
C CYS D 100 43.97 -30.31 11.11
N HIS D 101 43.91 -31.19 12.08
CA HIS D 101 45.09 -31.90 12.52
C HIS D 101 44.92 -33.36 12.13
N ILE D 102 45.67 -33.79 11.11
CA ILE D 102 45.51 -35.15 10.57
C ILE D 102 45.97 -36.17 11.57
N LEU D 103 46.95 -35.77 12.34
CA LEU D 103 47.49 -36.66 13.35
C LEU D 103 46.75 -36.52 14.68
N GLY D 104 45.73 -35.66 14.74
CA GLY D 104 45.05 -35.42 15.99
C GLY D 104 43.83 -36.33 16.17
N PRO D 105 43.18 -36.25 17.35
CA PRO D 105 41.98 -36.98 17.73
C PRO D 105 40.66 -36.26 17.42
N ASP D 106 40.72 -35.06 16.82
CA ASP D 106 39.54 -34.23 16.71
C ASP D 106 39.13 -33.60 15.36
N CYS D 107 39.35 -34.27 14.20
CA CYS D 107 38.97 -33.76 12.86
C CYS D 107 37.97 -34.74 12.17
N CYS D 108 37.65 -35.86 12.82
CA CYS D 108 36.76 -36.91 12.29
C CYS D 108 37.31 -37.56 10.98
N ILE D 109 38.61 -37.85 10.95
CA ILE D 109 39.21 -38.49 9.79
C ILE D 109 39.63 -39.96 10.03
N GLU D 110 39.15 -40.86 9.15
CA GLU D 110 39.38 -42.32 9.15
C GLU D 110 40.64 -42.66 8.34
N ILE E 33 18.27 -29.30 -10.37
CA ILE E 33 19.02 -28.23 -11.02
C ILE E 33 20.49 -28.71 -11.14
N PRO E 34 20.95 -29.29 -12.32
CA PRO E 34 22.30 -29.78 -12.59
C PRO E 34 23.23 -28.62 -12.79
N LEU E 35 24.50 -28.83 -12.53
CA LEU E 35 25.44 -27.77 -12.81
C LEU E 35 26.35 -28.18 -13.94
N GLY E 36 26.36 -27.36 -14.97
CA GLY E 36 27.21 -27.63 -16.08
C GLY E 36 28.56 -27.13 -15.69
N VAL E 37 29.58 -27.69 -16.25
CA VAL E 37 30.91 -27.22 -15.98
C VAL E 37 31.62 -27.00 -17.29
N VAL E 38 32.35 -25.92 -17.40
CA VAL E 38 33.07 -25.75 -18.64
C VAL E 38 34.51 -26.13 -18.40
N HIS E 39 34.97 -27.11 -19.14
CA HIS E 39 36.30 -27.64 -18.98
C HIS E 39 37.00 -27.66 -20.32
N ASN E 40 38.13 -26.97 -20.46
CA ASN E 40 38.82 -26.92 -21.75
C ASN E 40 37.87 -26.47 -22.86
N ASN E 41 37.10 -25.43 -22.55
CA ASN E 41 36.14 -24.81 -23.44
C ASN E 41 35.14 -25.80 -23.98
N THR E 42 34.83 -26.80 -23.19
CA THR E 42 33.89 -27.82 -23.57
C THR E 42 32.82 -27.93 -22.50
N LEU E 43 31.56 -27.96 -22.88
CA LEU E 43 30.55 -28.05 -21.85
C LEU E 43 30.21 -29.49 -21.55
N GLN E 44 30.40 -29.84 -20.31
CA GLN E 44 30.14 -31.16 -19.80
C GLN E 44 29.18 -30.98 -18.65
N VAL E 45 28.37 -31.96 -18.33
CA VAL E 45 27.48 -31.75 -17.20
C VAL E 45 27.78 -32.74 -16.12
N SER E 46 27.97 -32.23 -14.90
CA SER E 46 28.31 -33.10 -13.77
C SER E 46 27.07 -33.56 -13.04
N ASP E 47 27.11 -34.79 -12.56
CA ASP E 47 26.03 -35.30 -11.72
C ASP E 47 26.05 -34.51 -10.42
N ILE E 48 24.88 -34.18 -9.93
CA ILE E 48 24.74 -33.35 -8.74
C ILE E 48 25.34 -33.97 -7.49
N ASP E 49 25.11 -35.26 -7.32
CA ASP E 49 25.57 -36.01 -6.18
C ASP E 49 26.83 -36.84 -6.42
N LYS E 50 27.56 -36.55 -7.48
CA LYS E 50 28.76 -37.32 -7.74
C LYS E 50 29.99 -36.66 -7.14
N LEU E 51 30.94 -37.49 -6.76
CA LEU E 51 32.20 -36.99 -6.24
C LEU E 51 33.10 -36.63 -7.40
N VAL E 52 32.79 -35.53 -8.01
CA VAL E 52 33.52 -35.16 -9.20
C VAL E 52 34.79 -34.41 -8.79
N CYS E 53 35.90 -35.16 -8.60
CA CYS E 53 37.18 -34.66 -8.07
C CYS E 53 37.92 -33.82 -9.11
N ARG E 54 37.42 -33.81 -10.34
CA ARG E 54 38.02 -32.98 -11.39
C ARG E 54 37.53 -31.54 -11.25
N ASP E 55 36.46 -31.33 -10.47
CA ASP E 55 35.86 -30.02 -10.33
C ASP E 55 36.41 -29.31 -9.11
N LYS E 56 37.08 -28.19 -9.35
CA LYS E 56 37.69 -27.41 -8.29
C LYS E 56 37.02 -26.07 -8.20
N LEU E 57 36.47 -25.82 -7.04
CA LEU E 57 35.71 -24.63 -6.73
C LEU E 57 36.33 -23.86 -5.58
N SER E 58 37.16 -22.88 -5.87
CA SER E 58 37.82 -22.16 -4.80
C SER E 58 37.00 -20.96 -4.36
N SER E 59 36.09 -20.50 -5.20
CA SER E 59 35.28 -19.35 -4.85
C SER E 59 33.90 -19.40 -5.40
N THR E 60 32.97 -18.80 -4.65
CA THR E 60 31.57 -18.72 -5.03
C THR E 60 31.42 -17.90 -6.31
N SER E 61 32.43 -17.10 -6.64
CA SER E 61 32.43 -16.27 -7.84
C SER E 61 32.49 -17.14 -9.12
N GLN E 62 32.81 -18.43 -8.98
CA GLN E 62 32.87 -19.35 -10.10
C GLN E 62 31.49 -19.91 -10.40
N LEU E 63 30.51 -19.61 -9.57
CA LEU E 63 29.18 -20.14 -9.78
C LEU E 63 28.29 -19.06 -10.34
N LYS E 64 27.77 -19.30 -11.53
CA LYS E 64 26.93 -18.30 -12.19
C LYS E 64 25.65 -18.86 -12.76
N SER E 65 24.62 -18.02 -12.74
CA SER E 65 23.36 -18.37 -13.35
C SER E 65 23.13 -17.45 -14.55
N VAL E 66 22.76 -18.07 -15.67
CA VAL E 66 22.62 -17.32 -16.90
C VAL E 66 21.23 -17.40 -17.51
N GLY E 67 20.67 -16.25 -17.83
CA GLY E 67 19.37 -16.16 -18.49
C GLY E 67 19.55 -16.17 -20.00
N LEU E 68 18.93 -17.11 -20.68
CA LEU E 68 19.08 -17.23 -22.12
C LEU E 68 17.77 -16.93 -22.79
N ASN E 69 17.81 -16.34 -23.97
CA ASN E 69 16.61 -15.95 -24.70
C ASN E 69 16.05 -17.01 -25.61
N LEU E 70 14.74 -17.00 -25.72
CA LEU E 70 14.10 -17.93 -26.64
C LEU E 70 14.06 -17.31 -28.01
N GLU E 71 15.25 -17.24 -28.59
CA GLU E 71 15.51 -16.72 -29.90
C GLU E 71 16.50 -17.68 -30.48
N GLY E 72 17.26 -18.27 -29.56
CA GLY E 72 18.39 -19.13 -29.94
C GLY E 72 17.96 -20.31 -30.79
N ASN E 73 16.76 -20.80 -30.55
CA ASN E 73 16.23 -21.93 -31.27
C ASN E 73 15.42 -21.59 -32.51
N GLY E 74 15.38 -20.33 -32.90
CA GLY E 74 14.66 -19.95 -34.09
C GLY E 74 13.16 -19.72 -33.91
N VAL E 75 12.68 -19.76 -32.67
CA VAL E 75 11.26 -19.57 -32.43
C VAL E 75 10.82 -18.20 -32.88
N ALA E 76 9.65 -18.12 -33.50
CA ALA E 76 9.12 -16.85 -33.97
C ALA E 76 8.91 -15.93 -32.79
N THR E 77 9.16 -14.66 -33.02
CA THR E 77 9.05 -13.64 -32.00
C THR E 77 7.98 -12.59 -32.26
N ASP E 78 7.03 -12.84 -33.14
CA ASP E 78 6.08 -11.78 -33.42
C ASP E 78 4.99 -11.69 -32.35
N VAL E 79 4.11 -10.74 -32.51
CA VAL E 79 3.14 -10.49 -31.48
C VAL E 79 2.08 -11.59 -31.31
N PRO E 80 1.35 -12.03 -32.35
CA PRO E 80 0.42 -13.13 -32.24
C PRO E 80 1.09 -14.38 -31.66
N THR E 81 2.35 -14.63 -32.00
CA THR E 81 3.03 -15.80 -31.49
C THR E 81 3.24 -15.68 -30.00
N ALA E 82 3.65 -14.50 -29.55
CA ALA E 82 3.83 -14.33 -28.13
C ALA E 82 2.51 -14.48 -27.38
N THR E 83 1.44 -13.95 -27.94
CA THR E 83 0.16 -14.00 -27.26
C THR E 83 -0.29 -15.43 -27.07
N LYS E 84 -0.09 -16.23 -28.09
CA LYS E 84 -0.48 -17.63 -28.10
C LYS E 84 0.29 -18.53 -27.15
N ARG E 85 1.38 -18.04 -26.57
CA ARG E 85 2.18 -18.84 -25.66
C ARG E 85 1.99 -18.43 -24.22
N TRP E 86 1.02 -17.56 -23.97
CA TRP E 86 0.72 -17.05 -22.65
C TRP E 86 -0.67 -17.47 -22.20
N GLY E 87 -0.91 -17.58 -20.90
CA GLY E 87 -2.27 -17.87 -20.46
C GLY E 87 -2.45 -17.63 -18.98
N PHE E 88 -3.61 -17.98 -18.46
CA PHE E 88 -3.86 -17.67 -17.07
C PHE E 88 -4.36 -18.77 -16.17
N ARG E 89 -3.95 -18.63 -14.92
CA ARG E 89 -4.49 -19.44 -13.84
C ARG E 89 -4.46 -18.76 -12.50
N ALA E 90 -5.57 -18.86 -11.80
CA ALA E 90 -5.70 -18.34 -10.44
C ALA E 90 -5.45 -19.46 -9.46
N GLY E 91 -5.01 -19.13 -8.25
CA GLY E 91 -4.81 -20.15 -7.23
C GLY E 91 -3.40 -20.67 -7.20
N VAL E 92 -2.54 -20.04 -7.98
CA VAL E 92 -1.14 -20.39 -8.07
C VAL E 92 -0.35 -19.12 -7.80
N PRO E 93 0.53 -19.08 -6.81
CA PRO E 93 1.31 -17.91 -6.50
C PRO E 93 2.38 -17.75 -7.55
N PRO E 94 2.87 -16.55 -7.80
CA PRO E 94 4.01 -16.26 -8.63
C PRO E 94 5.28 -16.61 -7.88
N LYS E 95 6.34 -16.86 -8.63
CA LYS E 95 7.67 -17.08 -8.07
C LYS E 95 8.72 -16.24 -8.79
N VAL E 96 9.75 -15.79 -8.05
CA VAL E 96 10.85 -15.02 -8.61
C VAL E 96 12.23 -15.61 -8.32
N VAL E 97 13.12 -15.54 -9.31
CA VAL E 97 14.50 -16.00 -9.18
C VAL E 97 15.47 -14.92 -9.65
N ASN E 98 16.72 -14.97 -9.19
CA ASN E 98 17.74 -14.02 -9.66
C ASN E 98 18.74 -14.59 -10.66
N TYR E 99 19.37 -13.72 -11.46
CA TYR E 99 20.42 -14.20 -12.35
C TYR E 99 21.58 -13.21 -12.51
N GLU E 100 22.72 -13.70 -12.98
CA GLU E 100 23.95 -12.90 -13.07
C GLU E 100 24.23 -12.28 -14.42
N ALA E 101 23.94 -13.03 -15.46
CA ALA E 101 24.26 -12.66 -16.83
C ALA E 101 23.24 -13.21 -17.75
N GLY E 102 23.20 -12.70 -18.96
CA GLY E 102 22.26 -13.26 -19.91
C GLY E 102 22.55 -12.87 -21.34
N GLU E 103 21.70 -13.35 -22.22
CA GLU E 103 21.83 -13.10 -23.65
C GLU E 103 21.19 -11.78 -24.03
N TRP E 104 21.74 -11.15 -25.06
CA TRP E 104 21.16 -9.94 -25.64
C TRP E 104 19.89 -10.34 -26.37
N ALA E 105 18.83 -9.54 -26.29
CA ALA E 105 17.63 -9.90 -27.02
C ALA E 105 17.43 -9.06 -28.25
N GLU E 106 17.09 -9.70 -29.36
CA GLU E 106 16.71 -8.93 -30.51
C GLU E 106 15.32 -8.39 -30.24
N ASN E 107 14.47 -9.23 -29.63
CA ASN E 107 13.09 -8.89 -29.36
C ASN E 107 12.69 -9.08 -27.89
N CYS E 108 11.83 -8.18 -27.41
CA CYS E 108 11.25 -8.16 -26.08
C CYS E 108 9.86 -7.54 -26.13
N TYR E 109 9.13 -7.67 -25.05
CA TYR E 109 7.76 -7.21 -25.01
C TYR E 109 7.51 -6.35 -23.83
N ASN E 110 6.54 -5.49 -23.93
CA ASN E 110 6.11 -4.70 -22.78
C ASN E 110 4.59 -4.67 -22.83
N LEU E 111 3.95 -5.44 -21.97
CA LEU E 111 2.51 -5.57 -22.05
C LEU E 111 1.80 -4.74 -20.97
N ASP E 112 0.81 -3.98 -21.41
CA ASP E 112 -0.05 -3.19 -20.54
C ASP E 112 -1.42 -3.17 -21.14
N ILE E 113 -2.10 -4.29 -21.02
CA ILE E 113 -3.38 -4.46 -21.65
C ILE E 113 -4.44 -4.41 -20.60
N LYS E 114 -5.52 -3.72 -20.92
CA LYS E 114 -6.59 -3.60 -19.98
C LYS E 114 -7.64 -4.63 -20.28
N LYS E 115 -8.38 -4.92 -19.25
CA LYS E 115 -9.47 -5.83 -19.31
C LYS E 115 -10.61 -5.08 -19.95
N ALA E 116 -11.50 -5.82 -20.55
CA ALA E 116 -12.67 -5.24 -21.16
C ALA E 116 -13.47 -4.38 -20.18
N ASP E 117 -13.47 -4.72 -18.88
CA ASP E 117 -14.23 -3.94 -17.91
C ASP E 117 -13.49 -2.72 -17.35
N GLY E 118 -12.29 -2.45 -17.86
CA GLY E 118 -11.47 -1.32 -17.46
C GLY E 118 -10.38 -1.60 -16.42
N SER E 119 -10.42 -2.77 -15.77
CA SER E 119 -9.39 -3.10 -14.79
C SER E 119 -8.14 -3.62 -15.49
N GLU E 120 -7.02 -3.66 -14.82
CA GLU E 120 -5.81 -4.18 -15.45
C GLU E 120 -5.81 -5.72 -15.57
N CYS E 121 -5.25 -6.30 -16.67
CA CYS E 121 -5.12 -7.75 -16.85
C CYS E 121 -3.88 -8.28 -16.11
N LEU E 122 -3.01 -7.37 -15.70
CA LEU E 122 -1.74 -7.72 -15.11
C LEU E 122 -1.50 -7.00 -13.78
N PRO E 123 -0.77 -7.61 -12.84
CA PRO E 123 -0.33 -7.06 -11.56
C PRO E 123 0.80 -6.04 -11.66
N GLU E 124 0.92 -5.21 -10.64
CA GLU E 124 2.03 -4.26 -10.53
C GLU E 124 3.34 -4.97 -10.30
N ALA E 125 4.41 -4.47 -10.91
CA ALA E 125 5.69 -5.06 -10.62
C ALA E 125 6.03 -4.70 -9.17
N PRO E 126 6.64 -5.59 -8.40
CA PRO E 126 7.18 -5.39 -7.07
C PRO E 126 8.31 -4.40 -7.07
N GLU E 127 8.53 -3.76 -5.95
CA GLU E 127 9.63 -2.84 -5.86
C GLU E 127 10.93 -3.57 -6.10
N GLY E 128 11.81 -2.93 -6.85
CA GLY E 128 13.11 -3.51 -7.18
C GLY E 128 13.07 -4.23 -8.53
N VAL E 129 11.88 -4.37 -9.10
CA VAL E 129 11.73 -5.05 -10.37
C VAL E 129 11.67 -4.04 -11.50
N ARG E 130 12.56 -4.22 -12.45
CA ARG E 130 12.67 -3.35 -13.61
C ARG E 130 12.71 -4.22 -14.83
N GLY E 131 12.32 -3.68 -15.97
CA GLY E 131 12.28 -4.47 -17.18
C GLY E 131 13.64 -4.76 -17.75
N PHE E 132 13.64 -5.67 -18.70
CA PHE E 132 14.83 -6.15 -19.35
C PHE E 132 15.52 -5.01 -20.11
N PRO E 133 16.77 -4.64 -19.74
CA PRO E 133 17.56 -3.53 -20.23
C PRO E 133 18.43 -3.72 -21.47
N ARG E 134 18.38 -4.87 -22.11
CA ARG E 134 19.32 -5.19 -23.19
C ARG E 134 18.61 -5.77 -24.43
N CYS E 135 17.79 -4.94 -25.11
CA CYS E 135 16.88 -5.33 -26.20
C CYS E 135 16.84 -4.33 -27.35
N ARG E 136 16.94 -4.83 -28.59
CA ARG E 136 16.87 -3.94 -29.74
C ARG E 136 15.44 -3.49 -30.13
N TYR E 137 14.49 -4.43 -30.19
CA TYR E 137 13.11 -4.10 -30.56
C TYR E 137 12.12 -4.51 -29.50
N VAL E 138 11.35 -3.55 -29.02
CA VAL E 138 10.36 -3.92 -28.02
C VAL E 138 9.00 -3.78 -28.62
N HIS E 139 8.20 -4.78 -28.40
CA HIS E 139 6.86 -4.78 -28.87
C HIS E 139 6.02 -4.42 -27.69
N LYS E 140 5.54 -3.20 -27.70
CA LYS E 140 4.76 -2.64 -26.64
C LYS E 140 3.32 -2.86 -26.99
N VAL E 141 2.60 -3.56 -26.15
CA VAL E 141 1.26 -3.94 -26.49
C VAL E 141 0.24 -3.48 -25.47
N SER E 142 -0.80 -2.87 -25.97
CA SER E 142 -1.89 -2.43 -25.12
C SER E 142 -3.19 -2.82 -25.79
N GLY E 143 -4.24 -2.03 -25.60
CA GLY E 143 -5.56 -2.38 -26.13
C GLY E 143 -6.36 -3.12 -25.07
N THR E 144 -7.41 -3.82 -25.47
CA THR E 144 -8.28 -4.48 -24.49
C THR E 144 -8.78 -5.86 -24.87
N GLY E 145 -9.20 -6.61 -23.84
CA GLY E 145 -9.88 -7.89 -24.05
C GLY E 145 -10.46 -8.48 -22.75
N PRO E 146 -11.25 -9.54 -22.85
CA PRO E 146 -11.92 -10.25 -21.76
C PRO E 146 -10.98 -11.18 -21.01
N CYS E 147 -9.98 -10.59 -20.33
CA CYS E 147 -8.96 -11.28 -19.56
C CYS E 147 -9.59 -12.02 -18.35
N PRO E 148 -9.24 -13.29 -18.13
CA PRO E 148 -9.68 -14.14 -17.05
C PRO E 148 -8.97 -13.73 -15.79
N GLU E 149 -9.41 -14.24 -14.67
CA GLU E 149 -8.71 -14.01 -13.43
C GLU E 149 -7.52 -14.93 -13.31
N GLY E 150 -6.52 -14.53 -12.54
CA GLY E 150 -5.35 -15.33 -12.34
C GLY E 150 -4.14 -14.63 -12.87
N TYR E 151 -3.02 -15.30 -12.88
CA TYR E 151 -1.82 -14.64 -13.33
C TYR E 151 -1.44 -15.05 -14.71
N ALA E 152 -0.79 -14.14 -15.41
CA ALA E 152 -0.34 -14.36 -16.77
C ALA E 152 0.92 -15.19 -16.79
N PHE E 153 0.72 -16.49 -16.78
CA PHE E 153 1.80 -17.46 -16.73
C PHE E 153 2.24 -17.91 -18.11
N HIS E 154 3.51 -18.28 -18.26
CA HIS E 154 3.97 -18.80 -19.55
C HIS E 154 3.47 -20.22 -19.81
N LYS E 155 3.03 -20.51 -21.02
CA LYS E 155 2.48 -21.80 -21.38
C LYS E 155 3.40 -22.99 -21.24
N GLU E 156 4.68 -22.82 -21.50
CA GLU E 156 5.61 -23.93 -21.41
C GLU E 156 6.37 -23.88 -20.12
N GLY E 157 5.99 -22.93 -19.27
CA GLY E 157 6.67 -22.73 -18.02
C GLY E 157 7.96 -21.96 -18.18
N ALA E 158 8.14 -21.22 -19.29
CA ALA E 158 9.39 -20.49 -19.44
C ALA E 158 9.31 -19.28 -18.53
N PHE E 159 10.45 -18.72 -18.18
CA PHE E 159 10.47 -17.56 -17.32
C PHE E 159 10.49 -16.28 -18.09
N PHE E 160 9.91 -15.26 -17.51
CA PHE E 160 9.98 -13.96 -18.11
C PHE E 160 11.24 -13.33 -17.55
N LEU E 161 12.12 -12.84 -18.43
CA LEU E 161 13.38 -12.27 -18.02
C LEU E 161 13.26 -10.77 -17.90
N TYR E 162 13.62 -10.30 -16.74
CA TYR E 162 13.61 -8.93 -16.28
C TYR E 162 15.04 -8.51 -15.92
N ASP E 163 15.22 -7.31 -15.38
CA ASP E 163 16.56 -6.81 -15.10
C ASP E 163 17.28 -7.55 -13.96
N ARG E 164 18.09 -8.52 -14.38
CA ARG E 164 18.86 -9.43 -13.52
C ARG E 164 17.97 -10.30 -12.66
N LEU E 165 16.77 -10.55 -13.14
CA LEU E 165 15.88 -11.43 -12.41
C LEU E 165 14.87 -11.99 -13.36
N ALA E 166 14.16 -12.99 -12.91
CA ALA E 166 13.18 -13.58 -13.77
C ALA E 166 12.01 -14.07 -12.95
N SER E 167 10.87 -14.19 -13.58
CA SER E 167 9.72 -14.66 -12.82
C SER E 167 8.76 -15.44 -13.65
N THR E 168 7.82 -16.06 -12.99
CA THR E 168 6.87 -16.88 -13.67
C THR E 168 5.71 -16.10 -14.28
N ILE E 169 5.57 -14.82 -13.97
CA ILE E 169 4.46 -14.05 -14.52
C ILE E 169 4.86 -12.76 -15.21
N ILE E 170 3.94 -12.26 -16.01
CA ILE E 170 4.07 -10.97 -16.68
C ILE E 170 3.57 -9.84 -15.79
N TYR E 171 4.38 -8.78 -15.64
CA TYR E 171 3.95 -7.61 -14.86
C TYR E 171 3.56 -6.45 -15.77
N ARG E 172 2.57 -5.67 -15.34
CA ARG E 172 2.12 -4.57 -16.17
C ARG E 172 3.19 -3.56 -16.44
N SER E 173 3.27 -3.17 -17.69
CA SER E 173 4.15 -2.13 -18.21
C SER E 173 5.63 -2.40 -18.00
N THR E 174 6.00 -3.63 -17.77
CA THR E 174 7.39 -3.94 -17.57
C THR E 174 7.95 -4.69 -18.76
N THR E 175 9.08 -4.24 -19.28
CA THR E 175 9.71 -4.90 -20.43
C THR E 175 10.29 -6.24 -20.03
N PHE E 176 10.08 -7.26 -20.85
CA PHE E 176 10.63 -8.57 -20.58
C PHE E 176 10.89 -9.37 -21.84
N SER E 177 11.71 -10.37 -21.71
CA SER E 177 11.92 -11.30 -22.82
C SER E 177 11.59 -12.67 -22.30
N GLU E 178 11.45 -13.66 -23.15
CA GLU E 178 11.18 -15.00 -22.60
C GLU E 178 12.48 -15.77 -22.55
N GLY E 179 12.62 -16.65 -21.54
CA GLY E 179 13.84 -17.43 -21.46
C GLY E 179 13.91 -18.54 -20.41
N VAL E 180 15.10 -19.09 -20.35
CA VAL E 180 15.47 -20.21 -19.51
C VAL E 180 16.73 -19.93 -18.72
N VAL E 181 16.96 -20.66 -17.63
CA VAL E 181 18.18 -20.41 -16.87
C VAL E 181 19.08 -21.61 -16.68
N ALA E 182 20.33 -21.44 -17.06
CA ALA E 182 21.33 -22.50 -16.88
C ALA E 182 22.24 -22.15 -15.74
N PHE E 183 22.73 -23.17 -15.08
CA PHE E 183 23.67 -22.97 -14.00
C PHE E 183 25.02 -23.58 -14.34
N LEU E 184 26.07 -22.75 -14.27
CA LEU E 184 27.43 -23.15 -14.58
C LEU E 184 28.47 -22.96 -13.51
N ILE E 185 29.45 -23.85 -13.55
CA ILE E 185 30.65 -23.78 -12.75
C ILE E 185 31.77 -23.42 -13.70
N LEU E 186 32.40 -22.30 -13.47
CA LEU E 186 33.46 -21.92 -14.36
C LEU E 186 34.79 -22.19 -13.71
N PRO E 187 35.84 -22.49 -14.48
CA PRO E 187 37.21 -22.61 -14.06
C PRO E 187 37.63 -21.19 -13.90
N GLU E 188 38.78 -20.90 -13.34
CA GLU E 188 39.12 -19.50 -13.39
C GLU E 188 39.44 -19.15 -14.82
N THR E 189 38.66 -18.23 -15.38
CA THR E 189 38.80 -17.80 -16.75
C THR E 189 38.11 -16.47 -16.92
N LYS E 190 38.58 -15.68 -17.87
CA LYS E 190 37.93 -14.41 -18.13
C LYS E 190 36.96 -14.52 -19.30
N LYS E 191 35.72 -14.93 -19.04
CA LYS E 191 34.75 -15.08 -20.13
C LYS E 191 33.61 -14.07 -20.07
N ASP E 192 33.17 -13.77 -18.85
CA ASP E 192 32.09 -12.82 -18.54
C ASP E 192 30.65 -13.15 -19.01
N PHE E 193 30.41 -14.34 -19.58
CA PHE E 193 29.10 -14.90 -20.03
C PHE E 193 27.90 -13.92 -20.02
N THR E 215 17.64 1.92 -29.94
CA THR E 215 16.65 0.86 -29.88
C THR E 215 15.30 1.50 -30.25
N VAL E 216 14.28 0.67 -30.63
CA VAL E 216 12.94 1.17 -31.06
C VAL E 216 11.78 0.50 -30.38
N THR E 217 10.64 1.20 -30.42
CA THR E 217 9.39 0.66 -29.91
C THR E 217 8.33 0.55 -30.98
N LEU E 218 7.80 -0.63 -31.08
CA LEU E 218 6.75 -0.98 -31.98
C LEU E 218 5.49 -1.05 -31.14
N ASN E 219 4.53 -0.19 -31.45
CA ASN E 219 3.29 -0.09 -30.68
C ASN E 219 2.15 -0.86 -31.30
N TYR E 220 1.55 -1.75 -30.53
CA TYR E 220 0.45 -2.55 -31.02
C TYR E 220 -0.78 -2.43 -30.15
N VAL E 221 -1.94 -2.54 -30.77
CA VAL E 221 -3.19 -2.49 -30.03
C VAL E 221 -3.94 -3.79 -30.15
N ALA E 222 -4.20 -4.43 -29.03
CA ALA E 222 -4.92 -5.68 -28.95
C ALA E 222 -6.41 -5.48 -28.98
N ASP E 223 -7.09 -6.49 -29.47
CA ASP E 223 -8.53 -6.52 -29.54
C ASP E 223 -9.05 -7.93 -29.31
N ASN E 224 -9.67 -8.13 -28.14
CA ASN E 224 -10.23 -9.39 -27.61
C ASN E 224 -9.19 -10.39 -27.12
N PHE E 225 -7.97 -9.90 -27.05
CA PHE E 225 -6.80 -10.55 -26.48
C PHE E 225 -6.90 -12.06 -26.20
N GLY E 226 -6.75 -12.89 -27.23
CA GLY E 226 -6.71 -14.34 -27.06
C GLY E 226 -8.01 -15.09 -27.31
N THR E 227 -9.12 -14.41 -27.47
CA THR E 227 -10.36 -15.13 -27.72
C THR E 227 -10.41 -15.55 -29.19
N ASN E 228 -9.84 -16.73 -29.49
CA ASN E 228 -9.61 -17.35 -30.82
C ASN E 228 -8.48 -16.60 -31.55
N MET E 229 -8.65 -15.28 -31.75
CA MET E 229 -7.68 -14.39 -32.38
C MET E 229 -7.74 -13.04 -31.73
N THR E 230 -6.66 -12.31 -31.87
CA THR E 230 -6.62 -10.96 -31.39
C THR E 230 -6.49 -10.08 -32.62
N ASN E 231 -7.36 -9.10 -32.77
CA ASN E 231 -7.28 -8.30 -33.97
C ASN E 231 -6.32 -7.17 -33.78
N PHE E 232 -5.05 -7.52 -33.79
CA PHE E 232 -4.03 -6.55 -33.53
C PHE E 232 -3.85 -5.54 -34.63
N LEU E 233 -3.65 -4.30 -34.22
CA LEU E 233 -3.31 -3.26 -35.15
C LEU E 233 -1.92 -2.75 -34.85
N PHE E 234 -1.20 -2.41 -35.90
CA PHE E 234 0.09 -1.79 -35.74
C PHE E 234 -0.11 -0.30 -35.77
N GLN E 235 0.36 0.38 -34.75
CA GLN E 235 0.15 1.80 -34.67
C GLN E 235 1.26 2.55 -35.36
N VAL E 236 0.87 3.44 -36.27
CA VAL E 236 1.82 4.27 -36.98
C VAL E 236 1.84 5.62 -36.26
N ASP E 237 0.65 6.08 -35.92
CA ASP E 237 0.36 7.29 -35.14
C ASP E 237 -0.97 6.95 -34.46
N HIS E 238 -1.57 7.85 -33.70
CA HIS E 238 -2.80 7.52 -32.98
C HIS E 238 -4.05 7.38 -33.86
N LEU E 239 -3.95 7.84 -35.09
CA LEU E 239 -5.03 7.80 -36.04
C LEU E 239 -4.81 6.76 -37.14
N THR E 240 -3.55 6.57 -37.47
CA THR E 240 -3.13 5.71 -38.57
C THR E 240 -2.72 4.35 -38.07
N TYR E 241 -3.42 3.35 -38.58
CA TYR E 241 -3.19 1.97 -38.22
C TYR E 241 -3.04 1.10 -39.42
N VAL E 242 -2.28 0.05 -39.25
CA VAL E 242 -2.18 -0.96 -40.27
C VAL E 242 -2.58 -2.26 -39.62
N GLN E 243 -3.49 -3.00 -40.21
CA GLN E 243 -3.88 -4.24 -39.57
C GLN E 243 -2.69 -5.17 -39.55
N LEU E 244 -2.40 -5.76 -38.40
CA LEU E 244 -1.23 -6.62 -38.29
C LEU E 244 -1.43 -7.98 -38.93
N GLU E 245 -0.41 -8.41 -39.64
CA GLU E 245 -0.36 -9.72 -40.25
C GLU E 245 0.97 -10.36 -39.85
N PRO E 246 1.00 -11.63 -39.41
CA PRO E 246 2.17 -12.34 -38.91
C PRO E 246 3.10 -12.81 -40.03
N ARG E 247 3.59 -11.83 -40.75
CA ARG E 247 4.54 -12.00 -41.81
C ARG E 247 5.51 -10.87 -41.62
N PHE E 248 5.05 -9.87 -40.86
CA PHE E 248 5.87 -8.70 -40.72
C PHE E 248 6.78 -8.77 -39.54
N THR E 249 8.06 -8.71 -39.84
CA THR E 249 9.12 -8.80 -38.89
C THR E 249 9.29 -7.43 -38.29
N PRO E 250 9.99 -7.27 -37.16
CA PRO E 250 10.28 -5.99 -36.53
C PRO E 250 10.93 -5.03 -37.50
N GLN E 251 11.74 -5.58 -38.41
CA GLN E 251 12.42 -4.78 -39.39
C GLN E 251 11.48 -4.32 -40.45
N PHE E 252 10.53 -5.17 -40.84
CA PHE E 252 9.64 -4.76 -41.89
C PHE E 252 8.74 -3.71 -41.34
N LEU E 253 8.35 -3.82 -40.08
CA LEU E 253 7.46 -2.84 -39.51
C LEU E 253 8.14 -1.50 -39.44
N VAL E 254 9.43 -1.47 -39.09
CA VAL E 254 10.11 -0.20 -39.07
C VAL E 254 10.22 0.36 -40.47
N GLN E 255 10.57 -0.48 -41.43
CA GLN E 255 10.73 0.00 -42.80
C GLN E 255 9.42 0.53 -43.35
N LEU E 256 8.32 -0.13 -43.01
CA LEU E 256 7.01 0.34 -43.44
C LEU E 256 6.71 1.71 -42.83
N ASN E 257 7.05 1.91 -41.52
CA ASN E 257 6.87 3.16 -40.79
C ASN E 257 7.73 4.30 -41.39
N GLU E 258 9.00 3.98 -41.80
CA GLU E 258 9.93 4.91 -42.43
C GLU E 258 9.41 5.36 -43.76
N THR E 259 8.82 4.42 -44.50
CA THR E 259 8.24 4.73 -45.78
C THR E 259 7.05 5.65 -45.60
N ILE E 260 6.20 5.39 -44.62
CA ILE E 260 5.02 6.21 -44.39
C ILE E 260 5.39 7.64 -44.11
N TYR E 261 6.43 7.85 -43.32
CA TYR E 261 6.80 9.21 -43.02
C TYR E 261 7.86 9.77 -43.98
N THR E 262 8.20 9.03 -45.06
CA THR E 262 9.16 9.52 -46.04
C THR E 262 8.66 10.80 -46.63
N ASN E 263 7.36 10.85 -46.87
CA ASN E 263 6.72 12.01 -47.41
C ASN E 263 5.61 12.45 -46.46
N GLY E 264 5.87 12.47 -45.15
CA GLY E 264 4.80 12.85 -44.25
C GLY E 264 5.24 13.10 -42.82
N ARG E 265 4.24 13.32 -41.97
CA ARG E 265 4.40 13.66 -40.58
C ARG E 265 3.12 13.43 -39.82
N ARG E 266 3.18 13.54 -38.52
CA ARG E 266 1.97 13.50 -37.72
C ARG E 266 1.34 14.88 -37.77
N SER E 267 0.00 14.93 -37.73
CA SER E 267 -0.75 16.18 -37.75
C SER E 267 -1.63 16.40 -36.53
N ASN E 268 -2.88 15.95 -36.57
CA ASN E 268 -3.78 16.28 -35.49
C ASN E 268 -4.95 15.32 -35.14
N THR E 269 -6.01 15.27 -35.95
CA THR E 269 -7.26 14.70 -35.46
C THR E 269 -7.94 13.57 -36.21
N THR E 270 -8.66 12.80 -35.40
CA THR E 270 -9.65 11.75 -35.65
C THR E 270 -9.83 11.05 -37.01
N GLY E 271 -8.82 10.95 -37.87
CA GLY E 271 -9.02 10.22 -39.11
C GLY E 271 -9.41 8.76 -38.91
N THR E 272 -8.81 8.11 -37.89
CA THR E 272 -9.04 6.71 -37.49
C THR E 272 -9.26 5.78 -38.69
N LEU E 273 -8.20 5.57 -39.44
CA LEU E 273 -8.23 4.76 -40.65
C LEU E 273 -7.27 3.58 -40.54
N ILE E 274 -7.79 2.38 -40.85
CA ILE E 274 -6.97 1.18 -40.80
C ILE E 274 -6.64 0.69 -42.19
N TRP E 275 -5.37 0.56 -42.46
CA TRP E 275 -4.85 0.16 -43.73
C TRP E 275 -4.47 -1.31 -43.78
N LYS E 276 -4.59 -1.89 -44.95
CA LYS E 276 -4.16 -3.26 -45.17
C LYS E 276 -2.99 -3.25 -46.12
N VAL E 277 -2.17 -4.26 -46.07
CA VAL E 277 -1.07 -4.34 -47.00
C VAL E 277 -1.53 -5.08 -48.23
N ASN E 278 -1.07 -4.67 -49.40
CA ASN E 278 -1.38 -5.49 -50.54
C ASN E 278 -0.66 -6.80 -50.26
N PRO E 279 -1.32 -7.96 -50.29
CA PRO E 279 -0.73 -9.27 -50.02
C PRO E 279 0.53 -9.66 -50.83
N THR E 280 0.75 -9.03 -52.03
CA THR E 280 1.86 -9.29 -52.95
C THR E 280 3.19 -8.94 -52.26
N GLN F 20 -0.65 17.82 -60.39
CA GLN F 20 -1.63 16.78 -60.69
C GLN F 20 -1.13 16.06 -61.95
N VAL F 21 -1.90 15.05 -62.41
CA VAL F 21 -1.57 14.18 -63.55
C VAL F 21 -2.68 14.11 -64.51
N GLN F 22 -2.41 13.64 -65.71
CA GLN F 22 -3.54 13.42 -66.56
C GLN F 22 -4.14 12.12 -66.16
N LEU F 23 -5.39 12.16 -65.78
CA LEU F 23 -6.11 10.97 -65.38
C LEU F 23 -6.72 10.41 -66.65
N VAL F 24 -6.42 9.15 -66.93
CA VAL F 24 -6.86 8.50 -68.16
C VAL F 24 -7.69 7.31 -67.81
N GLN F 25 -8.93 7.20 -68.31
CA GLN F 25 -9.77 6.06 -67.93
C GLN F 25 -10.12 5.15 -69.10
N SER F 26 -10.37 3.87 -68.78
CA SER F 26 -10.78 2.86 -69.77
C SER F 26 -12.22 3.03 -70.27
N GLY F 27 -12.54 2.35 -71.37
CA GLY F 27 -13.87 2.42 -71.97
C GLY F 27 -14.95 1.75 -71.14
N ALA F 28 -16.19 2.23 -71.34
CA ALA F 28 -17.39 1.74 -70.68
C ALA F 28 -17.81 0.39 -71.22
N GLU F 29 -18.48 -0.39 -70.39
CA GLU F 29 -18.98 -1.70 -70.82
C GLU F 29 -20.17 -2.21 -70.01
N VAL F 30 -20.87 -3.18 -70.61
CA VAL F 30 -22.02 -3.83 -70.00
C VAL F 30 -21.76 -5.33 -69.89
N LYS F 31 -21.89 -5.87 -68.69
CA LYS F 31 -21.69 -7.31 -68.48
C LYS F 31 -22.97 -8.00 -68.09
N LYS F 32 -23.01 -9.31 -68.16
CA LYS F 32 -24.19 -9.95 -67.63
C LYS F 32 -24.04 -9.88 -66.11
N PRO F 33 -25.11 -9.74 -65.33
CA PRO F 33 -25.03 -9.71 -63.89
C PRO F 33 -24.30 -10.95 -63.40
N GLY F 34 -23.44 -10.75 -62.42
CA GLY F 34 -22.63 -11.81 -61.81
C GLY F 34 -21.23 -11.84 -62.40
N SER F 35 -21.02 -11.14 -63.50
CA SER F 35 -19.73 -11.07 -64.17
C SER F 35 -18.83 -10.08 -63.49
N SER F 36 -17.54 -10.14 -63.81
CA SER F 36 -16.63 -9.17 -63.22
C SER F 36 -16.13 -8.17 -64.25
N VAL F 37 -15.86 -6.97 -63.78
CA VAL F 37 -15.26 -5.91 -64.59
C VAL F 37 -13.95 -5.40 -64.04
N LYS F 38 -12.94 -5.37 -64.89
CA LYS F 38 -11.68 -4.81 -64.45
C LYS F 38 -11.64 -3.37 -64.91
N VAL F 39 -11.69 -2.47 -63.96
CA VAL F 39 -11.75 -1.05 -64.20
C VAL F 39 -10.36 -0.52 -64.08
N SER F 40 -9.93 0.30 -65.00
CA SER F 40 -8.58 0.81 -64.86
C SER F 40 -8.45 2.26 -65.30
N CYS F 41 -7.38 2.92 -64.77
CA CYS F 41 -7.01 4.30 -65.04
C CYS F 41 -5.49 4.47 -65.17
N ARG F 42 -5.00 4.51 -66.40
CA ARG F 42 -3.56 4.65 -66.61
C ARG F 42 -3.18 6.10 -66.67
N ALA F 43 -3.26 6.71 -65.52
CA ALA F 43 -2.95 8.10 -65.35
C ALA F 43 -1.45 8.29 -65.41
N SER F 44 -1.02 9.48 -65.78
CA SER F 44 0.40 9.80 -65.79
C SER F 44 0.88 10.10 -64.38
N GLY F 45 2.20 10.26 -64.21
CA GLY F 45 2.80 10.67 -62.93
C GLY F 45 3.46 9.55 -62.13
N ASP F 46 4.78 9.51 -62.19
CA ASP F 46 5.56 8.52 -61.46
C ASP F 46 5.73 8.90 -60.00
N SER F 47 5.91 10.20 -59.79
CA SER F 47 6.17 10.85 -58.49
C SER F 47 4.96 10.78 -57.58
N PHE F 48 3.85 10.51 -58.20
CA PHE F 48 2.58 10.41 -57.55
C PHE F 48 2.57 9.17 -56.69
N SER F 49 3.48 8.23 -56.94
CA SER F 49 3.56 7.01 -56.15
C SER F 49 3.89 7.34 -54.68
N ARG F 50 4.55 8.49 -54.43
CA ARG F 50 4.89 8.87 -53.06
C ARG F 50 4.11 10.09 -52.60
N LYS F 51 3.64 10.91 -53.54
CA LYS F 51 2.96 12.14 -53.17
C LYS F 51 1.44 12.06 -53.03
N TYR F 52 0.78 11.17 -53.78
CA TYR F 52 -0.67 11.09 -53.76
C TYR F 52 -1.21 9.68 -53.68
N GLY F 53 -2.35 9.52 -53.07
CA GLY F 53 -3.01 8.27 -53.08
C GLY F 53 -3.82 8.20 -54.34
N ILE F 54 -4.02 7.01 -54.80
CA ILE F 54 -4.87 6.79 -55.94
C ILE F 54 -6.20 6.51 -55.36
N SER F 55 -7.19 7.29 -55.68
CA SER F 55 -8.48 7.05 -55.07
C SER F 55 -9.53 6.73 -56.09
N TRP F 56 -10.51 5.95 -55.64
CA TRP F 56 -11.66 5.62 -56.45
C TRP F 56 -12.99 5.83 -55.77
N VAL F 57 -13.97 6.24 -56.59
CA VAL F 57 -15.36 6.35 -56.19
C VAL F 57 -16.30 5.65 -57.16
N ARG F 58 -17.52 5.41 -56.67
CA ARG F 58 -18.62 4.84 -57.44
C ARG F 58 -19.78 5.80 -57.58
N GLN F 59 -19.88 6.53 -58.70
CA GLN F 59 -20.97 7.50 -58.75
C GLN F 59 -22.21 6.89 -59.34
N ALA F 60 -22.98 6.27 -58.49
CA ALA F 60 -24.20 5.61 -58.94
C ALA F 60 -25.13 6.71 -59.43
N PRO F 61 -26.01 6.48 -60.41
CA PRO F 61 -26.94 7.47 -60.86
C PRO F 61 -27.75 8.04 -59.71
N GLY F 62 -27.85 9.36 -59.68
CA GLY F 62 -28.60 10.09 -58.65
C GLY F 62 -27.77 10.35 -57.39
N GLN F 63 -26.56 9.79 -57.35
CA GLN F 63 -25.67 9.89 -56.21
C GLN F 63 -24.44 10.74 -56.49
N GLY F 64 -23.80 11.19 -55.42
CA GLY F 64 -22.51 11.86 -55.54
C GLY F 64 -21.37 10.83 -55.55
N PHE F 65 -20.18 11.27 -55.28
CA PHE F 65 -19.00 10.43 -55.45
C PHE F 65 -18.66 9.49 -54.29
N GLU F 66 -19.45 8.44 -54.15
CA GLU F 66 -19.30 7.48 -53.05
C GLU F 66 -17.90 6.87 -52.98
N TRP F 67 -17.26 6.96 -51.82
CA TRP F 67 -15.89 6.45 -51.68
C TRP F 67 -15.78 4.95 -51.70
N MET F 68 -14.82 4.46 -52.47
CA MET F 68 -14.60 3.02 -52.51
C MET F 68 -13.32 2.63 -51.84
N GLY F 69 -12.25 3.39 -52.09
CA GLY F 69 -10.95 3.03 -51.56
C GLY F 69 -9.79 3.85 -52.10
N THR F 70 -8.60 3.59 -51.56
CA THR F 70 -7.40 4.29 -51.99
C THR F 70 -6.09 3.47 -51.83
N ILE F 71 -5.11 3.78 -52.69
CA ILE F 71 -3.81 3.11 -52.76
C ILE F 71 -2.63 4.05 -52.57
N MET F 72 -1.63 3.61 -51.79
CA MET F 72 -0.39 4.34 -51.58
C MET F 72 0.79 3.50 -52.08
N PRO F 73 1.10 3.49 -53.42
CA PRO F 73 2.06 2.62 -54.12
C PRO F 73 3.45 2.60 -53.50
N ILE F 74 3.91 3.71 -52.94
CA ILE F 74 5.24 3.69 -52.34
C ILE F 74 5.35 2.68 -51.22
N VAL F 75 4.25 2.41 -50.52
CA VAL F 75 4.24 1.41 -49.47
C VAL F 75 3.64 0.15 -50.08
N GLY F 76 2.66 0.34 -50.97
CA GLY F 76 1.89 -0.77 -51.52
C GLY F 76 0.79 -1.09 -50.54
N LEU F 77 0.33 -0.04 -49.87
CA LEU F 77 -0.69 -0.10 -48.83
C LEU F 77 -2.04 0.32 -49.39
N THR F 78 -3.12 -0.37 -49.00
CA THR F 78 -4.45 -0.01 -49.48
C THR F 78 -5.53 0.05 -48.40
N THR F 79 -6.61 0.73 -48.71
CA THR F 79 -7.75 0.75 -47.81
C THR F 79 -9.04 0.89 -48.59
N SER F 80 -10.13 0.41 -48.01
CA SER F 80 -11.41 0.49 -48.69
C SER F 80 -12.62 0.55 -47.78
N ALA F 81 -13.74 0.97 -48.35
CA ALA F 81 -15.03 1.06 -47.66
C ALA F 81 -15.59 -0.31 -47.38
N GLN F 82 -16.34 -0.42 -46.29
CA GLN F 82 -16.92 -1.69 -45.88
C GLN F 82 -17.91 -2.24 -46.90
N LYS F 83 -18.44 -1.34 -47.72
CA LYS F 83 -19.43 -1.62 -48.72
C LYS F 83 -18.92 -2.51 -49.82
N PHE F 84 -17.61 -2.55 -49.98
CA PHE F 84 -17.00 -3.32 -51.03
C PHE F 84 -16.11 -4.42 -50.49
N GLN F 85 -16.28 -4.78 -49.22
CA GLN F 85 -15.40 -5.82 -48.74
C GLN F 85 -15.85 -7.10 -49.38
N GLY F 86 -14.91 -7.82 -49.97
CA GLY F 86 -15.23 -9.08 -50.61
C GLY F 86 -15.78 -8.87 -52.03
N ARG F 87 -15.88 -7.61 -52.46
CA ARG F 87 -16.42 -7.33 -53.78
C ARG F 87 -15.43 -6.61 -54.65
N VAL F 88 -14.72 -5.62 -54.13
CA VAL F 88 -13.84 -4.92 -55.04
C VAL F 88 -12.38 -4.96 -54.63
N THR F 89 -11.56 -5.48 -55.53
CA THR F 89 -10.13 -5.54 -55.30
C THR F 89 -9.57 -4.18 -55.65
N ILE F 90 -8.75 -3.61 -54.79
CA ILE F 90 -8.12 -2.33 -55.08
C ILE F 90 -6.61 -2.51 -55.24
N THR F 91 -6.08 -2.20 -56.42
CA THR F 91 -4.65 -2.36 -56.66
C THR F 91 -4.14 -1.42 -57.74
N ALA F 92 -2.86 -1.48 -58.03
CA ALA F 92 -2.27 -0.64 -59.07
C ALA F 92 -0.96 -1.24 -59.58
N ASP F 93 -0.60 -0.87 -60.80
CA ASP F 93 0.69 -1.23 -61.35
C ASP F 93 1.65 -0.09 -61.06
N LYS F 94 2.47 -0.30 -60.07
CA LYS F 94 3.37 0.71 -59.57
C LYS F 94 4.30 1.25 -60.64
N SER F 95 4.71 0.40 -61.59
CA SER F 95 5.66 0.82 -62.60
C SER F 95 5.06 1.69 -63.70
N THR F 96 3.73 1.68 -63.86
CA THR F 96 3.09 2.47 -64.90
C THR F 96 2.12 3.46 -64.29
N SER F 97 1.94 3.37 -62.97
CA SER F 97 1.01 4.14 -62.17
C SER F 97 -0.41 3.95 -62.68
N THR F 98 -0.73 2.69 -63.00
CA THR F 98 -2.06 2.39 -63.51
C THR F 98 -2.90 1.86 -62.40
N ALA F 99 -4.00 2.51 -62.16
CA ALA F 99 -4.88 2.08 -61.11
C ALA F 99 -5.78 0.98 -61.63
N HIS F 100 -6.09 -0.01 -60.81
CA HIS F 100 -7.00 -1.06 -61.20
C HIS F 100 -8.01 -1.45 -60.13
N MET F 101 -9.21 -1.83 -60.55
CA MET F 101 -10.15 -2.38 -59.60
C MET F 101 -10.81 -3.60 -60.17
N GLU F 102 -11.10 -4.57 -59.30
CA GLU F 102 -11.85 -5.74 -59.77
C GLU F 102 -13.25 -5.77 -59.22
N LEU F 103 -14.22 -5.39 -60.04
CA LEU F 103 -15.58 -5.29 -59.57
C LEU F 103 -16.22 -6.65 -59.73
N ASN F 104 -16.08 -7.48 -58.71
CA ASN F 104 -16.53 -8.86 -58.80
C ASN F 104 -18.01 -8.98 -58.53
N SER F 105 -18.64 -10.00 -59.13
CA SER F 105 -20.05 -10.29 -58.93
C SER F 105 -20.88 -9.04 -59.12
N LEU F 106 -20.64 -8.35 -60.23
CA LEU F 106 -21.25 -7.08 -60.57
C LEU F 106 -22.76 -7.18 -60.67
N THR F 107 -23.45 -6.23 -60.06
CA THR F 107 -24.90 -6.23 -60.13
C THR F 107 -25.51 -4.92 -60.62
N SER F 108 -26.83 -4.87 -60.69
CA SER F 108 -27.53 -3.68 -61.20
C SER F 108 -27.35 -2.48 -60.30
N GLU F 109 -27.11 -2.73 -59.03
CA GLU F 109 -26.93 -1.70 -58.04
C GLU F 109 -25.56 -1.08 -58.14
N ASP F 110 -24.69 -1.66 -58.95
CA ASP F 110 -23.35 -1.17 -59.14
C ASP F 110 -23.26 -0.33 -60.38
N THR F 111 -24.41 -0.01 -60.99
CA THR F 111 -24.32 0.85 -62.14
C THR F 111 -23.78 2.15 -61.64
N ALA F 112 -22.69 2.59 -62.23
CA ALA F 112 -22.08 3.82 -61.80
C ALA F 112 -21.04 4.30 -62.75
N ILE F 113 -20.69 5.57 -62.62
CA ILE F 113 -19.54 6.04 -63.33
C ILE F 113 -18.40 5.90 -62.34
N TYR F 114 -17.41 5.14 -62.72
CA TYR F 114 -16.30 4.92 -61.82
C TYR F 114 -15.22 5.92 -62.16
N TYR F 115 -14.66 6.52 -61.12
CA TYR F 115 -13.65 7.54 -61.30
C TYR F 115 -12.40 7.35 -60.48
N CYS F 116 -11.24 7.76 -61.05
CA CYS F 116 -9.93 7.84 -60.44
C CYS F 116 -9.59 9.31 -60.15
N ALA F 117 -8.81 9.52 -59.09
CA ALA F 117 -8.32 10.86 -58.70
C ALA F 117 -7.06 10.79 -57.86
N ARG F 118 -6.38 11.93 -57.70
CA ARG F 118 -5.18 11.97 -56.86
C ARG F 118 -5.28 12.84 -55.60
N ASP F 119 -5.37 12.16 -54.46
CA ASP F 119 -5.55 12.78 -53.14
C ASP F 119 -4.24 12.82 -52.39
N GLU F 120 -3.87 13.94 -51.82
CA GLU F 120 -2.57 13.98 -51.15
C GLU F 120 -2.49 12.85 -50.12
N ILE F 121 -1.31 12.20 -50.02
CA ILE F 121 -1.15 11.03 -49.14
C ILE F 121 -1.94 11.20 -47.88
N ILE F 122 -2.72 10.17 -47.56
CA ILE F 122 -3.67 10.24 -46.49
C ILE F 122 -3.17 9.88 -45.10
N GLY F 123 -2.44 8.77 -44.90
CA GLY F 123 -2.15 8.46 -43.49
C GLY F 123 -3.53 8.30 -42.90
N ALA F 124 -3.85 9.09 -41.90
CA ALA F 124 -5.15 9.07 -41.29
C ALA F 124 -5.43 10.49 -40.87
N ARG F 125 -5.22 11.42 -41.79
CA ARG F 125 -5.40 12.83 -41.50
C ARG F 125 -6.27 13.41 -42.63
N PRO F 126 -6.82 14.64 -42.49
CA PRO F 126 -7.62 15.32 -43.49
C PRO F 126 -6.90 15.53 -44.84
N HIS F 127 -7.55 15.10 -45.94
CA HIS F 127 -7.00 15.20 -47.32
C HIS F 127 -8.01 15.27 -48.46
N TRP F 128 -7.59 15.88 -49.57
CA TRP F 128 -8.42 16.04 -50.77
C TRP F 128 -7.59 15.97 -52.05
N PHE F 129 -8.28 15.89 -53.20
CA PHE F 129 -7.68 15.88 -54.54
C PHE F 129 -7.93 17.21 -55.22
N ASP F 130 -7.08 17.60 -56.17
CA ASP F 130 -7.39 18.84 -56.85
C ASP F 130 -8.02 18.50 -58.21
N SER F 131 -7.53 17.38 -58.79
CA SER F 131 -7.95 16.87 -60.09
C SER F 131 -8.76 15.59 -59.96
N TRP F 132 -9.52 15.32 -60.99
CA TRP F 132 -10.40 14.17 -61.03
C TRP F 132 -10.60 13.79 -62.50
N GLY F 133 -10.75 12.50 -62.79
CA GLY F 133 -10.94 12.06 -64.17
C GLY F 133 -12.38 12.17 -64.69
N GLN F 134 -12.58 11.76 -65.94
CA GLN F 134 -13.91 11.81 -66.53
C GLN F 134 -14.73 10.61 -66.12
N GLY F 135 -14.03 9.53 -65.88
CA GLY F 135 -14.63 8.30 -65.41
C GLY F 135 -15.21 7.50 -66.52
N THR F 136 -15.77 6.35 -66.17
CA THR F 136 -16.35 5.51 -67.19
C THR F 136 -17.52 4.71 -66.65
N LEU F 137 -18.49 4.43 -67.50
CA LEU F 137 -19.65 3.67 -67.06
C LEU F 137 -19.49 2.17 -67.06
N VAL F 138 -19.85 1.60 -65.93
CA VAL F 138 -19.88 0.18 -65.81
C VAL F 138 -21.28 -0.23 -65.38
N THR F 139 -21.89 -1.13 -66.15
CA THR F 139 -23.23 -1.60 -65.79
C THR F 139 -23.45 -3.06 -66.20
N VAL F 140 -24.69 -3.52 -66.04
CA VAL F 140 -25.04 -4.90 -66.37
C VAL F 140 -26.28 -4.98 -67.26
N SER F 141 -26.44 -6.13 -67.98
CA SER F 141 -27.55 -6.51 -68.85
C SER F 141 -27.95 -5.38 -69.82
N GLU G 19 -15.09 8.91 -39.25
CA GLU G 19 -16.32 9.08 -40.01
C GLU G 19 -16.88 10.50 -39.86
N ILE G 20 -17.26 11.09 -41.02
CA ILE G 20 -17.90 12.41 -41.19
C ILE G 20 -19.22 12.47 -41.96
N VAL G 21 -20.05 13.49 -41.62
CA VAL G 21 -21.34 13.75 -42.26
C VAL G 21 -21.53 15.20 -42.77
N MET G 22 -21.98 15.32 -44.03
CA MET G 22 -22.24 16.58 -44.74
C MET G 22 -23.60 16.52 -45.45
N THR G 23 -24.27 17.67 -45.56
CA THR G 23 -25.57 17.79 -46.24
C THR G 23 -25.50 18.55 -47.58
N GLN G 24 -26.66 18.74 -48.20
CA GLN G 24 -26.83 19.43 -49.49
C GLN G 24 -27.71 20.66 -49.32
N SER G 25 -27.24 21.84 -49.71
CA SER G 25 -28.12 22.99 -49.55
C SER G 25 -27.75 24.22 -50.36
N PRO G 26 -28.67 24.73 -51.19
CA PRO G 26 -29.98 24.26 -51.59
C PRO G 26 -29.78 23.13 -52.59
N ALA G 27 -30.79 22.33 -52.89
CA ALA G 27 -30.50 21.39 -53.96
C ALA G 27 -30.22 22.12 -55.29
N ILE G 28 -30.97 23.19 -55.53
CA ILE G 28 -30.84 24.02 -56.73
C ILE G 28 -30.85 25.49 -56.33
N MET G 29 -29.98 26.29 -56.93
CA MET G 29 -29.97 27.73 -56.69
C MET G 29 -30.21 28.46 -58.01
N SER G 30 -30.96 29.55 -57.96
CA SER G 30 -31.21 30.34 -59.16
C SER G 30 -30.33 31.55 -59.17
N VAL G 31 -29.46 31.60 -60.15
CA VAL G 31 -28.50 32.65 -60.27
C VAL G 31 -28.50 33.23 -61.66
N SER G 32 -29.02 34.42 -61.84
CA SER G 32 -28.93 35.02 -63.15
C SER G 32 -27.46 35.31 -63.29
N PRO G 33 -26.86 35.22 -64.48
CA PRO G 33 -25.46 35.49 -64.64
C PRO G 33 -25.22 36.93 -64.21
N GLY G 34 -24.12 37.14 -63.52
CA GLY G 34 -23.74 38.44 -63.00
C GLY G 34 -24.11 38.59 -61.53
N LYS G 35 -24.92 37.67 -61.01
CA LYS G 35 -25.31 37.70 -59.61
C LYS G 35 -24.39 36.81 -58.81
N ARG G 36 -24.36 37.01 -57.50
CA ARG G 36 -23.54 36.18 -56.65
C ARG G 36 -24.27 34.92 -56.21
N ALA G 37 -23.66 33.78 -56.48
CA ALA G 37 -24.21 32.48 -56.13
C ALA G 37 -23.83 32.10 -54.72
N THR G 38 -24.72 31.43 -53.98
CA THR G 38 -24.34 30.94 -52.65
C THR G 38 -24.65 29.46 -52.42
N LEU G 39 -23.65 28.74 -51.92
CA LEU G 39 -23.72 27.34 -51.49
C LEU G 39 -23.55 27.26 -49.97
N SER G 40 -24.46 26.57 -49.30
CA SER G 40 -24.38 26.49 -47.84
C SER G 40 -24.00 25.07 -47.37
N CYS G 41 -22.81 24.93 -46.75
CA CYS G 41 -22.27 23.65 -46.31
C CYS G 41 -22.44 23.51 -44.80
N ARG G 42 -23.22 22.52 -44.39
CA ARG G 42 -23.48 22.30 -42.96
C ARG G 42 -23.08 20.90 -42.51
N ALA G 43 -21.93 20.83 -41.84
CA ALA G 43 -21.37 19.58 -41.37
C ALA G 43 -21.95 19.23 -40.02
N SER G 44 -21.86 17.98 -39.63
CA SER G 44 -22.26 17.56 -38.29
C SER G 44 -21.08 17.65 -37.32
N GLN G 45 -19.92 18.02 -37.84
CA GLN G 45 -18.66 18.12 -37.11
C GLN G 45 -18.04 19.51 -37.23
N SER G 46 -17.22 19.90 -36.26
CA SER G 46 -16.58 21.22 -36.27
C SER G 46 -15.36 21.24 -37.18
N VAL G 47 -15.64 21.22 -38.47
CA VAL G 47 -14.64 21.04 -39.52
C VAL G 47 -14.50 22.12 -40.58
N SER G 48 -14.84 23.37 -40.34
CA SER G 48 -14.79 24.37 -41.43
C SER G 48 -13.40 24.56 -42.03
N SER G 49 -12.36 24.12 -41.32
CA SER G 49 -10.97 24.19 -41.75
C SER G 49 -10.50 22.96 -42.55
N ASN G 50 -11.37 21.95 -42.67
CA ASN G 50 -11.06 20.69 -43.36
C ASN G 50 -12.08 20.32 -44.45
N LEU G 51 -12.52 21.34 -45.17
CA LEU G 51 -13.50 21.21 -46.24
C LEU G 51 -12.92 21.51 -47.63
N ALA G 52 -13.61 21.06 -48.66
CA ALA G 52 -13.19 21.37 -50.01
C ALA G 52 -14.39 21.60 -50.90
N TRP G 53 -14.24 22.51 -51.86
CA TRP G 53 -15.36 22.79 -52.73
C TRP G 53 -14.97 22.59 -54.15
N TYR G 54 -15.88 21.94 -54.87
CA TYR G 54 -15.62 21.63 -56.27
C TYR G 54 -16.68 22.08 -57.26
N GLN G 55 -16.21 22.48 -58.43
CA GLN G 55 -17.05 22.89 -59.54
C GLN G 55 -17.21 21.81 -60.57
N ARG G 56 -18.41 21.27 -60.73
CA ARG G 56 -18.59 20.22 -61.71
C ARG G 56 -19.55 20.55 -62.83
N LYS G 57 -18.99 20.80 -63.98
CA LYS G 57 -19.80 21.17 -65.11
C LYS G 57 -20.47 19.89 -65.58
N PRO G 58 -21.67 19.91 -66.18
CA PRO G 58 -22.32 18.71 -66.62
C PRO G 58 -21.42 17.92 -67.54
N GLY G 59 -21.30 16.63 -67.24
CA GLY G 59 -20.49 15.71 -68.04
C GLY G 59 -18.99 15.81 -67.76
N GLN G 60 -18.60 16.71 -66.85
CA GLN G 60 -17.20 16.95 -66.54
C GLN G 60 -16.75 16.49 -65.18
N ALA G 61 -15.46 16.31 -65.06
CA ALA G 61 -14.86 16.06 -63.78
C ALA G 61 -15.00 17.32 -62.91
N PRO G 62 -15.17 17.23 -61.59
CA PRO G 62 -15.18 18.33 -60.66
C PRO G 62 -13.79 18.91 -60.58
N ARG G 63 -13.69 20.22 -60.42
CA ARG G 63 -12.41 20.91 -60.24
C ARG G 63 -12.32 21.57 -58.89
N LEU G 64 -11.22 21.39 -58.18
CA LEU G 64 -11.15 22.06 -56.89
C LEU G 64 -11.12 23.55 -57.05
N LEU G 65 -11.96 24.22 -56.30
CA LEU G 65 -12.00 25.67 -56.29
C LEU G 65 -11.27 26.20 -55.10
N ILE G 66 -11.67 25.69 -53.95
CA ILE G 66 -11.19 26.13 -52.64
C ILE G 66 -10.96 24.93 -51.72
N TYR G 67 -9.98 25.03 -50.84
CA TYR G 67 -9.73 23.98 -49.87
C TYR G 67 -9.40 24.50 -48.47
N GLY G 68 -9.65 23.66 -47.49
CA GLY G 68 -9.36 23.96 -46.10
C GLY G 68 -10.53 24.77 -45.62
N SER G 69 -10.40 26.07 -45.84
CA SER G 69 -11.45 27.02 -45.55
C SER G 69 -11.59 27.91 -46.77
N SER G 70 -10.85 28.99 -46.81
CA SER G 70 -10.92 29.96 -47.88
C SER G 70 -9.78 29.92 -48.91
N THR G 71 -8.78 29.04 -48.75
CA THR G 71 -7.65 29.08 -49.66
C THR G 71 -8.00 28.60 -51.05
N ARG G 72 -7.67 29.40 -52.05
CA ARG G 72 -8.00 29.05 -53.42
C ARG G 72 -7.04 28.04 -54.02
N ALA G 73 -7.59 27.23 -54.88
CA ALA G 73 -6.88 26.24 -55.66
C ALA G 73 -6.19 26.90 -56.85
N THR G 74 -5.21 26.22 -57.41
CA THR G 74 -4.48 26.76 -58.52
C THR G 74 -5.35 27.04 -59.73
N GLY G 75 -5.22 28.25 -60.26
CA GLY G 75 -5.93 28.70 -61.44
C GLY G 75 -7.35 29.18 -61.21
N ILE G 76 -7.76 29.30 -59.96
CA ILE G 76 -9.12 29.70 -59.65
C ILE G 76 -9.30 31.22 -59.54
N PRO G 77 -10.26 31.82 -60.28
CA PRO G 77 -10.57 33.23 -60.27
C PRO G 77 -10.92 33.72 -58.88
N ALA G 78 -10.62 34.98 -58.62
CA ALA G 78 -10.84 35.64 -57.32
C ALA G 78 -12.31 35.71 -56.94
N ARG G 79 -13.17 35.53 -57.94
CA ARG G 79 -14.61 35.56 -57.77
C ARG G 79 -15.08 34.44 -56.86
N PHE G 80 -14.27 33.38 -56.77
CA PHE G 80 -14.60 32.25 -55.94
C PHE G 80 -14.02 32.49 -54.57
N SER G 81 -14.89 32.53 -53.56
CA SER G 81 -14.45 32.83 -52.21
C SER G 81 -15.38 32.22 -51.18
N GLY G 82 -14.99 32.27 -49.92
CA GLY G 82 -15.86 31.77 -48.88
C GLY G 82 -15.19 31.80 -47.54
N SER G 83 -15.96 31.53 -46.51
CA SER G 83 -15.48 31.50 -45.14
C SER G 83 -16.41 30.68 -44.25
N GLY G 84 -15.94 30.33 -43.06
CA GLY G 84 -16.77 29.57 -42.14
C GLY G 84 -16.09 29.30 -40.82
N SER G 85 -16.83 28.66 -39.94
CA SER G 85 -16.38 28.33 -38.59
C SER G 85 -17.12 27.13 -38.04
N GLY G 86 -16.40 26.24 -37.36
CA GLY G 86 -17.07 25.10 -36.76
C GLY G 86 -17.71 24.25 -37.83
N THR G 87 -19.01 24.04 -37.69
CA THR G 87 -19.77 23.21 -38.61
C THR G 87 -20.22 23.88 -39.90
N GLU G 88 -20.17 25.21 -40.00
CA GLU G 88 -20.70 25.78 -41.23
C GLU G 88 -19.74 26.63 -42.03
N PHE G 89 -19.90 26.49 -43.35
CA PHE G 89 -19.13 27.26 -44.30
C PHE G 89 -20.00 27.75 -45.42
N THR G 90 -19.82 28.99 -45.80
CA THR G 90 -20.57 29.53 -46.91
C THR G 90 -19.64 29.80 -48.08
N LEU G 91 -19.98 29.21 -49.20
CA LEU G 91 -19.18 29.39 -50.40
C LEU G 91 -19.93 30.30 -51.34
N THR G 92 -19.26 31.30 -51.88
CA THR G 92 -19.94 32.15 -52.83
C THR G 92 -19.15 32.38 -54.11
N ILE G 93 -19.89 32.66 -55.18
CA ILE G 93 -19.25 33.00 -56.44
C ILE G 93 -19.72 34.35 -56.92
N SER G 94 -18.85 35.34 -56.88
CA SER G 94 -19.22 36.66 -57.31
C SER G 94 -19.40 36.65 -58.81
N SER G 95 -20.34 37.43 -59.30
CA SER G 95 -20.54 37.57 -60.73
C SER G 95 -20.50 36.24 -61.47
N LEU G 96 -21.35 35.27 -61.09
CA LEU G 96 -21.26 33.94 -61.70
C LEU G 96 -21.55 34.08 -63.20
N GLN G 97 -20.73 33.44 -64.06
CA GLN G 97 -20.94 33.57 -65.50
C GLN G 97 -21.51 32.33 -66.18
N SER G 98 -21.76 32.40 -67.48
CA SER G 98 -22.34 31.26 -68.21
C SER G 98 -21.46 30.02 -68.07
N GLU G 99 -20.16 30.27 -68.06
CA GLU G 99 -19.12 29.27 -67.96
C GLU G 99 -19.08 28.59 -66.60
N ASP G 100 -19.74 29.17 -65.61
CA ASP G 100 -19.79 28.68 -64.25
C ASP G 100 -21.09 27.99 -63.90
N PHE G 101 -21.97 27.69 -64.85
CA PHE G 101 -23.20 27.00 -64.41
C PHE G 101 -22.95 25.50 -64.23
N ALA G 102 -22.32 25.21 -63.10
CA ALA G 102 -21.83 23.92 -62.62
C ALA G 102 -22.51 23.50 -61.34
N VAL G 103 -22.49 22.21 -61.06
CA VAL G 103 -23.01 21.79 -59.78
C VAL G 103 -21.89 21.96 -58.78
N TYR G 104 -22.17 22.63 -57.68
CA TYR G 104 -21.10 22.84 -56.72
C TYR G 104 -21.24 21.93 -55.54
N TYR G 105 -20.17 21.21 -55.26
CA TYR G 105 -20.21 20.23 -54.19
C TYR G 105 -19.44 20.65 -52.95
N CYS G 106 -20.02 20.29 -51.77
CA CYS G 106 -19.43 20.44 -50.44
C CYS G 106 -18.78 19.12 -50.07
N LEU G 107 -17.47 19.09 -50.01
CA LEU G 107 -16.78 17.87 -49.62
C LEU G 107 -16.17 18.09 -48.27
N GLN G 108 -16.27 17.09 -47.44
CA GLN G 108 -15.70 17.18 -46.12
C GLN G 108 -14.66 16.10 -46.06
N TYR G 109 -13.44 16.48 -45.75
CA TYR G 109 -12.38 15.50 -45.79
C TYR G 109 -11.74 15.18 -44.46
N TYR G 110 -12.33 15.70 -43.41
CA TYR G 110 -11.81 15.59 -42.06
C TYR G 110 -11.55 14.18 -41.51
N ASN G 111 -12.49 13.25 -41.61
CA ASN G 111 -12.25 11.89 -41.09
C ASN G 111 -12.48 10.85 -42.15
N TRP G 112 -12.24 9.58 -41.79
CA TRP G 112 -12.51 8.50 -42.71
C TRP G 112 -13.60 7.63 -42.16
N PRO G 113 -14.57 7.24 -43.00
CA PRO G 113 -14.83 7.59 -44.38
C PRO G 113 -15.12 9.06 -44.59
N ARG G 114 -14.74 9.54 -45.76
CA ARG G 114 -14.96 10.92 -46.12
C ARG G 114 -16.36 11.08 -46.63
N THR G 115 -16.86 12.31 -46.63
CA THR G 115 -18.22 12.48 -47.10
C THR G 115 -18.42 13.66 -48.02
N PHE G 116 -19.65 13.80 -48.47
CA PHE G 116 -20.02 14.87 -49.37
C PHE G 116 -21.50 15.20 -49.37
N GLY G 117 -21.79 16.42 -49.78
CA GLY G 117 -23.16 16.80 -50.02
C GLY G 117 -23.42 16.29 -51.42
N GLN G 118 -24.65 16.33 -51.89
CA GLN G 118 -24.92 15.80 -53.22
C GLN G 118 -24.79 16.87 -54.32
N GLY G 119 -24.45 18.08 -53.91
CA GLY G 119 -24.19 19.19 -54.82
C GLY G 119 -25.34 20.13 -55.10
N THR G 120 -25.03 21.39 -55.37
CA THR G 120 -26.05 22.36 -55.68
C THR G 120 -26.01 22.74 -57.14
N LYS G 121 -27.10 22.48 -57.82
CA LYS G 121 -27.19 22.80 -59.24
C LYS G 121 -27.45 24.26 -59.38
N VAL G 122 -26.90 24.89 -60.39
CA VAL G 122 -27.25 26.28 -60.61
C VAL G 122 -27.93 26.45 -61.95
N GLU G 123 -29.03 27.17 -61.91
CA GLU G 123 -29.86 27.45 -63.07
C GLU G 123 -30.00 28.97 -63.17
N ILE G 124 -30.25 29.52 -64.39
CA ILE G 124 -30.44 30.95 -64.66
C ILE G 124 -31.74 31.45 -63.97
N CYS H 10 20.16 -23.75 -33.03
CA CYS H 10 21.16 -23.15 -32.16
C CYS H 10 21.94 -22.05 -32.86
N ASN H 11 21.43 -20.82 -32.80
CA ASN H 11 22.17 -19.71 -33.38
C ASN H 11 23.54 -19.66 -32.70
N PRO H 12 24.64 -19.88 -33.42
CA PRO H 12 25.98 -20.01 -32.90
C PRO H 12 26.70 -18.71 -32.57
N ASN H 13 26.03 -17.59 -32.69
CA ASN H 13 26.67 -16.31 -32.42
C ASN H 13 26.09 -15.70 -31.16
N LEU H 14 26.88 -15.64 -30.11
CA LEU H 14 26.38 -15.13 -28.84
C LEU H 14 26.76 -13.72 -28.54
N HIS H 15 25.74 -12.92 -28.35
CA HIS H 15 25.90 -11.56 -27.91
C HIS H 15 25.39 -11.62 -26.51
N TYR H 16 26.29 -11.39 -25.57
CA TYR H 16 25.95 -11.54 -24.18
C TYR H 16 26.24 -10.28 -23.44
N TRP H 17 25.58 -10.17 -22.32
CA TRP H 17 25.82 -9.08 -21.42
C TRP H 17 25.84 -9.61 -20.02
N THR H 18 26.56 -8.93 -19.18
CA THR H 18 26.63 -9.29 -17.80
C THR H 18 26.69 -8.10 -16.89
N THR H 19 26.73 -8.40 -15.62
CA THR H 19 26.82 -7.41 -14.59
C THR H 19 28.22 -6.80 -14.63
N GLN H 20 28.31 -5.49 -14.64
CA GLN H 20 29.62 -4.86 -14.68
C GLN H 20 30.19 -4.70 -13.29
N ASP H 21 30.63 -5.81 -12.72
CA ASP H 21 31.15 -5.85 -11.36
C ASP H 21 32.65 -6.09 -11.24
N GLU H 22 33.35 -6.00 -12.35
CA GLU H 22 34.78 -6.21 -12.32
C GLU H 22 35.46 -5.10 -11.51
N GLY H 23 36.42 -5.47 -10.63
CA GLY H 23 37.19 -4.53 -9.80
C GLY H 23 36.34 -4.00 -8.66
N TRP H 30 31.96 5.68 -7.94
CA TRP H 30 31.21 4.62 -7.25
C TRP H 30 30.14 5.12 -6.24
N ILE H 31 30.18 6.42 -5.87
CA ILE H 31 29.28 7.08 -4.92
C ILE H 31 27.87 7.17 -5.51
N PRO H 32 26.81 6.81 -4.77
CA PRO H 32 25.45 6.82 -5.23
C PRO H 32 24.96 8.07 -5.95
N TYR H 33 25.42 9.29 -5.64
CA TYR H 33 24.85 10.35 -6.47
C TYR H 33 25.91 10.95 -7.37
N PHE H 34 27.07 10.30 -7.42
CA PHE H 34 28.20 10.69 -8.26
C PHE H 34 28.72 9.44 -8.97
N GLY H 35 27.97 8.98 -9.93
CA GLY H 35 28.27 7.74 -10.63
C GLY H 35 27.29 7.64 -11.77
N PRO H 36 27.34 6.58 -12.58
CA PRO H 36 26.55 6.37 -13.78
C PRO H 36 25.14 5.90 -13.49
N ALA H 37 24.41 6.72 -12.74
CA ALA H 37 23.07 6.36 -12.31
C ALA H 37 23.11 4.91 -11.89
N ALA H 38 22.20 4.14 -12.47
CA ALA H 38 22.16 2.70 -12.33
C ALA H 38 22.01 2.14 -13.71
N GLU H 39 22.66 2.80 -14.66
CA GLU H 39 22.63 2.42 -16.06
C GLU H 39 23.98 1.91 -16.52
N GLY H 40 25.06 2.52 -16.04
CA GLY H 40 26.41 2.12 -16.46
C GLY H 40 26.90 0.99 -15.58
N ILE H 41 26.08 -0.03 -15.50
CA ILE H 41 26.29 -1.16 -14.64
C ILE H 41 26.25 -2.45 -15.42
N TYR H 42 26.41 -2.35 -16.74
CA TYR H 42 26.38 -3.50 -17.61
C TYR H 42 27.57 -3.49 -18.52
N THR H 43 28.02 -4.67 -18.86
CA THR H 43 29.12 -4.88 -19.78
C THR H 43 28.75 -5.94 -20.77
N GLU H 44 29.35 -5.93 -21.94
CA GLU H 44 28.94 -6.87 -22.98
C GLU H 44 30.06 -7.28 -23.91
N GLY H 45 29.81 -8.37 -24.65
CA GLY H 45 30.77 -8.87 -25.62
C GLY H 45 30.25 -10.02 -26.48
N ILE H 46 31.15 -10.56 -27.31
CA ILE H 46 30.77 -11.61 -28.25
C ILE H 46 31.55 -12.91 -28.10
N MET H 47 30.83 -14.01 -28.15
CA MET H 47 31.41 -15.35 -28.13
C MET H 47 30.85 -16.13 -29.32
N HIS H 48 31.59 -17.08 -29.85
CA HIS H 48 30.99 -17.92 -30.89
C HIS H 48 30.81 -19.32 -30.33
N ASN H 49 30.19 -20.21 -31.10
CA ASN H 49 29.89 -21.57 -30.64
C ASN H 49 31.07 -22.49 -30.74
N GLN H 50 32.10 -22.16 -29.99
CA GLN H 50 33.31 -22.93 -30.06
C GLN H 50 33.08 -24.23 -29.36
N ASN H 51 33.33 -25.32 -30.08
CA ASN H 51 33.16 -26.66 -29.56
C ASN H 51 31.71 -26.92 -29.13
N GLY H 52 30.77 -26.15 -29.68
CA GLY H 52 29.38 -26.37 -29.33
C GLY H 52 28.95 -25.74 -28.00
N LEU H 53 29.74 -24.84 -27.40
CA LEU H 53 29.32 -24.29 -26.11
C LEU H 53 28.02 -23.53 -26.13
N ILE H 54 27.72 -22.79 -27.18
CA ILE H 54 26.47 -22.04 -27.15
C ILE H 54 25.26 -22.96 -27.21
N CYS H 55 25.28 -23.96 -28.13
CA CYS H 55 24.18 -24.90 -28.34
C CYS H 55 24.00 -25.76 -27.10
N GLY H 56 25.11 -26.27 -26.57
CA GLY H 56 25.06 -27.11 -25.40
C GLY H 56 24.48 -26.36 -24.21
N LEU H 57 24.84 -25.09 -24.05
CA LEU H 57 24.33 -24.36 -22.93
C LEU H 57 22.84 -24.18 -23.07
N ARG H 58 22.36 -23.91 -24.27
CA ARG H 58 20.94 -23.75 -24.42
C ARG H 58 20.19 -25.02 -24.09
N GLN H 59 20.73 -26.18 -24.46
CA GLN H 59 20.03 -27.40 -24.13
C GLN H 59 20.00 -27.61 -22.62
N LEU H 60 21.08 -27.24 -21.93
CA LEU H 60 21.14 -27.39 -20.49
C LEU H 60 20.10 -26.48 -19.85
N ALA H 61 20.04 -25.24 -20.33
CA ALA H 61 19.07 -24.29 -19.80
C ALA H 61 17.61 -24.75 -19.97
N ASN H 62 17.30 -25.41 -21.12
CA ASN H 62 15.98 -25.94 -21.46
C ASN H 62 15.54 -27.03 -20.46
N GLU H 63 16.44 -28.00 -20.12
CA GLU H 63 16.17 -29.12 -19.19
C GLU H 63 15.92 -28.62 -17.77
N THR H 64 16.65 -27.58 -17.43
CA THR H 64 16.61 -27.01 -16.12
C THR H 64 15.27 -26.34 -15.87
N THR H 65 14.47 -26.04 -16.91
CA THR H 65 13.21 -25.37 -16.65
C THR H 65 12.39 -26.22 -15.72
N GLN H 66 12.37 -27.53 -15.91
CA GLN H 66 11.57 -28.36 -15.04
C GLN H 66 12.15 -28.41 -13.67
N ALA H 67 13.47 -28.53 -13.60
CA ALA H 67 14.07 -28.65 -12.28
C ALA H 67 13.78 -27.43 -11.44
N LEU H 68 13.81 -26.28 -12.09
CA LEU H 68 13.59 -25.04 -11.41
C LEU H 68 12.14 -24.85 -11.04
N GLN H 69 11.20 -25.23 -11.90
CA GLN H 69 9.84 -25.01 -11.47
C GLN H 69 9.50 -25.87 -10.25
N LEU H 70 10.02 -27.10 -10.16
CA LEU H 70 9.69 -27.86 -8.96
C LEU H 70 10.32 -27.24 -7.74
N PHE H 71 11.56 -26.81 -7.89
CA PHE H 71 12.30 -26.21 -6.81
C PHE H 71 11.49 -25.07 -6.20
N LEU H 72 10.96 -24.22 -7.06
CA LEU H 72 10.19 -23.11 -6.58
C LEU H 72 8.86 -23.53 -5.98
N ARG H 73 8.18 -24.52 -6.56
CA ARG H 73 6.90 -24.95 -5.99
C ARG H 73 7.05 -25.42 -4.57
N ALA H 74 8.18 -26.05 -4.29
CA ALA H 74 8.46 -26.63 -3.00
C ALA H 74 8.89 -25.63 -1.92
N THR H 75 9.02 -24.36 -2.24
CA THR H 75 9.45 -23.42 -1.19
C THR H 75 8.54 -22.23 -0.96
N THR H 76 8.91 -21.45 0.05
CA THR H 76 8.24 -20.23 0.46
C THR H 76 9.09 -18.99 0.18
N GLU H 77 10.32 -19.21 -0.29
CA GLU H 77 11.22 -18.12 -0.62
C GLU H 77 10.50 -17.39 -1.76
N LEU H 78 10.36 -16.07 -1.69
CA LEU H 78 9.62 -15.41 -2.77
C LEU H 78 10.51 -14.95 -3.90
N ARG H 79 11.72 -14.55 -3.56
CA ARG H 79 12.71 -14.10 -4.52
C ARG H 79 13.90 -14.96 -4.22
N THR H 80 14.28 -15.82 -5.16
CA THR H 80 15.32 -16.75 -4.82
C THR H 80 16.73 -16.29 -5.07
N PHE H 81 17.47 -16.32 -3.98
CA PHE H 81 18.87 -15.97 -3.94
C PHE H 81 19.70 -17.15 -3.46
N SER H 82 19.07 -18.10 -2.78
CA SER H 82 19.80 -19.19 -2.14
C SER H 82 20.38 -20.28 -3.03
N ILE H 83 20.02 -20.37 -4.30
CA ILE H 83 20.47 -21.52 -5.04
C ILE H 83 21.97 -21.67 -5.16
N LEU H 84 22.69 -20.62 -5.50
CA LEU H 84 24.10 -20.84 -5.71
C LEU H 84 24.81 -21.13 -4.39
N ASN H 85 24.37 -20.50 -3.31
CA ASN H 85 25.03 -20.74 -2.06
C ASN H 85 24.70 -22.12 -1.55
N ARG H 86 23.47 -22.56 -1.79
CA ARG H 86 23.07 -23.86 -1.32
C ARG H 86 23.89 -24.90 -2.04
N LYS H 87 24.15 -24.67 -3.32
CA LYS H 87 24.93 -25.62 -4.06
C LYS H 87 26.34 -25.67 -3.53
N ALA H 88 26.91 -24.52 -3.17
CA ALA H 88 28.25 -24.52 -2.60
C ALA H 88 28.29 -25.31 -1.29
N ILE H 89 27.22 -25.21 -0.50
CA ILE H 89 27.19 -25.93 0.76
C ILE H 89 27.19 -27.41 0.52
N ASP H 90 26.36 -27.89 -0.40
CA ASP H 90 26.34 -29.31 -0.66
C ASP H 90 27.62 -29.76 -1.31
N PHE H 91 28.24 -28.90 -2.09
CA PHE H 91 29.49 -29.27 -2.70
C PHE H 91 30.49 -29.61 -1.60
N LEU H 92 30.58 -28.73 -0.61
CA LEU H 92 31.47 -28.97 0.51
C LEU H 92 31.07 -30.18 1.32
N LEU H 93 29.77 -30.42 1.50
CA LEU H 93 29.33 -31.59 2.24
C LEU H 93 29.66 -32.86 1.47
N GLN H 94 29.63 -32.82 0.14
CA GLN H 94 29.96 -34.01 -0.59
C GLN H 94 31.42 -34.39 -0.36
N ARG H 95 32.29 -33.37 -0.30
CA ARG H 95 33.71 -33.61 -0.03
C ARG H 95 33.91 -34.06 1.42
N TRP H 96 33.13 -33.44 2.32
CA TRP H 96 33.10 -33.68 3.76
C TRP H 96 31.72 -33.72 4.34
N GLY H 97 31.10 -34.89 4.29
CA GLY H 97 29.74 -35.04 4.79
C GLY H 97 29.73 -35.34 6.27
N GLY H 98 30.50 -34.58 7.02
CA GLY H 98 30.70 -34.80 8.43
C GLY H 98 31.83 -35.77 8.70
N THR H 99 32.42 -36.30 7.64
CA THR H 99 33.51 -37.27 7.79
C THR H 99 34.35 -37.33 6.51
N CYS H 100 35.63 -37.76 6.65
CA CYS H 100 36.59 -38.01 5.58
C CYS H 100 37.43 -39.23 5.90
N HIS H 101 37.72 -40.01 4.88
CA HIS H 101 38.56 -41.17 5.04
C HIS H 101 39.86 -40.88 4.27
N ILE H 102 40.94 -40.63 5.00
CA ILE H 102 42.20 -40.21 4.38
C ILE H 102 42.79 -41.37 3.61
N LEU H 103 42.54 -42.55 4.10
CA LEU H 103 43.04 -43.74 3.45
C LEU H 103 42.06 -44.27 2.40
N GLY H 104 40.93 -43.59 2.20
CA GLY H 104 39.92 -44.08 1.29
C GLY H 104 40.09 -43.52 -0.12
N PRO H 105 39.28 -44.00 -1.08
CA PRO H 105 39.21 -43.58 -2.47
C PRO H 105 38.25 -42.43 -2.76
N ASP H 106 37.55 -41.92 -1.74
CA ASP H 106 36.45 -41.01 -1.99
C ASP H 106 36.35 -39.66 -1.24
N CYS H 107 37.49 -38.97 -0.92
CA CYS H 107 37.49 -37.66 -0.22
C CYS H 107 38.18 -36.58 -1.11
N CYS H 108 38.68 -36.97 -2.28
CA CYS H 108 39.40 -36.08 -3.21
C CYS H 108 40.70 -35.49 -2.59
N ILE H 109 41.47 -36.34 -1.90
CA ILE H 109 42.73 -35.88 -1.30
C ILE H 109 43.99 -36.46 -2.00
N GLU H 110 44.90 -35.55 -2.41
CA GLU H 110 46.17 -35.83 -3.09
C GLU H 110 47.31 -36.04 -2.07
N ILE I 33 35.49 -6.30 0.07
CA ILE I 33 35.21 -6.19 1.49
C ILE I 33 36.24 -7.08 2.24
N PRO I 34 37.40 -6.52 2.77
CA PRO I 34 38.45 -7.23 3.50
C PRO I 34 37.97 -7.57 4.88
N LEU I 35 38.52 -8.60 5.48
CA LEU I 35 38.17 -8.89 6.84
C LEU I 35 39.34 -8.65 7.75
N GLY I 36 39.12 -7.80 8.72
CA GLY I 36 40.16 -7.52 9.66
C GLY I 36 40.12 -8.64 10.65
N VAL I 37 41.23 -8.91 11.27
CA VAL I 37 41.26 -9.93 12.28
C VAL I 37 41.92 -9.36 13.51
N VAL I 38 41.38 -9.66 14.66
CA VAL I 38 42.06 -9.16 15.83
C VAL I 38 42.85 -10.29 16.44
N HIS I 39 44.14 -10.10 16.53
CA HIS I 39 45.04 -11.13 17.03
C HIS I 39 45.91 -10.56 18.13
N ASN I 40 45.86 -11.12 19.33
CA ASN I 40 46.64 -10.57 20.44
C ASN I 40 46.36 -9.08 20.62
N ASN I 41 45.08 -8.73 20.57
CA ASN I 41 44.58 -7.38 20.72
C ASN I 41 45.21 -6.41 19.75
N THR I 42 45.57 -6.89 18.58
CA THR I 42 46.17 -6.10 17.57
C THR I 42 45.38 -6.24 16.29
N LEU I 43 45.07 -5.14 15.63
CA LEU I 43 44.29 -5.30 14.42
C LEU I 43 45.19 -5.42 13.21
N GLN I 44 45.03 -6.53 12.53
CA GLN I 44 45.78 -6.85 11.35
C GLN I 44 44.75 -7.10 10.27
N VAL I 45 45.09 -6.92 9.01
CA VAL I 45 44.08 -7.19 8.01
C VAL I 45 44.54 -8.29 7.10
N SER I 46 43.70 -9.31 6.93
CA SER I 46 44.04 -10.45 6.11
C SER I 46 43.60 -10.26 4.67
N ASP I 47 44.42 -10.75 3.74
CA ASP I 47 44.04 -10.75 2.34
C ASP I 47 42.87 -11.69 2.18
N ILE I 48 41.91 -11.29 1.36
CA ILE I 48 40.68 -12.03 1.17
C ILE I 48 40.89 -13.42 0.60
N ASP I 49 41.76 -13.51 -0.38
CA ASP I 49 42.07 -14.75 -1.07
C ASP I 49 43.35 -15.44 -0.61
N LYS I 50 43.87 -15.08 0.57
CA LYS I 50 45.08 -15.71 1.03
C LYS I 50 44.78 -16.90 1.92
N LEU I 51 45.67 -17.86 1.89
CA LEU I 51 45.54 -19.03 2.74
C LEU I 51 46.12 -18.69 4.10
N VAL I 52 45.35 -17.93 4.84
CA VAL I 52 45.85 -17.47 6.10
C VAL I 52 45.57 -18.52 7.18
N CYS I 53 46.54 -19.44 7.38
CA CYS I 53 46.42 -20.62 8.25
C CYS I 53 46.49 -20.23 9.73
N ARG I 54 46.80 -18.97 10.00
CA ARG I 54 46.82 -18.49 11.37
C ARG I 54 45.39 -18.15 11.82
N ASP I 55 44.46 -18.04 10.87
CA ASP I 55 43.10 -17.66 11.16
C ASP I 55 42.22 -18.88 11.34
N LYS I 56 41.69 -19.03 12.54
CA LYS I 56 40.85 -20.16 12.87
C LYS I 56 39.45 -19.68 13.17
N LEU I 57 38.54 -20.19 12.38
CA LEU I 57 37.13 -19.84 12.43
C LEU I 57 36.26 -21.05 12.73
N SER I 58 35.93 -21.28 13.98
CA SER I 58 35.14 -22.46 14.32
C SER I 58 33.66 -22.17 14.25
N SER I 59 33.29 -20.90 14.32
CA SER I 59 31.88 -20.56 14.30
C SER I 59 31.59 -19.26 13.62
N THR I 60 30.42 -19.18 12.99
CA THR I 60 29.95 -17.98 12.31
C THR I 60 29.78 -16.84 13.31
N SER I 61 29.66 -17.16 14.59
CA SER I 61 29.52 -16.18 15.65
C SER I 61 30.79 -15.32 15.81
N GLN I 62 31.90 -15.74 15.21
CA GLN I 62 33.15 -15.00 15.26
C GLN I 62 33.18 -13.93 14.19
N LEU I 63 32.19 -13.92 13.31
CA LEU I 63 32.18 -12.95 12.24
C LEU I 63 31.19 -11.86 12.55
N LYS I 64 31.68 -10.63 12.63
CA LYS I 64 30.82 -9.51 12.99
C LYS I 64 31.00 -8.31 12.10
N SER I 65 29.91 -7.60 11.90
CA SER I 65 29.94 -6.34 11.17
C SER I 65 29.61 -5.20 12.13
N VAL I 66 30.44 -4.17 12.08
CA VAL I 66 30.30 -3.07 13.01
C VAL I 66 30.08 -1.73 12.35
N GLY I 67 29.05 -1.02 12.81
CA GLY I 67 28.73 0.31 12.32
C GLY I 67 29.46 1.36 13.18
N LEU I 68 30.27 2.19 12.55
CA LEU I 68 31.05 3.18 13.29
C LEU I 68 30.56 4.56 12.92
N ASN I 69 30.60 5.49 13.87
CA ASN I 69 30.12 6.84 13.65
C ASN I 69 31.14 7.81 13.12
N LEU I 70 30.67 8.74 12.31
CA LEU I 70 31.55 9.77 11.80
C LEU I 70 31.61 10.90 12.81
N GLU I 71 32.28 10.58 13.90
CA GLU I 71 32.52 11.46 15.01
C GLU I 71 33.94 11.17 15.39
N GLY I 72 34.34 9.94 15.10
CA GLY I 72 35.64 9.43 15.53
C GLY I 72 36.79 10.26 14.98
N ASN I 73 36.60 10.80 13.78
CA ASN I 73 37.63 11.59 13.13
C ASN I 73 37.56 13.08 13.40
N GLY I 74 36.67 13.51 14.30
CA GLY I 74 36.58 14.93 14.62
C GLY I 74 35.73 15.76 13.67
N VAL I 75 35.03 15.12 12.75
CA VAL I 75 34.21 15.87 11.80
C VAL I 75 33.11 16.61 12.53
N ALA I 76 32.85 17.84 12.11
CA ALA I 76 31.81 18.63 12.73
C ALA I 76 30.47 17.96 12.55
N THR I 77 29.64 18.07 13.56
CA THR I 77 28.33 17.46 13.58
C THR I 77 27.16 18.43 13.61
N ASP I 78 27.37 19.70 13.27
CA ASP I 78 26.24 20.60 13.39
C ASP I 78 25.29 20.49 12.21
N VAL I 79 24.22 21.27 12.26
CA VAL I 79 23.20 21.13 11.27
C VAL I 79 23.59 21.57 9.86
N PRO I 80 24.10 22.78 9.63
CA PRO I 80 24.58 23.21 8.34
C PRO I 80 25.60 22.24 7.76
N THR I 81 26.47 21.67 8.61
CA THR I 81 27.47 20.73 8.13
C THR I 81 26.81 19.49 7.61
N ALA I 82 25.82 18.97 8.34
CA ALA I 82 25.16 17.78 7.88
C ALA I 82 24.43 18.04 6.56
N THR I 83 23.82 19.21 6.43
CA THR I 83 23.05 19.51 5.23
C THR I 83 23.95 19.52 4.02
N LYS I 84 25.12 20.10 4.19
CA LYS I 84 26.10 20.25 3.13
C LYS I 84 26.72 18.95 2.65
N ARG I 85 26.52 17.85 3.36
CA ARG I 85 27.10 16.59 2.99
C ARG I 85 26.07 15.64 2.41
N TRP I 86 24.88 16.13 2.15
CA TRP I 86 23.78 15.37 1.61
C TRP I 86 23.38 15.88 0.23
N GLY I 87 22.82 15.03 -0.62
CA GLY I 87 22.32 15.54 -1.89
C GLY I 87 21.43 14.55 -2.59
N PHE I 88 21.01 14.86 -3.81
CA PHE I 88 20.07 13.99 -4.46
C PHE I 88 20.37 13.52 -5.86
N ARG I 89 19.90 12.32 -6.12
CA ARG I 89 19.88 11.78 -7.48
C ARG I 89 18.77 10.80 -7.70
N ALA I 90 18.10 10.96 -8.83
CA ALA I 90 17.06 10.06 -9.27
C ALA I 90 17.65 9.04 -10.23
N GLY I 91 17.03 7.87 -10.35
CA GLY I 91 17.50 6.88 -11.30
C GLY I 91 18.49 5.89 -10.69
N VAL I 92 18.65 6.00 -9.38
CA VAL I 92 19.52 5.15 -8.62
C VAL I 92 18.69 4.54 -7.50
N PRO I 93 18.59 3.22 -7.38
CA PRO I 93 17.83 2.59 -6.34
C PRO I 93 18.58 2.71 -5.04
N PRO I 94 17.91 2.70 -3.90
CA PRO I 94 18.47 2.63 -2.59
C PRO I 94 18.94 1.22 -2.32
N LYS I 95 19.89 1.08 -1.40
CA LYS I 95 20.36 -0.21 -0.93
C LYS I 95 20.40 -0.27 0.59
N VAL I 96 20.14 -1.45 1.16
CA VAL I 96 20.19 -1.66 2.60
C VAL I 96 21.10 -2.82 3.02
N VAL I 97 21.83 -2.62 4.13
CA VAL I 97 22.70 -3.65 4.71
C VAL I 97 22.41 -3.82 6.19
N ASN I 98 22.75 -4.97 6.77
CA ASN I 98 22.59 -5.20 8.21
C ASN I 98 23.88 -5.10 9.02
N TYR I 99 23.76 -4.83 10.34
CA TYR I 99 24.96 -4.86 11.16
C TYR I 99 24.69 -5.40 12.58
N GLU I 100 25.74 -5.82 13.27
CA GLU I 100 25.63 -6.47 14.58
C GLU I 100 25.79 -5.57 15.79
N ALA I 101 26.74 -4.65 15.67
CA ALA I 101 27.15 -3.78 16.76
C ALA I 101 27.58 -2.47 16.21
N GLY I 102 27.67 -1.47 17.06
CA GLY I 102 28.15 -0.20 16.59
C GLY I 102 28.56 0.74 17.71
N GLU I 103 28.99 1.91 17.29
CA GLU I 103 29.44 2.94 18.22
C GLU I 103 28.29 3.75 18.75
N TRP I 104 28.42 4.24 19.97
CA TRP I 104 27.46 5.17 20.57
C TRP I 104 27.59 6.50 19.87
N ALA I 105 26.48 7.18 19.60
CA ALA I 105 26.60 8.48 18.95
C ALA I 105 26.37 9.63 19.90
N GLU I 106 27.22 10.63 19.84
CA GLU I 106 26.94 11.82 20.61
C GLU I 106 25.83 12.55 19.88
N ASN I 107 25.91 12.55 18.54
CA ASN I 107 24.97 13.26 17.69
C ASN I 107 24.33 12.37 16.61
N CYS I 108 23.05 12.64 16.33
CA CYS I 108 22.24 11.99 15.31
C CYS I 108 21.21 12.98 14.79
N TYR I 109 20.55 12.61 13.72
CA TYR I 109 19.62 13.50 13.06
C TYR I 109 18.32 12.82 12.82
N ASN I 110 17.27 13.61 12.73
CA ASN I 110 15.97 13.07 12.35
C ASN I 110 15.36 14.08 11.40
N LEU I 111 15.36 13.77 10.10
CA LEU I 111 14.92 14.74 9.12
C LEU I 111 13.52 14.45 8.62
N ASP I 112 12.68 15.47 8.62
CA ASP I 112 11.33 15.43 8.09
C ASP I 112 11.03 16.77 7.50
N ILE I 113 11.61 17.02 6.36
CA ILE I 113 11.51 18.30 5.72
C ILE I 113 10.59 18.19 4.54
N LYS I 114 9.73 19.18 4.39
CA LYS I 114 8.81 19.16 3.29
C LYS I 114 9.35 19.98 2.16
N LYS I 115 8.85 19.64 1.00
CA LYS I 115 9.18 20.30 -0.20
C LYS I 115 8.39 21.58 -0.21
N ALA I 116 8.89 22.55 -0.92
CA ALA I 116 8.21 23.82 -1.06
C ALA I 116 6.77 23.65 -1.57
N ASP I 117 6.49 22.63 -2.39
CA ASP I 117 5.15 22.45 -2.93
C ASP I 117 4.22 21.64 -1.99
N GLY I 118 4.69 21.29 -0.81
CA GLY I 118 3.93 20.55 0.20
C GLY I 118 4.16 19.04 0.24
N SER I 119 4.81 18.48 -0.77
CA SER I 119 5.08 17.04 -0.77
C SER I 119 6.28 16.73 0.09
N GLU I 120 6.49 15.49 0.47
CA GLU I 120 7.66 15.15 1.27
C GLU I 120 8.95 15.11 0.43
N CYS I 121 10.12 15.55 1.00
CA CYS I 121 11.42 15.47 0.34
C CYS I 121 12.04 14.07 0.49
N LEU I 122 11.47 13.28 1.38
CA LEU I 122 12.02 11.98 1.73
C LEU I 122 10.96 10.88 1.67
N PRO I 123 11.34 9.64 1.33
CA PRO I 123 10.52 8.43 1.32
C PRO I 123 10.19 7.87 2.69
N GLU I 124 9.13 7.09 2.76
CA GLU I 124 8.76 6.38 3.98
C GLU I 124 9.76 5.30 4.32
N ALA I 125 10.05 5.12 5.60
CA ALA I 125 10.90 4.02 5.96
C ALA I 125 10.13 2.73 5.69
N PRO I 126 10.77 1.67 5.20
CA PRO I 126 10.26 0.34 5.02
C PRO I 126 9.90 -0.30 6.34
N GLU I 127 8.99 -1.24 6.30
CA GLU I 127 8.65 -1.94 7.52
C GLU I 127 9.87 -2.65 8.06
N GLY I 128 10.03 -2.58 9.38
CA GLY I 128 11.15 -3.21 10.05
C GLY I 128 12.29 -2.23 10.27
N VAL I 129 12.18 -1.04 9.67
CA VAL I 129 13.20 -0.03 9.80
C VAL I 129 12.85 0.95 10.90
N ARG I 130 13.75 1.10 11.83
CA ARG I 130 13.58 1.98 12.97
C ARG I 130 14.83 2.81 13.09
N GLY I 131 14.72 3.98 13.71
CA GLY I 131 15.87 4.86 13.81
C GLY I 131 16.89 4.40 14.81
N PHE I 132 18.04 5.04 14.74
CA PHE I 132 19.18 4.75 15.55
C PHE I 132 18.85 4.97 17.04
N PRO I 133 18.90 3.93 17.88
CA PRO I 133 18.51 3.89 19.30
C PRO I 133 19.55 4.27 20.37
N ARG I 134 20.72 4.69 19.97
CA ARG I 134 21.83 4.88 20.92
C ARG I 134 22.54 6.23 20.73
N CYS I 135 21.83 7.34 20.99
CA CYS I 135 22.25 8.73 20.70
C CYS I 135 21.92 9.71 21.83
N ARG I 136 22.89 10.54 22.19
CA ARG I 136 22.63 11.54 23.22
C ARG I 136 21.86 12.80 22.73
N TYR I 137 22.26 13.38 21.60
CA TYR I 137 21.60 14.57 21.06
C TYR I 137 21.08 14.36 19.66
N VAL I 138 19.79 14.57 19.47
CA VAL I 138 19.28 14.41 18.13
C VAL I 138 18.87 15.75 17.62
N HIS I 139 19.28 16.01 16.39
CA HIS I 139 18.94 17.23 15.75
C HIS I 139 17.80 16.90 14.83
N LYS I 140 16.63 17.31 15.23
CA LYS I 140 15.41 17.05 14.52
C LYS I 140 15.15 18.23 13.62
N VAL I 141 15.08 17.99 12.33
CA VAL I 141 15.00 19.06 11.41
C VAL I 141 13.78 18.99 10.51
N SER I 142 13.08 20.09 10.43
CA SER I 142 11.93 20.19 9.56
C SER I 142 12.01 21.49 8.80
N GLY I 143 10.87 22.08 8.47
CA GLY I 143 10.85 23.30 7.66
C GLY I 143 10.69 22.93 6.20
N THR I 144 11.00 23.86 5.29
CA THR I 144 10.77 23.61 3.87
C THR I 144 11.85 24.10 2.92
N GLY I 145 11.85 23.52 1.72
CA GLY I 145 12.70 24.01 0.63
C GLY I 145 12.41 23.34 -0.71
N PRO I 146 13.00 23.83 -1.80
CA PRO I 146 12.83 23.37 -3.18
C PRO I 146 13.63 22.11 -3.47
N CYS I 147 13.27 21.00 -2.80
CA CYS I 147 13.93 19.70 -2.90
C CYS I 147 13.75 19.11 -4.33
N PRO I 148 14.82 18.62 -4.94
CA PRO I 148 14.87 18.00 -6.25
C PRO I 148 14.29 16.62 -6.15
N GLU I 149 14.04 16.00 -7.28
CA GLU I 149 13.60 14.62 -7.29
C GLU I 149 14.79 13.70 -7.10
N GLY I 150 14.52 12.51 -6.59
CA GLY I 150 15.57 11.53 -6.38
C GLY I 150 15.70 11.22 -4.93
N TYR I 151 16.71 10.45 -4.58
CA TYR I 151 16.84 10.08 -3.19
C TYR I 151 17.91 10.87 -2.51
N ALA I 152 17.72 11.05 -1.22
CA ALA I 152 18.67 11.79 -0.40
C ALA I 152 19.85 10.94 -0.03
N PHE I 153 20.83 10.93 -0.92
CA PHE I 153 22.03 10.11 -0.81
C PHE I 153 23.16 10.86 -0.10
N HIS I 154 24.03 10.13 0.59
CA HIS I 154 25.18 10.77 1.23
C HIS I 154 26.24 11.16 0.19
N LYS I 155 26.81 12.35 0.33
CA LYS I 155 27.81 12.86 -0.61
C LYS I 155 29.08 12.06 -0.76
N GLU I 156 29.56 11.45 0.30
CA GLU I 156 30.80 10.70 0.23
C GLU I 156 30.50 9.23 0.13
N GLY I 157 29.22 8.91 0.02
CA GLY I 157 28.78 7.54 -0.02
C GLY I 157 28.76 6.90 1.34
N ALA I 158 28.70 7.69 2.43
CA ALA I 158 28.67 7.08 3.75
C ALA I 158 27.27 6.53 3.95
N PHE I 159 27.12 5.57 4.85
CA PHE I 159 25.82 5.01 5.11
C PHE I 159 25.12 5.69 6.24
N PHE I 160 23.81 5.70 6.18
CA PHE I 160 23.05 6.23 7.26
C PHE I 160 22.79 5.06 8.19
N LEU I 161 23.12 5.20 9.46
CA LEU I 161 22.99 4.13 10.42
C LEU I 161 21.68 4.25 11.16
N TYR I 162 20.94 3.17 11.09
CA TYR I 162 19.63 2.95 11.66
C TYR I 162 19.70 1.79 12.67
N ASP I 163 18.58 1.36 13.21
CA ASP I 163 18.58 0.33 14.26
C ASP I 163 18.98 -1.06 13.76
N ARG I 164 20.28 -1.35 13.92
CA ARG I 164 20.96 -2.57 13.48
C ARG I 164 20.94 -2.73 11.97
N LEU I 165 20.86 -1.62 11.26
CA LEU I 165 20.91 -1.68 9.82
C LEU I 165 21.38 -0.36 9.29
N ALA I 166 21.71 -0.32 8.04
CA ALA I 166 22.16 0.91 7.46
C ALA I 166 21.74 1.00 6.02
N SER I 167 21.65 2.19 5.51
CA SER I 167 21.24 2.30 4.13
C SER I 167 21.86 3.48 3.45
N THR I 168 21.70 3.52 2.15
CA THR I 168 22.27 4.59 1.38
C THR I 168 21.44 5.86 1.36
N ILE I 169 20.21 5.82 1.86
CA ILE I 169 19.38 7.03 1.84
C ILE I 169 18.78 7.40 3.19
N ILE I 170 18.36 8.66 3.27
CA ILE I 170 17.64 9.17 4.42
C ILE I 170 16.14 8.92 4.32
N TYR I 171 15.53 8.37 5.39
CA TYR I 171 14.08 8.16 5.41
C TYR I 171 13.38 9.21 6.27
N ARG I 172 12.17 9.58 5.86
CA ARG I 172 11.46 10.60 6.59
C ARG I 172 11.17 10.20 8.01
N SER I 173 11.42 11.13 8.90
CA SER I 173 11.16 11.06 10.32
C SER I 173 11.87 9.93 11.04
N THR I 174 12.94 9.41 10.46
CA THR I 174 13.64 8.33 11.09
C THR I 174 14.99 8.84 11.61
N THR I 175 15.30 8.54 12.86
CA THR I 175 16.57 8.96 13.44
C THR I 175 17.72 8.16 12.86
N PHE I 176 18.81 8.84 12.52
CA PHE I 176 19.98 8.16 12.00
C PHE I 176 21.27 8.89 12.32
N SER I 177 22.37 8.17 12.22
CA SER I 177 23.67 8.81 12.36
C SER I 177 24.42 8.51 11.09
N GLU I 178 25.54 9.17 10.84
CA GLU I 178 26.27 8.80 9.63
C GLU I 178 27.40 7.87 10.00
N GLY I 179 27.74 6.93 9.11
CA GLY I 179 28.82 6.02 9.40
C GLY I 179 29.31 5.09 8.30
N VAL I 180 30.20 4.23 8.74
CA VAL I 180 30.90 3.25 7.93
C VAL I 180 30.84 1.87 8.53
N VAL I 181 31.06 0.83 7.73
CA VAL I 181 31.01 -0.51 8.31
C VAL I 181 32.28 -1.33 8.11
N ALA I 182 32.81 -1.84 9.22
CA ALA I 182 33.98 -2.71 9.16
C ALA I 182 33.58 -4.13 9.41
N PHE I 183 34.31 -5.03 8.82
CA PHE I 183 34.07 -6.44 9.03
C PHE I 183 35.25 -7.09 9.73
N LEU I 184 34.96 -7.75 10.86
CA LEU I 184 35.97 -8.42 11.68
C LEU I 184 35.78 -9.90 11.95
N ILE I 185 36.91 -10.56 12.09
CA ILE I 185 36.99 -11.93 12.53
C ILE I 185 37.55 -11.90 13.94
N LEU I 186 36.79 -12.38 14.89
CA LEU I 186 37.29 -12.34 16.23
C LEU I 186 37.76 -13.72 16.62
N PRO I 187 38.75 -13.83 17.51
CA PRO I 187 39.22 -15.04 18.14
C PRO I 187 38.17 -15.30 19.16
N GLU I 188 38.16 -16.45 19.81
CA GLU I 188 37.17 -16.51 20.87
C GLU I 188 37.63 -15.59 21.98
N THR I 189 36.81 -14.59 22.27
CA THR I 189 37.10 -13.60 23.27
C THR I 189 35.83 -12.91 23.68
N LYS I 190 35.77 -12.41 24.90
CA LYS I 190 34.59 -11.69 25.32
C LYS I 190 34.79 -10.18 25.20
N LYS I 191 34.51 -9.62 24.02
CA LYS I 191 34.71 -8.19 23.83
C LYS I 191 33.41 -7.42 23.64
N ASP I 192 32.47 -8.03 22.94
CA ASP I 192 31.14 -7.49 22.62
C ASP I 192 31.03 -6.25 21.71
N PHE I 193 32.15 -5.76 21.14
CA PHE I 193 32.27 -4.63 20.19
C PHE I 193 30.99 -3.78 19.96
N THR I 215 18.26 11.71 27.21
CA THR I 215 18.71 12.22 25.91
C THR I 215 17.81 13.42 25.58
N VAL I 216 18.23 14.29 24.62
CA VAL I 216 17.47 15.51 24.25
C VAL I 216 17.26 15.69 22.76
N THR I 217 16.26 16.50 22.44
CA THR I 217 15.97 16.86 21.05
C THR I 217 16.10 18.36 20.82
N LEU I 218 16.89 18.67 19.83
CA LEU I 218 17.13 20.01 19.37
C LEU I 218 16.33 20.17 18.11
N ASN I 219 15.38 21.09 18.13
CA ASN I 219 14.48 21.30 17.00
C ASN I 219 14.90 22.44 16.11
N TYR I 220 15.06 22.17 14.83
CA TYR I 220 15.49 23.17 13.87
C TYR I 220 14.52 23.30 12.72
N VAL I 221 14.41 24.51 12.20
CA VAL I 221 13.56 24.74 11.06
C VAL I 221 14.36 25.22 9.86
N ALA I 222 14.29 24.46 8.78
CA ALA I 222 14.99 24.75 7.54
C ALA I 222 14.24 25.75 6.70
N ASP I 223 15.00 26.47 5.90
CA ASP I 223 14.47 27.44 4.97
C ASP I 223 15.32 27.49 3.70
N ASN I 224 14.73 26.98 2.61
CA ASN I 224 15.30 26.82 1.26
C ASN I 224 16.31 25.70 1.14
N PHE I 225 16.39 24.90 2.17
CA PHE I 225 17.14 23.66 2.29
C PHE I 225 18.20 23.39 1.21
N GLY I 226 19.36 24.01 1.34
CA GLY I 226 20.49 23.72 0.44
C GLY I 226 20.70 24.68 -0.72
N THR I 227 19.76 25.57 -0.98
CA THR I 227 19.96 26.50 -2.09
C THR I 227 20.90 27.62 -1.65
N ASN I 228 22.22 27.37 -1.81
CA ASN I 228 23.37 28.19 -1.38
C ASN I 228 23.54 28.09 0.15
N MET I 229 22.48 28.46 0.90
CA MET I 229 22.41 28.41 2.36
C MET I 229 21.02 28.06 2.79
N THR I 230 20.92 27.54 3.99
CA THR I 230 19.64 27.26 4.56
C THR I 230 19.50 28.18 5.75
N ASN I 231 18.42 28.94 5.81
CA ASN I 231 18.30 29.88 6.91
C ASN I 231 17.70 29.21 8.11
N PHE I 232 18.50 28.37 8.75
CA PHE I 232 17.99 27.61 9.85
C PHE I 232 17.72 28.42 11.07
N LEU I 233 16.63 28.08 11.73
CA LEU I 233 16.31 28.67 13.01
C LEU I 233 16.34 27.60 14.07
N PHE I 234 16.79 27.95 15.24
CA PHE I 234 16.73 27.07 16.38
C PHE I 234 15.45 27.35 17.12
N GLN I 235 14.66 26.32 17.32
CA GLN I 235 13.39 26.53 17.97
C GLN I 235 13.52 26.41 19.47
N VAL I 236 13.03 27.42 20.17
CA VAL I 236 13.04 27.42 21.60
C VAL I 236 11.65 26.97 22.06
N ASP I 237 10.65 27.52 21.37
CA ASP I 237 9.22 27.21 21.50
C ASP I 237 8.67 27.51 20.11
N HIS I 238 7.38 27.39 19.86
CA HIS I 238 6.85 27.60 18.52
C HIS I 238 6.83 29.07 18.05
N LEU I 239 7.04 29.98 18.98
CA LEU I 239 7.03 31.40 18.71
C LEU I 239 8.42 32.00 18.79
N THR I 240 9.23 31.43 19.66
CA THR I 240 10.56 31.92 19.97
C THR I 240 11.62 31.17 19.21
N TYR I 241 12.37 31.92 18.42
CA TYR I 241 13.43 31.38 17.61
C TYR I 241 14.70 32.12 17.78
N VAL I 242 15.79 31.43 17.58
CA VAL I 242 17.09 32.04 17.56
C VAL I 242 17.72 31.70 16.24
N GLN I 243 18.20 32.67 15.50
CA GLN I 243 18.76 32.32 14.21
C GLN I 243 19.99 31.46 14.45
N LEU I 244 20.10 30.35 13.73
CA LEU I 244 21.20 29.44 13.94
C LEU I 244 22.50 29.95 13.35
N GLU I 245 23.57 29.78 14.11
CA GLU I 245 24.91 30.12 13.68
C GLU I 245 25.79 28.90 13.99
N PRO I 246 26.64 28.44 13.05
CA PRO I 246 27.49 27.26 13.17
C PRO I 246 28.70 27.47 14.05
N ARG I 247 28.42 27.78 15.29
CA ARG I 247 29.39 27.97 16.34
C ARG I 247 28.77 27.31 17.53
N PHE I 248 27.46 27.11 17.44
CA PHE I 248 26.76 26.57 18.58
C PHE I 248 26.69 25.07 18.56
N THR I 249 27.29 24.50 19.59
CA THR I 249 27.39 23.08 19.76
C THR I 249 26.07 22.64 20.38
N PRO I 250 25.73 21.33 20.38
CA PRO I 250 24.55 20.78 21.01
C PRO I 250 24.45 21.19 22.46
N GLN I 251 25.61 21.32 23.11
CA GLN I 251 25.65 21.69 24.50
C GLN I 251 25.36 23.15 24.67
N PHE I 252 25.83 23.98 23.74
CA PHE I 252 25.59 25.39 23.90
C PHE I 252 24.13 25.63 23.66
N LEU I 253 23.54 24.90 22.72
CA LEU I 253 22.14 25.12 22.43
C LEU I 253 21.29 24.76 23.62
N VAL I 254 21.64 23.67 24.31
CA VAL I 254 20.86 23.32 25.49
C VAL I 254 21.06 24.37 26.56
N GLN I 255 22.28 24.81 26.78
CA GLN I 255 22.55 25.78 27.81
C GLN I 255 21.84 27.09 27.52
N LEU I 256 21.77 27.48 26.25
CA LEU I 256 21.06 28.69 25.88
C LEU I 256 19.57 28.53 26.18
N ASN I 257 18.97 27.33 25.88
CA ASN I 257 17.58 27.00 26.13
C ASN I 257 17.26 27.00 27.65
N GLU I 258 18.21 26.47 28.49
CA GLU I 258 18.09 26.43 29.95
C GLU I 258 18.08 27.83 30.50
N THR I 259 18.92 28.69 29.94
CA THR I 259 18.98 30.06 30.37
C THR I 259 17.69 30.78 30.03
N ILE I 260 17.14 30.54 28.83
CA ILE I 260 15.91 31.20 28.44
C ILE I 260 14.78 30.86 29.37
N TYR I 261 14.68 29.62 29.78
CA TYR I 261 13.60 29.27 30.67
C TYR I 261 13.98 29.37 32.15
N THR I 262 15.16 29.91 32.47
CA THR I 262 15.58 30.08 33.87
C THR I 262 14.60 30.97 34.57
N ASN I 263 14.12 31.97 33.85
CA ASN I 263 13.16 32.90 34.37
C ASN I 263 11.96 32.94 33.43
N GLY I 264 11.49 31.76 32.99
CA GLY I 264 10.37 31.79 32.06
C GLY I 264 9.73 30.44 31.79
N ARG I 265 8.79 30.46 30.86
CA ARG I 265 7.98 29.32 30.49
C ARG I 265 7.35 29.55 29.14
N ARG I 266 6.71 28.52 28.61
CA ARG I 266 5.92 28.68 27.42
C ARG I 266 4.57 29.25 27.83
N SER I 267 3.98 30.07 26.95
CA SER I 267 2.68 30.66 27.20
C SER I 267 1.63 30.33 26.16
N ASN I 268 1.52 31.12 25.09
CA ASN I 268 0.42 30.90 24.16
C ASN I 268 0.60 31.30 22.67
N THR I 269 0.55 32.59 22.34
CA THR I 269 0.30 32.96 20.95
C THR I 269 1.26 33.88 20.23
N THR I 270 1.26 33.65 18.92
CA THR I 270 1.82 34.39 17.78
C THR I 270 2.90 35.49 17.91
N GLY I 271 3.73 35.48 18.94
CA GLY I 271 4.78 36.50 18.99
C GLY I 271 5.74 36.47 17.78
N THR I 272 6.06 35.26 17.31
CA THR I 272 6.93 34.97 16.15
C THR I 272 8.11 35.95 16.05
N LEU I 273 9.03 35.83 16.99
CA LEU I 273 10.18 36.70 17.09
C LEU I 273 11.48 35.91 16.98
N ILE I 274 12.38 36.36 16.11
CA ILE I 274 13.66 35.69 15.91
C ILE I 274 14.78 36.52 16.52
N TRP I 275 15.50 35.89 17.41
CA TRP I 275 16.59 36.49 18.13
C TRP I 275 17.96 36.16 17.57
N LYS I 276 18.88 37.08 17.71
CA LYS I 276 20.25 36.86 17.31
C LYS I 276 21.12 36.84 18.54
N VAL I 277 22.25 36.18 18.47
CA VAL I 277 23.13 36.19 19.61
C VAL I 277 24.07 37.35 19.48
N ASN I 278 24.43 37.98 20.58
CA ASN I 278 25.46 38.98 20.45
C ASN I 278 26.70 38.20 20.04
N PRO I 279 27.38 38.54 18.94
CA PRO I 279 28.56 37.84 18.44
C PRO I 279 29.74 37.63 19.43
N THR I 280 29.83 38.45 20.52
CA THR I 280 30.87 38.42 21.55
C THR I 280 30.81 37.08 22.28
N GLN J 20 11.04 48.03 39.19
CA GLN J 20 11.62 48.78 38.10
C GLN J 20 12.94 49.38 38.62
N VAL J 21 13.65 50.14 37.76
CA VAL J 21 14.98 50.71 38.02
C VAL J 21 14.99 52.16 37.72
N GLN J 22 15.99 52.86 38.20
CA GLN J 22 16.09 54.22 37.76
C GLN J 22 16.74 54.17 36.41
N LEU J 23 16.03 54.69 35.43
CA LEU J 23 16.54 54.76 34.08
C LEU J 23 17.30 56.07 33.98
N VAL J 24 18.55 55.98 33.59
CA VAL J 24 19.43 57.14 33.50
C VAL J 24 19.92 57.31 32.10
N GLN J 25 19.74 58.47 31.47
CA GLN J 25 20.16 58.61 30.08
C GLN J 25 21.25 59.66 29.88
N SER J 26 22.05 59.47 28.83
CA SER J 26 23.13 60.39 28.46
C SER J 26 22.63 61.71 27.85
N GLY J 27 23.53 62.70 27.78
CA GLY J 27 23.18 64.01 27.24
C GLY J 27 22.94 64.02 25.74
N ALA J 28 22.14 64.99 25.31
CA ALA J 28 21.79 65.23 23.91
C ALA J 28 22.95 65.79 23.12
N GLU J 29 22.95 65.51 21.82
CA GLU J 29 24.00 66.05 20.95
C GLU J 29 23.59 66.16 19.49
N VAL J 30 24.35 66.99 18.76
CA VAL J 30 24.15 67.19 17.33
C VAL J 30 25.43 66.82 16.58
N LYS J 31 25.31 65.93 15.60
CA LYS J 31 26.47 65.54 14.80
C LYS J 31 26.35 65.99 13.36
N LYS J 32 27.43 65.97 12.61
CA LYS J 32 27.24 66.26 11.21
C LYS J 32 26.61 65.01 10.62
N PRO J 33 25.73 65.11 9.61
CA PRO J 33 25.12 63.97 8.99
C PRO J 33 26.21 63.01 8.51
N GLY J 34 25.98 61.72 8.71
CA GLY J 34 26.90 60.66 8.34
C GLY J 34 27.74 60.20 9.52
N SER J 35 27.71 60.97 10.60
CA SER J 35 28.46 60.67 11.81
C SER J 35 27.73 59.65 12.65
N SER J 36 28.42 59.06 13.61
CA SER J 36 27.75 58.11 14.48
C SER J 36 27.58 58.66 15.88
N VAL J 37 26.52 58.23 16.54
CA VAL J 37 26.24 58.56 17.93
C VAL J 37 26.11 57.35 18.82
N LYS J 38 26.85 57.35 19.91
CA LYS J 38 26.72 56.26 20.84
C LYS J 38 25.77 56.70 21.93
N VAL J 39 24.61 56.08 21.95
CA VAL J 39 23.54 56.43 22.85
C VAL J 39 23.62 55.49 24.01
N SER J 40 23.51 56.00 25.23
CA SER J 40 23.58 55.07 26.32
C SER J 40 22.64 55.43 27.46
N CYS J 41 22.31 54.40 28.29
CA CYS J 41 21.45 54.49 29.47
C CYS J 41 21.98 53.62 30.61
N ARG J 42 22.67 54.26 31.56
CA ARG J 42 23.21 53.51 32.70
C ARG J 42 22.22 53.44 33.80
N ALA J 43 21.20 52.66 33.55
CA ALA J 43 20.12 52.46 34.48
C ALA J 43 20.59 51.56 35.60
N SER J 44 19.96 51.66 36.74
CA SER J 44 20.27 50.79 37.87
C SER J 44 19.61 49.44 37.67
N GLY J 45 19.95 48.47 38.54
CA GLY J 45 19.31 47.14 38.56
C GLY J 45 20.14 46.02 37.96
N ASP J 46 20.72 45.21 38.82
CA ASP J 46 21.53 44.07 38.41
C ASP J 46 20.66 42.88 38.03
N SER J 47 19.59 42.71 38.79
CA SER J 47 18.62 41.61 38.71
C SER J 47 17.81 41.69 37.44
N PHE J 48 17.83 42.85 36.85
CA PHE J 48 17.13 43.15 35.64
C PHE J 48 17.77 42.40 34.51
N SER J 49 19.01 41.93 34.69
CA SER J 49 19.68 41.17 33.65
C SER J 49 18.92 39.87 33.34
N ARG J 50 18.15 39.34 34.31
CA ARG J 50 17.40 38.12 34.09
C ARG J 50 15.89 38.37 34.07
N LYS J 51 15.44 39.47 34.70
CA LYS J 51 14.01 39.72 34.78
C LYS J 51 13.41 40.59 33.66
N TYR J 52 14.19 41.49 33.07
CA TYR J 52 13.67 42.41 32.07
C TYR J 52 14.57 42.57 30.86
N GLY J 53 13.97 42.83 29.73
CA GLY J 53 14.74 43.14 28.58
C GLY J 53 15.00 44.63 28.62
N ILE J 54 16.08 45.00 28.01
CA ILE J 54 16.40 46.39 27.89
C ILE J 54 15.85 46.78 26.57
N SER J 55 14.95 47.72 26.53
CA SER J 55 14.38 48.06 25.24
C SER J 55 14.65 49.48 24.86
N TRP J 56 14.69 49.71 23.56
CA TRP J 56 14.86 51.04 23.01
C TRP J 56 13.87 51.38 21.94
N VAL J 57 13.50 52.67 21.93
CA VAL J 57 12.67 53.26 20.87
C VAL J 57 13.28 54.55 20.32
N ARG J 58 12.78 54.94 19.15
CA ARG J 58 13.13 56.18 18.48
C ARG J 58 11.94 57.12 18.34
N GLN J 59 11.78 58.09 19.23
CA GLN J 59 10.59 58.90 19.12
C GLN J 59 10.84 60.10 18.24
N ALA J 60 10.68 59.90 16.95
CA ALA J 60 10.91 60.95 15.99
C ALA J 60 9.86 62.02 16.25
N PRO J 61 10.11 63.31 16.01
CA PRO J 61 9.12 64.35 16.21
C PRO J 61 7.85 64.03 15.44
N GLY J 62 6.72 64.19 16.12
CA GLY J 62 5.40 63.94 15.56
C GLY J 62 4.98 62.48 15.64
N GLN J 63 5.89 61.62 16.09
CA GLN J 63 5.68 60.19 16.18
C GLN J 63 5.62 59.68 17.60
N GLY J 64 5.05 58.49 17.77
CA GLY J 64 5.07 57.82 19.06
C GLY J 64 6.36 57.01 19.21
N PHE J 65 6.37 56.08 20.12
CA PHE J 65 7.59 55.38 20.49
C PHE J 65 8.00 54.20 19.61
N GLU J 66 8.48 54.50 18.41
CA GLU J 66 8.84 53.48 17.43
C GLU J 66 9.87 52.49 17.96
N TRP J 67 9.56 51.20 17.86
CA TRP J 67 10.45 50.17 18.40
C TRP J 67 11.73 49.99 17.62
N MET J 68 12.84 49.92 18.33
CA MET J 68 14.11 49.69 17.68
C MET J 68 14.66 48.31 17.95
N GLY J 69 14.56 47.90 19.21
CA GLY J 69 15.15 46.62 19.60
C GLY J 69 15.18 46.36 21.10
N THR J 70 15.65 45.16 21.47
CA THR J 70 15.75 44.79 22.87
C THR J 70 16.86 43.76 23.17
N ILE J 71 17.36 43.81 24.41
CA ILE J 71 18.46 42.97 24.92
C ILE J 71 18.09 42.14 26.13
N MET J 72 18.50 40.88 26.16
CA MET J 72 18.33 39.98 27.29
C MET J 72 19.70 39.54 27.82
N PRO J 73 20.40 40.36 28.66
CA PRO J 73 21.77 40.20 29.14
C PRO J 73 22.10 38.84 29.74
N ILE J 74 21.13 38.22 30.40
CA ILE J 74 21.42 36.90 30.98
C ILE J 74 21.81 35.89 29.92
N VAL J 75 21.29 36.03 28.70
CA VAL J 75 21.65 35.16 27.62
C VAL J 75 22.69 35.89 26.79
N GLY J 76 22.54 37.22 26.68
CA GLY J 76 23.36 38.04 25.81
C GLY J 76 22.76 37.97 24.41
N LEU J 77 21.44 37.84 24.40
CA LEU J 77 20.64 37.70 23.20
C LEU J 77 19.99 39.03 22.83
N THR J 78 19.95 39.35 21.54
CA THR J 78 19.33 40.62 21.10
C THR J 78 18.40 40.48 19.91
N THR J 79 17.54 41.47 19.73
CA THR J 79 16.69 41.52 18.56
C THR J 79 16.39 42.94 18.18
N SER J 80 16.10 43.16 16.90
CA SER J 80 15.81 44.52 16.44
C SER J 80 14.89 44.58 15.24
N ALA J 81 14.34 45.77 15.02
CA ALA J 81 13.46 46.09 13.90
C ALA J 81 14.22 46.12 12.59
N GLN J 82 13.55 45.76 11.51
CA GLN J 82 14.18 45.71 10.20
C GLN J 82 14.66 47.08 9.73
N LYS J 83 14.06 48.11 10.29
CA LYS J 83 14.33 49.49 9.97
C LYS J 83 15.73 49.92 10.33
N PHE J 84 16.35 49.21 11.25
CA PHE J 84 17.66 49.56 11.70
C PHE J 84 18.67 48.48 11.39
N GLN J 85 18.36 47.58 10.45
CA GLN J 85 19.36 46.56 10.20
C GLN J 85 20.48 47.23 9.47
N GLY J 86 21.69 47.01 9.96
CA GLY J 86 22.86 47.60 9.32
C GLY J 86 23.08 49.05 9.77
N ARG J 87 22.21 49.56 10.65
CA ARG J 87 22.33 50.93 11.10
C ARG J 87 22.52 51.03 12.59
N VAL J 88 21.76 50.25 13.38
CA VAL J 88 21.93 50.44 14.81
C VAL J 88 22.37 49.19 15.54
N THR J 89 23.51 49.32 16.19
CA THR J 89 24.03 48.21 17.01
C THR J 89 23.30 48.25 18.32
N ILE J 90 22.80 47.10 18.76
CA ILE J 90 22.14 47.04 20.07
C ILE J 90 22.95 46.18 21.03
N THR J 91 23.42 46.76 22.12
CA THR J 91 24.22 46.01 23.09
C THR J 91 24.12 46.60 24.50
N ALA J 92 24.81 45.98 25.45
CA ALA J 92 24.80 46.48 26.81
C ALA J 92 26.02 45.98 27.57
N ASP J 93 26.40 46.71 28.62
CA ASP J 93 27.44 46.27 29.53
C ASP J 93 26.78 45.54 30.67
N LYS J 94 26.85 44.23 30.61
CA LYS J 94 26.17 43.37 31.54
C LYS J 94 26.57 43.64 32.98
N SER J 95 27.83 44.03 33.21
CA SER J 95 28.30 44.22 34.57
C SER J 95 27.82 45.52 35.21
N THR J 96 27.37 46.49 34.42
CA THR J 96 26.92 47.76 34.95
C THR J 96 25.46 48.01 34.60
N SER J 97 24.91 47.09 33.79
CA SER J 97 23.56 47.16 33.23
C SER J 97 23.37 48.44 32.45
N THR J 98 24.39 48.78 31.66
CA THR J 98 24.32 49.98 30.86
C THR J 98 23.95 49.63 29.46
N ALA J 99 22.88 50.21 29.00
CA ALA J 99 22.43 49.94 27.67
C ALA J 99 23.18 50.83 26.70
N HIS J 100 23.51 50.30 25.52
CA HIS J 100 24.17 51.11 24.51
C HIS J 100 23.62 50.89 23.11
N MET J 101 23.63 51.95 22.30
CA MET J 101 23.30 51.79 20.90
C MET J 101 24.27 52.54 20.03
N GLU J 102 24.56 51.99 18.86
CA GLU J 102 25.42 52.71 17.92
C GLU J 102 24.65 53.19 16.73
N LEU J 103 24.29 54.46 16.71
CA LEU J 103 23.48 54.99 15.64
C LEU J 103 24.39 55.40 14.51
N ASN J 104 24.68 54.46 13.63
CA ASN J 104 25.66 54.72 12.59
C ASN J 104 25.05 55.43 11.40
N SER J 105 25.88 56.20 10.70
CA SER J 105 25.46 56.94 9.51
C SER J 105 24.19 57.72 9.78
N LEU J 106 24.21 58.47 10.88
CA LEU J 106 23.09 59.23 11.37
C LEU J 106 22.60 60.26 10.38
N THR J 107 21.29 60.32 10.18
CA THR J 107 20.74 61.30 9.26
C THR J 107 19.65 62.19 9.86
N SER J 108 19.11 63.09 9.05
CA SER J 108 18.09 64.02 9.53
C SER J 108 16.79 63.32 9.90
N GLU J 109 16.56 62.18 9.29
CA GLU J 109 15.37 61.40 9.52
C GLU J 109 15.46 60.65 10.84
N ASP J 110 16.63 60.66 11.47
CA ASP J 110 16.83 59.98 12.72
C ASP J 110 16.72 60.95 13.88
N THR J 111 16.26 62.17 13.59
CA THR J 111 16.09 63.07 14.71
C THR J 111 15.04 62.45 15.57
N ALA J 112 15.38 62.25 16.83
CA ALA J 112 14.43 61.63 17.73
C ALA J 112 14.86 61.73 19.15
N ILE J 113 13.92 61.52 20.05
CA ILE J 113 14.30 61.36 21.42
C ILE J 113 14.45 59.87 21.61
N TYR J 114 15.63 59.46 22.01
CA TYR J 114 15.86 58.04 22.17
C TYR J 114 15.63 57.69 23.61
N TYR J 115 14.91 56.59 23.82
CA TYR J 115 14.56 56.17 25.18
C TYR J 115 14.87 54.72 25.48
N CYS J 116 15.25 54.46 26.75
CA CYS J 116 15.45 53.15 27.36
C CYS J 116 14.27 52.84 28.29
N ALA J 117 13.96 51.54 28.42
CA ALA J 117 12.90 51.06 29.32
C ALA J 117 13.11 49.60 29.70
N ARG J 118 12.37 49.14 30.73
CA ARG J 118 12.47 47.73 31.13
C ARG J 118 11.19 46.91 30.95
N ASP J 119 11.21 46.04 29.95
CA ASP J 119 10.08 45.20 29.54
C ASP J 119 10.25 43.79 30.07
N GLU J 120 9.25 43.22 30.68
CA GLU J 120 9.45 41.87 31.23
C GLU J 120 9.95 40.94 30.13
N ILE J 121 10.92 40.06 30.47
CA ILE J 121 11.56 39.18 29.47
C ILE J 121 10.56 38.74 28.46
N ILE J 122 10.95 38.92 27.19
CA ILE J 122 10.06 38.71 26.09
C ILE J 122 9.94 37.29 25.54
N GLY J 123 11.06 36.58 25.26
CA GLY J 123 10.83 35.28 24.60
C GLY J 123 10.16 35.70 23.31
N ALA J 124 8.96 35.22 23.07
CA ALA J 124 8.19 35.59 21.91
C ALA J 124 6.75 35.56 22.34
N ARG J 125 6.48 36.21 23.47
CA ARG J 125 5.15 36.23 24.03
C ARG J 125 4.79 37.70 24.33
N PRO J 126 3.52 38.04 24.62
CA PRO J 126 3.08 39.38 24.97
C PRO J 126 3.77 39.97 26.22
N HIS J 127 4.33 41.19 26.07
CA HIS J 127 5.05 41.90 27.18
C HIS J 127 5.08 43.42 27.11
N TRP J 128 5.23 44.05 28.27
CA TRP J 128 5.28 45.52 28.40
C TRP J 128 6.22 45.95 29.54
N PHE J 129 6.48 47.26 29.59
CA PHE J 129 7.30 47.90 30.62
C PHE J 129 6.42 48.70 31.55
N ASP J 130 6.85 48.90 32.81
CA ASP J 130 6.01 49.73 33.65
C ASP J 130 6.62 51.14 33.70
N SER J 131 7.96 51.18 33.64
CA SER J 131 8.77 52.39 33.71
C SER J 131 9.42 52.70 32.38
N TRP J 132 9.79 53.95 32.23
CA TRP J 132 10.38 54.45 31.01
C TRP J 132 11.23 55.67 31.36
N GLY J 133 12.34 55.88 30.66
CA GLY J 133 13.20 57.01 30.95
C GLY J 133 12.77 58.33 30.33
N GLN J 134 13.56 59.39 30.56
CA GLN J 134 13.24 60.70 30.01
C GLN J 134 13.70 60.81 28.58
N GLY J 135 14.76 60.08 28.29
CA GLY J 135 15.31 60.00 26.95
C GLY J 135 16.21 61.15 26.65
N THR J 136 16.75 61.14 25.45
CA THR J 136 17.65 62.21 25.08
C THR J 136 17.61 62.49 23.59
N LEU J 137 17.81 63.74 23.21
CA LEU J 137 17.77 64.08 21.79
C LEU J 137 19.03 63.84 21.03
N VAL J 138 18.88 63.16 19.92
CA VAL J 138 19.98 62.96 19.01
C VAL J 138 19.57 63.51 17.65
N THR J 139 20.38 64.40 17.10
CA THR J 139 20.08 64.95 15.78
C THR J 139 21.34 65.28 14.99
N VAL J 140 21.16 65.91 13.83
CA VAL J 140 22.27 66.27 12.96
C VAL J 140 22.22 67.74 12.53
N SER J 141 23.39 68.29 12.12
CA SER J 141 23.63 69.64 11.59
C SER J 141 22.97 70.73 12.46
N GLU K 19 3.48 40.39 14.31
CA GLU K 19 3.18 41.76 13.97
C GLU K 19 1.73 42.14 14.36
N ILE K 20 1.61 43.32 15.01
CA ILE K 20 0.34 43.96 15.44
C ILE K 20 0.09 45.40 14.98
N VAL K 21 -1.21 45.76 14.86
CA VAL K 21 -1.67 47.10 14.47
C VAL K 21 -2.69 47.72 15.44
N MET K 22 -2.43 48.99 15.82
CA MET K 22 -3.27 49.81 16.72
C MET K 22 -3.45 51.21 16.15
N THR K 23 -4.61 51.83 16.43
CA THR K 23 -4.92 53.19 15.97
C THR K 23 -4.94 54.22 17.11
N GLN K 24 -5.29 55.46 16.76
CA GLN K 24 -5.37 56.61 17.67
C GLN K 24 -6.80 57.15 17.72
N SER K 25 -7.40 57.25 18.90
CA SER K 25 -8.75 57.79 18.91
C SER K 25 -9.26 58.28 20.26
N PRO K 26 -9.69 59.54 20.36
CA PRO K 26 -9.67 60.66 19.42
C PRO K 26 -8.25 61.19 19.38
N ALA K 27 -7.87 61.99 18.41
CA ALA K 27 -6.53 62.55 18.56
C ALA K 27 -6.44 63.44 19.81
N ILE K 28 -7.51 64.20 20.07
CA ILE K 28 -7.63 65.10 21.21
C ILE K 28 -8.99 64.94 21.87
N MET K 29 -9.04 64.90 23.19
CA MET K 29 -10.30 64.84 23.91
C MET K 29 -10.41 66.06 24.81
N SER K 30 -11.62 66.59 24.93
CA SER K 30 -11.86 67.74 25.80
C SER K 30 -12.49 67.29 27.09
N VAL K 31 -11.76 67.47 28.16
CA VAL K 31 -12.19 67.04 29.46
C VAL K 31 -12.05 68.15 30.47
N SER K 32 -13.16 68.72 30.90
CA SER K 32 -13.05 69.72 31.94
C SER K 32 -12.62 68.90 33.15
N PRO K 33 -11.81 69.42 34.06
CA PRO K 33 -11.40 68.67 35.21
C PRO K 33 -12.66 68.32 35.98
N GLY K 34 -12.68 67.11 36.50
CA GLY K 34 -13.81 66.58 37.25
C GLY K 34 -14.70 65.69 36.38
N LYS K 35 -14.51 65.75 35.06
CA LYS K 35 -15.28 64.94 34.15
C LYS K 35 -14.53 63.65 33.85
N ARG K 36 -15.24 62.65 33.35
CA ARG K 36 -14.60 61.41 32.99
C ARG K 36 -14.06 61.44 31.57
N ALA K 37 -12.77 61.14 31.45
CA ALA K 37 -12.10 61.12 30.16
C ALA K 37 -12.23 59.76 29.51
N THR K 38 -12.37 59.71 28.18
CA THR K 38 -12.37 58.42 27.49
C THR K 38 -11.40 58.32 26.32
N LEU K 39 -10.63 57.24 26.32
CA LEU K 39 -9.69 56.83 25.26
C LEU K 39 -10.22 55.55 24.59
N SER K 40 -10.30 55.56 23.26
CA SER K 40 -10.83 54.39 22.55
C SER K 40 -9.74 53.67 21.76
N CYS K 41 -9.40 52.42 22.15
CA CYS K 41 -8.33 51.62 21.56
C CYS K 41 -8.93 50.57 20.63
N ARG K 42 -8.61 50.67 19.35
CA ARG K 42 -9.16 49.74 18.36
C ARG K 42 -8.06 49.01 17.60
N ALA K 43 -7.82 47.77 17.98
CA ALA K 43 -6.79 46.93 17.39
C ALA K 43 -7.31 46.24 16.15
N SER K 44 -6.41 45.78 15.31
CA SER K 44 -6.81 44.98 14.16
C SER K 44 -6.84 43.49 14.50
N GLN K 45 -6.45 43.18 15.73
CA GLN K 45 -6.34 41.82 16.26
C GLN K 45 -7.17 41.64 17.52
N SER K 46 -7.57 40.41 17.81
CA SER K 46 -8.38 40.12 19.01
C SER K 46 -7.51 40.04 20.27
N VAL K 47 -7.06 41.20 20.69
CA VAL K 47 -6.07 41.33 21.76
C VAL K 47 -6.44 42.14 22.98
N SER K 48 -7.69 42.29 23.37
CA SER K 48 -8.01 43.17 24.50
C SER K 48 -7.35 42.76 25.82
N SER K 49 -6.89 41.51 25.91
CA SER K 49 -6.21 40.96 27.07
C SER K 49 -4.68 41.17 27.05
N ASN K 50 -4.15 41.73 25.95
CA ASN K 50 -2.71 41.95 25.76
C ASN K 50 -2.37 43.40 25.42
N LEU K 51 -3.05 44.32 26.06
CA LEU K 51 -2.89 45.75 25.86
C LEU K 51 -2.31 46.47 27.09
N ALA K 52 -1.77 47.65 26.88
CA ALA K 52 -1.28 48.44 27.99
C ALA K 52 -1.57 49.91 27.77
N TRP K 53 -1.84 50.63 28.85
CA TRP K 53 -2.14 52.03 28.71
C TRP K 53 -1.22 52.85 29.53
N TYR K 54 -0.75 53.92 28.92
CA TYR K 54 0.21 54.80 29.57
C TYR K 54 -0.17 56.26 29.63
N GLN K 55 0.21 56.89 30.74
CA GLN K 55 0.01 58.31 30.96
C GLN K 55 1.27 59.12 30.73
N ARG K 56 1.28 59.96 29.71
CA ARG K 56 2.49 60.73 29.45
C ARG K 56 2.31 62.23 29.57
N LYS K 57 2.83 62.77 30.64
CA LYS K 57 2.68 64.18 30.87
C LYS K 57 3.65 64.86 29.91
N PRO K 58 3.41 66.08 29.44
CA PRO K 58 4.31 66.75 28.52
C PRO K 58 5.70 66.81 29.10
N GLY K 59 6.67 66.39 28.30
CA GLY K 59 8.07 66.40 28.68
C GLY K 59 8.47 65.22 29.58
N GLN K 60 7.53 64.36 29.92
CA GLN K 60 7.76 63.25 30.83
C GLN K 60 7.73 61.89 30.20
N ALA K 61 8.34 60.94 30.88
CA ALA K 61 8.23 59.56 30.51
C ALA K 61 6.77 59.10 30.73
N PRO K 62 6.22 58.19 29.91
CA PRO K 62 4.93 57.58 30.09
C PRO K 62 4.99 56.68 31.31
N ARG K 63 3.90 56.61 32.04
CA ARG K 63 3.78 55.72 33.19
C ARG K 63 2.69 54.69 32.99
N LEU K 64 2.98 53.42 33.25
CA LEU K 64 1.91 52.45 33.07
C LEU K 64 0.78 52.67 34.03
N LEU K 65 -0.43 52.69 33.50
CA LEU K 65 -1.60 52.84 34.30
C LEU K 65 -2.25 51.50 34.52
N ILE K 66 -2.50 50.84 33.40
CA ILE K 66 -3.22 49.58 33.33
C ILE K 66 -2.55 48.63 32.34
N TYR K 67 -2.61 47.33 32.62
CA TYR K 67 -2.08 46.34 31.70
C TYR K 67 -2.96 45.11 31.53
N GLY K 68 -2.80 44.44 30.41
CA GLY K 68 -3.51 43.24 30.10
C GLY K 68 -4.85 43.68 29.58
N SER K 69 -5.75 43.88 30.51
CA SER K 69 -7.07 44.41 30.23
C SER K 69 -7.33 45.51 31.24
N SER K 70 -7.89 45.15 32.37
CA SER K 70 -8.25 46.10 33.42
C SER K 70 -7.32 46.15 34.64
N THR K 71 -6.27 45.31 34.70
CA THR K 71 -5.46 45.29 35.91
C THR K 71 -4.62 46.54 36.07
N ARG K 72 -4.72 47.15 37.24
CA ARG K 72 -3.98 48.37 37.49
C ARG K 72 -2.53 48.13 37.83
N ALA K 73 -1.71 49.08 37.42
CA ALA K 73 -0.30 49.13 37.69
C ALA K 73 -0.05 49.65 39.10
N THR K 74 1.13 49.39 39.61
CA THR K 74 1.46 49.82 40.95
C THR K 74 1.40 51.33 41.12
N GLY K 75 0.69 51.75 42.17
CA GLY K 75 0.56 53.15 42.54
C GLY K 75 -0.50 53.92 41.76
N ILE K 76 -1.30 53.23 40.96
CA ILE K 76 -2.30 53.91 40.15
C ILE K 76 -3.65 54.07 40.85
N PRO K 77 -4.21 55.30 40.94
CA PRO K 77 -5.48 55.61 41.55
C PRO K 77 -6.60 54.80 40.93
N ALA K 78 -7.62 54.52 41.73
CA ALA K 78 -8.80 53.74 41.33
C ALA K 78 -9.61 54.39 40.22
N ARG K 79 -9.38 55.69 40.04
CA ARG K 79 -10.05 56.49 39.04
C ARG K 79 -9.71 56.00 37.64
N PHE K 80 -8.58 55.32 37.51
CA PHE K 80 -8.14 54.80 36.23
C PHE K 80 -8.70 53.40 36.09
N SER K 81 -9.50 53.20 35.06
CA SER K 81 -10.14 51.91 34.86
C SER K 81 -10.46 51.67 33.40
N GLY K 82 -10.89 50.46 33.07
CA GLY K 82 -11.27 50.18 31.70
C GLY K 82 -11.60 48.73 31.51
N SER K 83 -12.13 48.41 30.35
CA SER K 83 -12.49 47.06 29.98
C SER K 83 -12.58 46.90 28.48
N GLY K 84 -12.61 45.67 27.99
CA GLY K 84 -12.72 45.43 26.56
C GLY K 84 -12.80 43.96 26.21
N SER K 85 -12.94 43.71 24.92
CA SER K 85 -13.07 42.36 24.38
C SER K 85 -12.63 42.31 22.92
N GLY K 86 -11.91 41.26 22.56
CA GLY K 86 -11.52 41.13 21.18
C GLY K 86 -10.62 42.29 20.79
N THR K 87 -11.02 43.00 19.74
CA THR K 87 -10.27 44.12 19.20
C THR K 87 -10.44 45.44 19.92
N GLU K 88 -11.46 45.60 20.78
CA GLU K 88 -11.62 46.93 21.36
C GLU K 88 -11.57 47.01 22.87
N PHE K 89 -10.97 48.09 23.32
CA PHE K 89 -10.87 48.40 24.73
C PHE K 89 -11.14 49.85 24.98
N THR K 90 -11.91 50.13 26.01
CA THR K 90 -12.17 51.49 26.36
C THR K 90 -11.52 51.82 27.69
N LEU K 91 -10.69 52.85 27.69
CA LEU K 91 -10.01 53.27 28.89
C LEU K 91 -10.66 54.54 29.38
N THR K 92 -10.97 54.61 30.66
CA THR K 92 -11.52 55.84 31.17
C THR K 92 -10.85 56.33 32.44
N ILE K 93 -10.91 57.64 32.64
CA ILE K 93 -10.40 58.23 33.86
C ILE K 93 -11.47 59.02 34.57
N SER K 94 -11.94 58.51 35.69
CA SER K 94 -12.98 59.18 36.42
C SER K 94 -12.40 60.44 37.02
N SER K 95 -13.21 61.49 37.10
CA SER K 95 -12.78 62.71 37.75
C SER K 95 -11.37 63.15 37.36
N LEU K 96 -11.09 63.31 36.06
CA LEU K 96 -9.72 63.62 35.65
C LEU K 96 -9.30 64.95 36.26
N GLN K 97 -8.10 65.03 36.84
CA GLN K 97 -7.66 66.28 37.49
C GLN K 97 -6.60 67.05 36.72
N SER K 98 -6.20 68.22 37.23
CA SER K 98 -5.20 69.04 36.55
C SER K 98 -3.91 68.26 36.34
N GLU K 99 -3.59 67.45 37.33
CA GLU K 99 -2.41 66.62 37.38
C GLU K 99 -2.41 65.49 36.36
N ASP K 100 -3.58 65.22 35.77
CA ASP K 100 -3.77 64.17 34.81
C ASP K 100 -3.90 64.66 33.37
N PHE K 101 -3.58 65.94 33.09
CA PHE K 101 -3.70 66.32 31.68
C PHE K 101 -2.47 65.90 30.88
N ALA K 102 -2.47 64.61 30.58
CA ALA K 102 -1.42 63.83 29.93
C ALA K 102 -1.90 63.24 28.61
N VAL K 103 -0.97 62.91 27.74
CA VAL K 103 -1.38 62.22 26.52
C VAL K 103 -1.50 60.76 26.88
N TYR K 104 -2.62 60.15 26.55
CA TYR K 104 -2.77 58.77 26.91
C TYR K 104 -2.58 57.87 25.72
N TYR K 105 -1.70 56.91 25.86
CA TYR K 105 -1.37 56.03 24.77
C TYR K 105 -1.94 54.63 24.89
N CYS K 106 -2.38 54.07 23.74
CA CYS K 106 -2.84 52.69 23.57
C CYS K 106 -1.67 51.88 23.05
N LEU K 107 -1.13 50.99 23.86
CA LEU K 107 -0.04 50.15 23.42
C LEU K 107 -0.55 48.74 23.29
N GLN K 108 -0.13 48.08 22.25
CA GLN K 108 -0.54 46.72 22.03
C GLN K 108 0.72 45.92 22.07
N TYR K 109 0.77 44.93 22.93
CA TYR K 109 2.01 44.20 23.06
C TYR K 109 1.95 42.75 22.67
N TYR K 110 0.85 42.37 22.07
CA TYR K 110 0.56 41.00 21.69
C TYR K 110 1.58 40.29 20.78
N ASN K 111 2.01 40.89 19.66
CA ASN K 111 2.98 40.22 18.79
C ASN K 111 4.20 41.09 18.56
N TRP K 112 5.16 40.56 17.80
CA TRP K 112 6.31 41.33 17.45
C TRP K 112 6.36 41.55 15.95
N PRO K 113 6.65 42.76 15.51
CA PRO K 113 6.85 44.02 16.22
C PRO K 113 5.62 44.49 16.98
N ARG K 114 5.89 45.18 18.07
CA ARG K 114 4.83 45.72 18.89
C ARG K 114 4.35 47.02 18.32
N THR K 115 3.16 47.44 18.69
CA THR K 115 2.67 48.68 18.14
C THR K 115 2.04 49.61 19.13
N PHE K 116 1.62 50.76 18.63
CA PHE K 116 0.99 51.77 19.44
C PHE K 116 0.14 52.75 18.66
N GLY K 117 -0.81 53.35 19.37
CA GLY K 117 -1.56 54.45 18.81
C GLY K 117 -0.65 55.64 19.02
N GLN K 118 -0.98 56.79 18.48
CA GLN K 118 -0.08 57.93 18.63
C GLN K 118 -0.42 58.78 19.87
N GLY K 119 -1.45 58.35 20.60
CA GLY K 119 -1.86 58.97 21.86
C GLY K 119 -2.97 60.01 21.78
N THR K 120 -3.74 60.11 22.84
CA THR K 120 -4.80 61.09 22.89
C THR K 120 -4.47 62.21 23.83
N LYS K 121 -4.41 63.42 23.31
CA LYS K 121 -4.10 64.57 24.12
C LYS K 121 -5.34 64.98 24.86
N VAL K 122 -5.19 65.45 26.08
CA VAL K 122 -6.36 65.94 26.76
C VAL K 122 -6.20 67.43 27.05
N GLU K 123 -7.24 68.17 26.73
CA GLU K 123 -7.31 69.61 26.92
C GLU K 123 -8.56 69.91 27.75
N ILE K 124 -8.58 71.04 28.49
CA ILE K 124 -9.71 71.49 29.33
C ILE K 124 -10.92 71.84 28.44
N CYS L 10 41.41 10.25 15.51
CA CYS L 10 40.95 9.00 16.08
C CYS L 10 40.68 9.14 17.58
N ASN L 11 39.45 9.52 17.93
CA ASN L 11 39.10 9.59 19.34
C ASN L 11 39.32 8.19 19.94
N PRO L 12 40.24 8.01 20.88
CA PRO L 12 40.66 6.74 21.43
C PRO L 12 39.76 6.15 22.50
N ASN L 13 38.62 6.78 22.76
CA ASN L 13 37.72 6.26 23.79
C ASN L 13 36.46 5.73 23.16
N LEU L 14 36.28 4.42 23.18
CA LEU L 14 35.14 3.82 22.55
C LEU L 14 34.00 3.45 23.46
N HIS L 15 32.86 4.04 23.17
CA HIS L 15 31.64 3.72 23.84
C HIS L 15 30.89 2.98 22.80
N TYR L 16 30.66 1.71 23.07
CA TYR L 16 30.04 0.84 22.08
C TYR L 16 28.83 0.20 22.63
N TRP L 17 27.99 -0.22 21.72
CA TRP L 17 26.83 -0.96 22.08
C TRP L 17 26.67 -2.09 21.10
N THR L 18 26.05 -3.13 21.56
CA THR L 18 25.78 -4.27 20.72
C THR L 18 24.44 -4.90 21.01
N THR L 19 24.17 -5.91 20.24
CA THR L 19 22.96 -6.67 20.39
C THR L 19 23.04 -7.49 21.67
N GLN L 20 22.01 -7.43 22.49
CA GLN L 20 22.05 -8.18 23.74
C GLN L 20 21.56 -9.60 23.53
N ASP L 21 22.39 -10.41 22.89
CA ASP L 21 22.04 -11.78 22.54
C ASP L 21 22.79 -12.84 23.33
N GLU L 22 23.48 -12.44 24.39
CA GLU L 22 24.21 -13.40 25.19
C GLU L 22 23.22 -14.36 25.90
N GLY L 23 23.54 -15.69 25.88
CA GLY L 23 22.73 -16.73 26.52
C GLY L 23 21.46 -17.01 25.71
N TRP L 30 11.56 -13.92 28.08
CA TRP L 30 11.83 -14.06 26.65
C TRP L 30 10.56 -14.11 25.75
N ILE L 31 9.36 -14.30 26.35
CA ILE L 31 8.07 -14.39 25.67
C ILE L 31 7.67 -13.03 25.10
N PRO L 32 7.23 -12.95 23.84
CA PRO L 32 6.87 -11.73 23.17
C PRO L 32 5.98 -10.75 23.92
N TYR L 33 5.03 -11.18 24.77
CA TYR L 33 4.29 -10.09 25.41
C TYR L 33 4.61 -10.03 26.91
N PHE L 34 5.63 -10.78 27.31
CA PHE L 34 6.13 -10.85 28.68
C PHE L 34 7.65 -10.75 28.64
N GLY L 35 8.13 -9.57 28.35
CA GLY L 35 9.56 -9.34 28.18
C GLY L 35 9.73 -7.85 28.02
N PRO L 36 10.96 -7.35 27.84
CA PRO L 36 11.32 -5.94 27.78
C PRO L 36 11.02 -5.30 26.44
N ALA L 37 9.75 -5.34 26.07
CA ALA L 37 9.32 -4.84 24.78
C ALA L 37 10.33 -5.30 23.77
N ALA L 38 10.84 -4.35 23.00
CA ALA L 38 11.93 -4.56 22.08
C ALA L 38 12.92 -3.44 22.33
N GLU L 39 13.04 -3.09 23.59
CA GLU L 39 13.94 -2.03 24.02
C GLU L 39 15.09 -2.59 24.84
N GLY L 40 14.82 -3.59 25.68
CA GLY L 40 15.87 -4.17 26.53
C GLY L 40 16.60 -5.26 25.76
N ILE L 41 17.06 -4.88 24.60
CA ILE L 41 17.69 -5.77 23.67
C ILE L 41 19.07 -5.25 23.27
N TYR L 42 19.60 -4.35 24.08
CA TYR L 42 20.90 -3.75 23.82
C TYR L 42 21.76 -3.82 25.05
N THR L 43 23.04 -3.95 24.82
CA THR L 43 24.04 -3.97 25.87
C THR L 43 25.18 -3.07 25.49
N GLU L 44 25.91 -2.56 26.47
CA GLU L 44 26.95 -1.59 26.17
C GLU L 44 28.13 -1.62 27.10
N GLY L 45 29.23 -1.00 26.67
CA GLY L 45 30.43 -0.92 27.48
C GLY L 45 31.52 -0.02 26.90
N ILE L 46 32.67 -0.02 27.58
CA ILE L 46 33.77 0.85 27.18
C ILE L 46 35.07 0.12 26.86
N MET L 47 35.70 0.54 25.77
CA MET L 47 37.02 0.05 25.37
C MET L 47 37.93 1.24 25.13
N HIS L 48 39.22 1.10 25.33
CA HIS L 48 40.10 2.19 24.95
C HIS L 48 40.92 1.76 23.75
N ASN L 49 41.73 2.67 23.20
CA ASN L 49 42.51 2.39 22.00
C ASN L 49 43.79 1.64 22.29
N GLN L 50 43.62 0.43 22.78
CA GLN L 50 44.75 -0.36 23.17
C GLN L 50 45.42 -0.85 21.93
N ASN L 51 46.69 -0.56 21.81
CA ASN L 51 47.50 -0.96 20.66
C ASN L 51 46.95 -0.38 19.37
N GLY L 52 46.18 0.70 19.45
CA GLY L 52 45.66 1.30 18.24
C GLY L 52 44.40 0.63 17.69
N LEU L 53 43.74 -0.27 18.43
CA LEU L 53 42.58 -0.93 17.86
C LEU L 53 41.44 -0.03 17.45
N ILE L 54 41.17 1.04 18.18
CA ILE L 54 40.04 1.88 17.78
C ILE L 54 40.33 2.62 16.49
N CYS L 55 41.55 3.22 16.37
CA CYS L 55 41.95 4.01 15.21
C CYS L 55 42.06 3.10 13.98
N GLY L 56 42.68 1.94 14.17
CA GLY L 56 42.84 1.01 13.08
C GLY L 56 41.51 0.54 12.56
N LEU L 57 40.56 0.30 13.46
CA LEU L 57 39.27 -0.17 13.00
C LEU L 57 38.59 0.89 12.20
N ARG L 58 38.69 2.15 12.62
CA ARG L 58 38.06 3.19 11.85
C ARG L 58 38.65 3.32 10.46
N GLN L 59 39.96 3.15 10.33
CA GLN L 59 40.53 3.25 8.99
C GLN L 59 40.05 2.08 8.13
N LEU L 60 39.89 0.90 8.72
CA LEU L 60 39.41 -0.24 7.97
C LEU L 60 37.99 0.02 7.50
N ALA L 61 37.16 0.53 8.41
CA ALA L 61 35.78 0.81 8.06
C ALA L 61 35.64 1.83 6.93
N ASN L 62 36.55 2.86 6.90
CA ASN L 62 36.58 3.93 5.89
C ASN L 62 36.87 3.34 4.48
N GLU L 63 37.87 2.44 4.35
CA GLU L 63 38.28 1.79 3.09
C GLU L 63 37.15 0.92 2.51
N THR L 64 36.47 0.28 3.42
CA THR L 64 35.42 -0.64 3.10
C THR L 64 34.24 0.08 2.48
N THR L 65 34.12 1.41 2.63
CA THR L 65 32.97 2.08 2.07
C THR L 65 32.93 1.82 0.58
N GLN L 66 34.08 1.87 -0.09
CA GLN L 66 34.05 1.65 -1.51
C GLN L 66 33.73 0.22 -1.83
N ALA L 67 34.34 -0.69 -1.06
CA ALA L 67 34.11 -2.09 -1.39
C ALA L 67 32.64 -2.44 -1.28
N LEU L 68 32.01 -1.87 -0.27
CA LEU L 68 30.61 -2.13 -0.04
C LEU L 68 29.73 -1.47 -1.06
N GLN L 69 30.02 -0.25 -1.48
CA GLN L 69 29.11 0.31 -2.45
C GLN L 69 29.15 -0.47 -3.76
N LEU L 70 30.32 -0.98 -4.17
CA LEU L 70 30.29 -1.75 -5.42
C LEU L 70 29.53 -3.04 -5.24
N PHE L 71 29.73 -3.68 -4.10
CA PHE L 71 29.08 -4.92 -3.79
C PHE L 71 27.59 -4.77 -3.96
N LEU L 72 27.05 -3.70 -3.39
CA LEU L 72 25.63 -3.48 -3.49
C LEU L 72 25.18 -3.12 -4.90
N ARG L 73 25.97 -2.33 -5.64
CA ARG L 73 25.55 -1.98 -7.00
C ARG L 73 25.39 -3.20 -7.86
N ALA L 74 26.23 -4.19 -7.62
CA ALA L 74 26.27 -5.41 -8.39
C ALA L 74 25.17 -6.42 -8.07
N THR L 75 24.31 -6.16 -7.09
CA THR L 75 23.28 -7.15 -6.77
C THR L 75 21.85 -6.64 -6.80
N THR L 76 20.94 -7.57 -6.58
CA THR L 76 19.51 -7.35 -6.51
C THR L 76 18.96 -7.58 -5.11
N GLU L 77 19.84 -8.02 -4.21
CA GLU L 77 19.45 -8.26 -2.82
C GLU L 77 19.06 -6.87 -2.32
N LEU L 78 17.89 -6.72 -1.68
CA LEU L 78 17.53 -5.36 -1.26
C LEU L 78 17.99 -5.03 0.14
N ARG L 79 18.00 -6.03 1.01
CA ARG L 79 18.46 -5.90 2.38
C ARG L 79 19.50 -6.96 2.51
N THR L 80 20.74 -6.56 2.72
CA THR L 80 21.77 -7.56 2.70
C THR L 80 22.07 -8.24 4.01
N PHE L 81 21.92 -9.55 3.95
CA PHE L 81 22.18 -10.45 5.05
C PHE L 81 23.26 -11.45 4.68
N SER L 82 23.49 -11.64 3.38
CA SER L 82 24.40 -12.68 2.91
C SER L 82 25.89 -12.48 3.10
N ILE L 83 26.35 -11.29 3.43
CA ILE L 83 27.80 -11.10 3.42
C ILE L 83 28.56 -11.99 4.37
N LEU L 84 28.15 -12.10 5.61
CA LEU L 84 28.98 -12.87 6.52
C LEU L 84 28.93 -14.35 6.18
N ASN L 85 27.79 -14.83 5.73
CA ASN L 85 27.71 -16.24 5.41
C ASN L 85 28.49 -16.53 4.15
N ARG L 86 28.44 -15.60 3.20
CA ARG L 86 29.15 -15.81 1.97
C ARG L 86 30.63 -15.87 2.25
N LYS L 87 31.09 -15.05 3.17
CA LYS L 87 32.49 -15.06 3.51
C LYS L 87 32.86 -16.37 4.14
N ALA L 88 32.01 -16.92 5.00
CA ALA L 88 32.30 -18.21 5.60
C ALA L 88 32.39 -19.30 4.53
N ILE L 89 31.55 -19.21 3.51
CA ILE L 89 31.59 -20.21 2.46
C ILE L 89 32.89 -20.16 1.71
N ASP L 90 33.34 -18.97 1.35
CA ASP L 90 34.59 -18.87 0.63
C ASP L 90 35.75 -19.23 1.53
N PHE L 91 35.63 -18.96 2.81
CA PHE L 91 36.70 -19.34 3.72
C PHE L 91 36.90 -20.84 3.64
N LEU L 92 35.80 -21.58 3.72
CA LEU L 92 35.87 -23.03 3.63
C LEU L 92 36.35 -23.49 2.27
N LEU L 93 35.94 -22.81 1.20
CA LEU L 93 36.40 -23.20 -0.13
C LEU L 93 37.89 -22.92 -0.28
N GLN L 94 38.40 -21.90 0.38
CA GLN L 94 39.83 -21.65 0.26
C GLN L 94 40.61 -22.79 0.89
N ARG L 95 40.11 -23.31 2.01
CA ARG L 95 40.76 -24.44 2.67
C ARG L 95 40.58 -25.72 1.84
N TRP L 96 39.39 -25.85 1.25
CA TRP L 96 38.96 -26.95 0.40
C TRP L 96 38.19 -26.51 -0.82
N GLY L 97 38.90 -26.18 -1.87
CA GLY L 97 38.27 -25.70 -3.09
C GLY L 97 37.88 -26.85 -3.99
N GLY L 98 37.25 -27.85 -3.41
CA GLY L 98 36.91 -29.08 -4.10
C GLY L 98 38.04 -30.09 -4.04
N THR L 99 39.15 -29.70 -3.44
CA THR L 99 40.31 -30.60 -3.36
C THR L 99 41.24 -30.17 -2.24
N CYS L 100 42.04 -31.13 -1.72
CA CYS L 100 43.08 -30.94 -0.71
C CYS L 100 44.27 -31.84 -1.02
N HIS L 101 45.46 -31.31 -0.79
CA HIS L 101 46.68 -32.07 -0.97
C HIS L 101 47.28 -32.29 0.42
N ILE L 102 47.19 -33.52 0.92
CA ILE L 102 47.64 -33.82 2.28
C ILE L 102 49.13 -33.70 2.38
N LEU L 103 49.78 -34.01 1.28
CA LEU L 103 51.23 -33.94 1.24
C LEU L 103 51.71 -32.56 0.81
N GLY L 104 50.79 -31.63 0.56
CA GLY L 104 51.18 -30.33 0.05
C GLY L 104 51.40 -29.32 1.18
N PRO L 105 51.86 -28.10 0.83
CA PRO L 105 52.09 -26.96 1.71
C PRO L 105 50.90 -26.02 1.87
N ASP L 106 49.77 -26.32 1.22
CA ASP L 106 48.69 -25.34 1.15
C ASP L 106 47.24 -25.73 1.49
N CYS L 107 47.00 -26.64 2.48
CA CYS L 107 45.64 -27.07 2.91
C CYS L 107 45.41 -26.74 4.41
N CYS L 108 46.43 -26.20 5.09
CA CYS L 108 46.41 -25.87 6.52
C CYS L 108 46.17 -27.12 7.42
N ILE L 109 46.87 -28.23 7.09
CA ILE L 109 46.75 -29.44 7.89
C ILE L 109 48.02 -29.77 8.72
N GLU L 110 47.83 -29.96 10.04
CA GLU L 110 48.85 -30.28 11.05
C GLU L 110 49.04 -31.80 11.17
C1 NAG M . 8.11 6.08 -37.21
C2 NAG M . 9.10 5.88 -35.98
C3 NAG M . 8.92 7.11 -35.03
C4 NAG M . 9.25 8.44 -35.79
C5 NAG M . 8.35 8.55 -37.08
C6 NAG M . 8.77 9.70 -38.02
C7 NAG M . 9.78 3.61 -35.15
C8 NAG M . 9.46 2.32 -34.45
N2 NAG M . 8.83 4.58 -35.30
O3 NAG M . 9.81 6.97 -33.91
O4 NAG M . 8.78 9.52 -34.92
O5 NAG M . 8.48 7.31 -37.91
O6 NAG M . 9.86 9.41 -38.90
O7 NAG M . 10.93 3.76 -35.61
C1 NAG M . 9.73 10.62 -34.55
C2 NAG M . 8.87 11.96 -34.38
C3 NAG M . 9.86 13.11 -33.95
C4 NAG M . 10.60 12.71 -32.62
C5 NAG M . 11.40 11.37 -32.87
C6 NAG M . 12.08 10.85 -31.61
C7 NAG M . 6.98 11.96 -36.05
C8 NAG M . 6.41 12.39 -37.36
N2 NAG M . 8.23 12.35 -35.68
O3 NAG M . 9.11 14.32 -33.72
O4 NAG M . 11.51 13.75 -32.25
O5 NAG M . 10.46 10.31 -33.31
O6 NAG M . 11.15 10.50 -30.58
O7 NAG M . 6.30 11.25 -35.31
C1 NAG N . -25.04 -27.58 9.97
C2 NAG N . -23.71 -27.70 9.10
C3 NAG N . -23.95 -26.89 7.78
C4 NAG N . -25.18 -27.49 6.98
C5 NAG N . -26.44 -27.49 7.92
C6 NAG N . -27.64 -28.27 7.30
C7 NAG N . -21.45 -27.96 10.14
C8 NAG N . -20.29 -27.41 10.92
N2 NAG N . -22.54 -27.20 9.87
O3 NAG N . -22.77 -26.98 6.96
O4 NAG N . -25.48 -26.51 5.94
O5 NAG N . -26.14 -28.18 9.20
O6 NAG N . -27.59 -29.69 7.50
O7 NAG N . -21.38 -29.14 9.75
C1 NAG N . -25.56 -26.98 4.52
C2 NAG N . -26.65 -26.06 3.78
C3 NAG N . -26.71 -26.51 2.27
C4 NAG N . -25.29 -26.38 1.62
C5 NAG N . -24.28 -27.29 2.41
C6 NAG N . -22.84 -27.16 1.91
C7 NAG N . -28.50 -25.49 5.40
C8 NAG N . -29.87 -25.75 5.95
N2 NAG N . -28.01 -26.25 4.38
O3 NAG N . -27.64 -25.66 1.56
O4 NAG N . -25.36 -26.82 0.25
O5 NAG N . -24.27 -26.87 3.84
O6 NAG N . -22.31 -25.83 2.08
O7 NAG N . -27.84 -24.57 5.88
C1 NAG O . 6.05 -27.65 27.54
C2 NAG O . 5.05 -26.44 27.24
C3 NAG O . 4.55 -25.89 28.63
C4 NAG O . 3.82 -27.03 29.42
C5 NAG O . 4.83 -28.23 29.61
C6 NAG O . 4.20 -29.44 30.32
C7 NAG O . 5.39 -24.95 25.26
C8 NAG O . 6.18 -23.90 24.54
N2 NAG O . 5.78 -25.40 26.47
O3 NAG O . 3.70 -24.75 28.44
O4 NAG O . 3.42 -26.60 30.75
O5 NAG O . 5.34 -28.68 28.30
O6 NAG O . 5.16 -30.47 30.53
O7 NAG O . 4.36 -25.41 24.73
C1 NAG O . 2.19 -25.71 30.87
C2 NAG O . 1.17 -26.37 31.88
C3 NAG O . -0.07 -25.42 32.01
C4 NAG O . 0.39 -24.01 32.50
C5 NAG O . 1.43 -23.43 31.47
C6 NAG O . 2.02 -22.09 31.90
C7 NAG O . 1.04 -28.86 31.93
C8 NAG O . 0.57 -30.15 31.31
N2 NAG O . 0.74 -27.69 31.35
O3 NAG O . -0.99 -25.99 32.95
O4 NAG O . -0.75 -23.10 32.54
O5 NAG O . 2.57 -24.37 31.32
O6 NAG O . 2.50 -22.09 33.25
O7 NAG O . 1.70 -28.91 32.98
C1 BMA O . -1.05 -22.49 33.90
C2 BMA O . -1.87 -21.16 33.71
C3 BMA O . -2.11 -20.55 35.12
C4 BMA O . -2.88 -21.58 35.99
C5 BMA O . -2.04 -22.88 36.09
C6 BMA O . -2.74 -23.98 36.90
O2 BMA O . -3.10 -21.41 33.03
O3 BMA O . -2.87 -19.31 35.00
O4 BMA O . -3.10 -21.05 37.30
O5 BMA O . -1.78 -23.42 34.74
O6 BMA O . -4.04 -24.26 36.37
C1 MAN O . -2.33 -18.15 35.82
C2 MAN O . -3.45 -17.04 35.99
C3 MAN O . -3.72 -16.40 34.59
C4 MAN O . -2.39 -15.81 33.99
C5 MAN O . -1.32 -16.96 33.88
C6 MAN O . 0.04 -16.49 33.39
O2 MAN O . -3.04 -16.06 36.96
O3 MAN O . -4.71 -15.37 34.72
O4 MAN O . -2.65 -15.25 32.70
O5 MAN O . -1.11 -17.58 35.23
O6 MAN O . 0.62 -15.47 34.22
C1 MAN O . -4.75 -25.36 37.09
C2 MAN O . -4.53 -26.72 36.33
C3 MAN O . -5.25 -26.62 34.95
C4 MAN O . -6.77 -26.29 35.16
C5 MAN O . -6.90 -24.94 35.95
C6 MAN O . -8.35 -24.56 36.28
O2 MAN O . -5.01 -27.81 37.11
O3 MAN O . -5.11 -27.86 34.23
O4 MAN O . -7.42 -26.18 33.88
O5 MAN O . -6.17 -25.06 37.24
O6 MAN O . -8.43 -23.24 36.81
C1 NAG P . 13.11 -27.25 -25.39
C2 NAG P . 11.84 -26.29 -25.20
C3 NAG P . 10.62 -26.98 -25.89
C4 NAG P . 10.91 -27.21 -27.41
C5 NAG P . 12.20 -28.11 -27.54
C6 NAG P . 12.63 -28.34 -28.98
C7 NAG P . 11.62 -24.87 -23.17
C8 NAG P . 11.39 -24.73 -21.69
N2 NAG P . 11.62 -26.08 -23.74
O3 NAG P . 9.43 -26.19 -25.70
O4 NAG P . 9.83 -27.93 -28.08
O5 NAG P . 13.34 -27.47 -26.83
O6 NAG P . 13.76 -29.21 -29.06
O7 NAG P . 11.80 -23.83 -23.84
C1 NAG P . 8.56 -27.17 -28.42
C2 NAG P . 8.26 -27.34 -29.96
C3 NAG P . 6.95 -26.55 -30.28
C4 NAG P . 5.77 -27.10 -29.40
C5 NAG P . 6.16 -26.93 -27.89
C6 NAG P . 5.11 -27.54 -26.94
C7 NAG P . 10.21 -27.50 -31.51
C8 NAG P . 11.33 -26.84 -32.26
N2 NAG P . 9.39 -26.76 -30.74
O3 NAG P . 6.63 -26.73 -31.68
O4 NAG P . 4.56 -26.33 -29.64
O5 NAG P . 7.44 -27.63 -27.61
O6 NAG P . 4.74 -28.87 -27.28
O7 NAG P . 10.06 -28.73 -31.61
C1 BMA P . 3.37 -27.12 -30.15
C2 BMA P . 2.04 -26.34 -29.83
C3 BMA P . 0.84 -27.22 -30.32
C4 BMA P . 1.00 -27.47 -31.84
C5 BMA P . 2.35 -28.20 -32.10
C6 BMA P . 2.62 -28.45 -33.58
O2 BMA P . 2.04 -25.06 -30.46
O3 BMA P . -0.41 -26.53 -30.05
O4 BMA P . -0.07 -28.28 -32.32
O5 BMA P . 3.47 -27.38 -31.57
O6 BMA P . 2.55 -27.25 -34.33
C1 MAN P . -1.49 -27.39 -29.40
C2 MAN P . -2.90 -26.71 -29.58
C3 MAN P . -2.94 -25.42 -28.71
C4 MAN P . -2.63 -25.77 -27.21
C5 MAN P . -1.22 -26.46 -27.13
C6 MAN P . -0.85 -26.92 -25.72
O2 MAN P . -3.95 -27.63 -29.22
O3 MAN P . -4.22 -24.79 -28.83
O4 MAN P . -2.63 -24.56 -26.44
O5 MAN P . -1.20 -27.67 -28.00
O6 MAN P . -1.80 -27.83 -25.15
C1 MAN P . 2.85 -27.43 -35.78
C2 MAN P . 4.37 -27.11 -36.06
C3 MAN P . 4.59 -25.58 -35.80
C4 MAN P . 3.62 -24.74 -36.71
C5 MAN P . 2.14 -25.15 -36.40
C6 MAN P . 1.11 -24.44 -37.28
O2 MAN P . 4.73 -27.50 -37.39
O3 MAN P . 5.96 -25.24 -36.08
O4 MAN P . 3.81 -23.35 -36.45
O5 MAN P . 1.97 -26.62 -36.62
O6 MAN P . -0.22 -24.68 -36.84
C1 NAG Q . 14.19 23.72 26.89
C2 NAG Q . 14.22 22.13 26.84
C3 NAG Q . 12.74 21.63 26.96
C4 NAG Q . 12.12 22.11 28.32
C5 NAG Q . 12.23 23.68 28.42
C6 NAG Q . 11.84 24.22 29.82
C7 NAG Q . 15.98 20.88 25.56
C8 NAG Q . 16.60 20.42 24.27
N2 NAG Q . 14.87 21.67 25.57
O3 NAG Q . 12.74 20.19 26.93
O4 NAG Q . 10.69 21.83 28.21
O5 NAG Q . 13.64 24.12 28.19
O6 NAG Q . 12.90 24.17 30.78
O7 NAG Q . 16.50 20.49 26.63
C1 NAG Q . 10.01 21.04 29.30
C2 NAG Q . 8.51 21.58 29.42
C3 NAG Q . 7.79 20.72 30.52
C4 NAG Q . 7.84 19.20 30.14
C5 NAG Q . 9.35 18.76 30.01
C6 NAG Q . 9.51 17.31 29.54
C7 NAG Q . 8.47 24.06 28.99
C8 NAG Q . 8.45 25.47 29.50
N2 NAG Q . 8.49 23.01 29.85
O3 NAG Q . 6.41 21.13 30.62
O4 NAG Q . 7.20 18.42 31.15
O5 NAG Q . 10.03 19.61 29.00
O6 NAG Q . 8.98 17.09 28.22
O7 NAG Q . 8.46 23.87 27.77
C1 NAG R . 38.19 8.65 5.15
C2 NAG R . 36.82 9.40 4.80
C3 NAG R . 37.17 10.64 3.92
C4 NAG R . 38.14 11.61 4.72
C5 NAG R . 39.42 10.80 5.11
C6 NAG R . 40.41 11.60 5.96
C7 NAG R . 34.70 8.11 4.48
C8 NAG R . 33.87 7.13 3.69
N2 NAG R . 35.94 8.44 4.06
O3 NAG R . 35.98 11.32 3.50
O4 NAG R . 38.56 12.74 3.92
O5 NAG R . 39.05 9.58 5.88
O6 NAG R . 41.59 10.87 6.24
O7 NAG R . 34.23 8.59 5.52
C1 NAG R . 37.58 13.88 3.69
C2 NAG R . 38.26 15.23 4.14
C3 NAG R . 37.23 16.39 3.90
C4 NAG R . 36.84 16.43 2.37
C5 NAG R . 36.21 15.04 2.00
C6 NAG R . 35.88 14.93 0.51
C7 NAG R . 39.84 15.15 6.08
C8 NAG R . 40.06 15.07 7.56
N2 NAG R . 38.58 15.15 5.61
O3 NAG R . 37.86 17.64 4.27
O4 NAG R . 35.82 17.46 2.15
O5 NAG R . 37.17 13.95 2.30
O6 NAG R . 36.95 15.31 -0.35
O7 NAG R . 40.82 15.23 5.32
C1 BMA R . 36.21 18.54 1.16
C2 BMA R . 34.91 19.20 0.58
C3 BMA R . 35.35 20.27 -0.47
C4 BMA R . 36.27 21.31 0.23
C5 BMA R . 37.51 20.57 0.82
C6 BMA R . 38.44 21.51 1.56
O2 BMA R . 34.14 19.78 1.63
O3 BMA R . 34.18 20.93 -1.02
O4 BMA R . 36.70 22.29 -0.72
O5 BMA R . 37.06 19.53 1.76
O6 BMA R . 37.77 22.25 2.58
C1 MAN R . 34.17 21.06 -2.55
C2 MAN R . 33.13 22.15 -2.99
C3 MAN R . 31.69 21.61 -2.69
C4 MAN R . 31.46 20.24 -3.42
C5 MAN R . 32.55 19.22 -2.94
C6 MAN R . 32.47 17.86 -3.64
O2 MAN R . 33.31 22.46 -4.39
O3 MAN R . 30.72 22.60 -3.11
O4 MAN R . 30.15 19.77 -3.10
O5 MAN R . 33.90 19.77 -3.21
O6 MAN R . 32.58 17.97 -5.06
C1 MAN R . 38.66 23.14 3.37
C2 MAN R . 39.12 22.40 4.69
C3 MAN R . 37.85 22.20 5.59
C4 MAN R . 37.17 23.58 5.89
C5 MAN R . 36.78 24.26 4.53
C6 MAN R . 36.18 25.65 4.69
O2 MAN R . 40.15 23.15 5.35
O3 MAN R . 38.25 21.56 6.82
O4 MAN R . 36.01 23.37 6.70
O5 MAN R . 38.00 24.40 3.68
O6 MAN R . 35.65 26.14 3.46
C1 NAG S . -11.93 -9.48 36.23
C2 NAG S . -11.14 -8.30 35.47
C3 NAG S . -10.26 -7.54 36.53
C4 NAG S . -11.20 -6.96 37.66
C5 NAG S . -12.01 -8.14 38.32
C6 NAG S . -13.01 -7.67 39.38
C7 NAG S . -10.19 -8.31 33.17
C8 NAG S . -9.41 -9.01 32.09
N2 NAG S . -10.36 -8.92 34.36
O3 NAG S . -9.55 -6.46 35.90
O4 NAG S . -10.40 -6.31 38.64
O5 NAG S . -12.78 -8.89 37.28
O6 NAG S . -13.97 -6.75 38.86
O7 NAG S . -10.64 -7.18 32.94
C1 NAG T . -12.53 -20.82 -30.89
C2 NAG T . -12.85 -20.64 -29.33
C3 NAG T . -13.57 -21.95 -28.83
C4 NAG T . -14.89 -22.16 -29.65
C5 NAG T . -14.54 -22.26 -31.18
C6 NAG T . -15.77 -22.37 -32.08
C7 NAG T . -11.48 -19.51 -27.59
C8 NAG T . -10.14 -19.24 -26.96
N2 NAG T . -11.56 -20.35 -28.64
O3 NAG T . -13.89 -21.83 -27.42
O4 NAG T . -15.52 -23.37 -29.22
O5 NAG T . -13.79 -21.03 -31.61
O6 NAG T . -16.69 -21.29 -31.94
O7 NAG T . -12.48 -18.94 -27.12
C1 NAG U . 25.05 29.81 -5.27
C2 NAG U . 24.13 28.85 -6.12
C3 NAG U . 24.68 28.80 -7.60
C4 NAG U . 24.67 30.27 -8.19
C5 NAG U . 25.55 31.21 -7.27
C6 NAG U . 25.53 32.68 -7.71
C7 NAG U . 23.00 26.73 -5.41
C8 NAG U . 23.06 25.43 -4.68
N2 NAG U . 24.10 27.52 -5.45
O3 NAG U . 23.86 27.96 -8.42
O4 NAG U . 25.21 30.25 -9.51
O5 NAG U . 25.04 31.17 -5.86
O6 NAG U . 24.22 33.24 -7.75
O7 NAG U . 21.94 27.07 -5.98
#